data_7K75
#
_entry.id   7K75
#
_cell.length_a   73.136
_cell.length_b   153.680
_cell.length_c   193.091
_cell.angle_alpha   90.00
_cell.angle_beta   90.00
_cell.angle_gamma   90.00
#
_symmetry.space_group_name_H-M   'P 21 21 21'
#
loop_
_entity.id
_entity.type
_entity.pdbx_description
1 polymer 'Heavy chain of MAD2-6 IgA Fab'
2 polymer 'Light chain of MAD2-6 IgA Fab'
3 polymer 'PfCSP N-terminal peptide P17'
4 water water
#
loop_
_entity_poly.entity_id
_entity_poly.type
_entity_poly.pdbx_seq_one_letter_code
_entity_poly.pdbx_strand_id
1 'polypeptide(L)'
;QLQLQESGPGLVKPSETLSLTCSVSGESISNSAYYWAWIRQPPGKALEWIATVYYTGRTYHNPSLKSRVAISMDTSKNQF
SLKLRSVTAADTAVYYCARTGIVVTTPDWFDPWGPGALVTVSAASPTSPKVFPLSLCSTQPDGNVVIACLVQGFFPQEPL
SVTWSESGQGVTARNFPPSQDASGDLYTTSSQLTLPATQCLAGKSVTCHVKHYTNPSQDVTVPCP
;
A,C,I,M
2 'polypeptide(L)'
;DIQMTQSPSSLSASVGDRVTITCQASQDIRNYLNWYQQRPGKAPKLLIFDASNLETGVPSRFSGSGSGTHFTFTISSLQP
EDIATYYCQQYGELITFGGGTNVQMKRTVAAPSVFIFPPSDEQLKSGTASVVCLLNNFYPREAKVQWKVDNALQSGNSQE
SVTEQDSKDSTYSLSSTLTLSKADYEKHKVYACEVTHQGLSSPVTKSFNRGEC
;
B,D,J,N
3 'polypeptide(L)' KPKHKKLK E,F
#
# COMPACT_ATOMS: atom_id res chain seq x y z
N GLN A 1 -10.89 -28.56 -29.39
CA GLN A 1 -10.20 -29.00 -28.19
C GLN A 1 -10.83 -30.28 -27.64
N LEU A 2 -10.06 -31.03 -26.86
CA LEU A 2 -10.55 -32.26 -26.26
C LEU A 2 -11.46 -31.93 -25.08
N GLN A 3 -12.68 -32.43 -25.11
CA GLN A 3 -13.67 -32.18 -24.06
C GLN A 3 -14.34 -33.47 -23.65
N LEU A 4 -14.61 -33.60 -22.36
CA LEU A 4 -15.30 -34.75 -21.80
C LEU A 4 -16.56 -34.25 -21.09
N GLN A 5 -17.65 -35.00 -21.21
CA GLN A 5 -18.93 -34.58 -20.64
C GLN A 5 -19.62 -35.79 -20.03
N GLU A 6 -19.79 -35.77 -18.71
CA GLU A 6 -20.55 -36.82 -18.04
C GLU A 6 -22.04 -36.62 -18.25
N SER A 7 -22.74 -37.74 -18.42
CA SER A 7 -24.19 -37.76 -18.42
C SER A 7 -24.66 -38.87 -17.50
N GLY A 8 -25.78 -38.63 -16.84
CA GLY A 8 -26.34 -39.59 -15.92
C GLY A 8 -27.50 -39.01 -15.14
N PRO A 9 -28.13 -39.82 -14.31
CA PRO A 9 -29.25 -39.32 -13.51
C PRO A 9 -28.73 -38.51 -12.33
N GLY A 10 -29.57 -37.57 -11.89
CA GLY A 10 -29.29 -36.88 -10.65
C GLY A 10 -29.49 -37.75 -9.43
N LEU A 11 -30.49 -38.63 -9.46
CA LEU A 11 -30.83 -39.47 -8.32
C LEU A 11 -30.91 -40.93 -8.76
N VAL A 12 -30.49 -41.81 -7.88
CA VAL A 12 -30.65 -43.25 -8.06
C VAL A 12 -31.07 -43.84 -6.73
N LYS A 13 -32.15 -44.61 -6.72
CA LYS A 13 -32.68 -45.15 -5.48
C LYS A 13 -31.69 -46.14 -4.88
N PRO A 14 -31.63 -46.23 -3.55
CA PRO A 14 -30.71 -47.17 -2.90
C PRO A 14 -30.90 -48.59 -3.41
N SER A 15 -29.78 -49.31 -3.55
CA SER A 15 -29.64 -50.68 -4.03
C SER A 15 -29.77 -50.79 -5.54
N GLU A 16 -30.22 -49.76 -6.25
CA GLU A 16 -30.27 -49.79 -7.70
C GLU A 16 -28.86 -49.57 -8.26
N THR A 17 -28.75 -49.58 -9.59
CA THR A 17 -27.47 -49.44 -10.26
C THR A 17 -27.36 -48.06 -10.88
N LEU A 18 -26.24 -47.38 -10.61
CA LEU A 18 -25.96 -46.09 -11.21
C LEU A 18 -25.32 -46.28 -12.57
N SER A 19 -25.80 -45.53 -13.57
CA SER A 19 -25.26 -45.59 -14.92
C SER A 19 -24.83 -44.18 -15.33
N LEU A 20 -23.58 -44.07 -15.76
CA LEU A 20 -23.02 -42.80 -16.23
C LEU A 20 -22.39 -43.02 -17.60
N THR A 21 -22.53 -42.02 -18.46
CA THR A 21 -21.91 -42.03 -19.78
C THR A 21 -21.06 -40.78 -19.93
N CYS A 22 -19.83 -40.97 -20.40
CA CYS A 22 -18.94 -39.86 -20.72
C CYS A 22 -18.88 -39.72 -22.24
N SER A 23 -19.25 -38.55 -22.74
CA SER A 23 -19.15 -38.23 -24.16
C SER A 23 -17.84 -37.50 -24.40
N VAL A 24 -16.98 -38.08 -25.24
CA VAL A 24 -15.66 -37.52 -25.52
C VAL A 24 -15.70 -36.86 -26.89
N SER A 25 -15.15 -35.65 -26.98
CA SER A 25 -15.09 -34.89 -28.22
C SER A 25 -13.68 -34.37 -28.43
N GLY A 26 -13.20 -34.47 -29.66
CA GLY A 26 -11.88 -33.99 -30.01
C GLY A 26 -10.77 -35.01 -29.94
N GLU A 27 -11.07 -36.23 -29.53
CA GLU A 27 -10.09 -37.31 -29.48
C GLU A 27 -10.84 -38.64 -29.58
N SER A 28 -10.22 -39.60 -30.26
CA SER A 28 -10.82 -40.92 -30.44
C SER A 28 -10.42 -41.82 -29.28
N ILE A 29 -11.41 -42.34 -28.56
CA ILE A 29 -11.12 -43.26 -27.46
C ILE A 29 -10.65 -44.63 -27.93
N SER A 30 -10.77 -44.92 -29.23
CA SER A 30 -10.18 -46.12 -29.79
C SER A 30 -8.68 -45.98 -30.04
N ASN A 31 -8.15 -44.77 -29.92
CA ASN A 31 -6.72 -44.55 -30.09
C ASN A 31 -5.93 -45.30 -29.03
N SER A 32 -4.86 -45.97 -29.45
CA SER A 32 -4.01 -46.73 -28.54
C SER A 32 -3.23 -45.83 -27.58
N ALA A 33 -3.23 -44.52 -27.79
CA ALA A 33 -2.39 -43.63 -27.00
C ALA A 33 -2.92 -43.36 -25.61
N TYR A 34 -4.23 -43.52 -25.38
CA TYR A 34 -4.82 -43.06 -24.13
C TYR A 34 -5.77 -44.09 -23.55
N TYR A 35 -5.91 -44.03 -22.23
CA TYR A 35 -6.91 -44.77 -21.47
C TYR A 35 -8.00 -43.82 -21.02
N TRP A 36 -9.07 -44.38 -20.46
CA TRP A 36 -10.26 -43.61 -20.13
C TRP A 36 -10.83 -44.08 -18.81
N ALA A 37 -10.88 -43.19 -17.82
CA ALA A 37 -11.13 -43.56 -16.45
C ALA A 37 -12.33 -42.81 -15.88
N TRP A 38 -12.84 -43.35 -14.77
CA TRP A 38 -13.87 -42.71 -13.96
C TRP A 38 -13.32 -42.47 -12.57
N ILE A 39 -13.51 -41.25 -12.08
CA ILE A 39 -13.13 -40.86 -10.73
C ILE A 39 -14.37 -40.27 -10.07
N ARG A 40 -14.50 -40.49 -8.76
CA ARG A 40 -15.62 -39.94 -8.02
C ARG A 40 -15.13 -39.25 -6.75
N GLN A 41 -16.01 -38.44 -6.18
CA GLN A 41 -15.65 -37.66 -5.00
C GLN A 41 -16.90 -37.36 -4.17
N PRO A 42 -17.07 -38.00 -3.02
CA PRO A 42 -18.19 -37.66 -2.16
C PRO A 42 -18.06 -36.24 -1.68
N PRO A 43 -19.18 -35.54 -1.47
CA PRO A 43 -19.11 -34.15 -1.01
C PRO A 43 -18.30 -34.03 0.28
N GLY A 44 -17.22 -33.25 0.22
CA GLY A 44 -16.37 -33.03 1.36
C GLY A 44 -15.30 -34.07 1.59
N LYS A 45 -15.19 -35.07 0.71
CA LYS A 45 -14.24 -36.16 0.89
C LYS A 45 -13.24 -36.17 -0.26
N ALA A 46 -12.29 -37.10 -0.20
CA ALA A 46 -11.19 -37.14 -1.14
C ALA A 46 -11.63 -37.75 -2.48
N LEU A 47 -10.82 -37.49 -3.49
CA LEU A 47 -11.02 -38.14 -4.78
C LEU A 47 -10.84 -39.65 -4.65
N GLU A 48 -11.56 -40.39 -5.47
CA GLU A 48 -11.41 -41.83 -5.53
C GLU A 48 -11.55 -42.28 -6.98
N TRP A 49 -10.45 -42.78 -7.54
CA TRP A 49 -10.53 -43.41 -8.85
C TRP A 49 -11.35 -44.69 -8.76
N ILE A 50 -12.17 -44.93 -9.79
CA ILE A 50 -13.06 -46.08 -9.84
C ILE A 50 -12.53 -47.16 -10.77
N ALA A 51 -12.40 -46.83 -12.06
CA ALA A 51 -12.01 -47.83 -13.05
C ALA A 51 -11.46 -47.12 -14.28
N THR A 52 -10.78 -47.89 -15.13
CA THR A 52 -10.23 -47.39 -16.38
C THR A 52 -10.48 -48.41 -17.46
N VAL A 53 -10.78 -47.93 -18.68
CA VAL A 53 -11.03 -48.80 -19.82
C VAL A 53 -10.07 -48.42 -20.95
N TYR A 54 -9.71 -49.42 -21.74
CA TYR A 54 -8.76 -49.28 -22.84
C TYR A 54 -9.36 -49.88 -24.10
N TYR A 55 -8.94 -49.36 -25.26
CA TYR A 55 -9.56 -49.76 -26.52
C TYR A 55 -9.49 -51.27 -26.74
N THR A 56 -8.43 -51.93 -26.27
CA THR A 56 -8.34 -53.38 -26.38
C THR A 56 -9.34 -54.11 -25.48
N GLY A 57 -10.12 -53.39 -24.67
CA GLY A 57 -11.01 -54.00 -23.72
C GLY A 57 -10.41 -54.21 -22.35
N ARG A 58 -9.11 -53.97 -22.17
N ARG A 58 -9.11 -53.97 -22.17
CA ARG A 58 -8.50 -54.10 -20.86
CA ARG A 58 -8.50 -54.10 -20.86
C ARG A 58 -9.11 -53.11 -19.88
C ARG A 58 -9.13 -53.11 -19.88
N THR A 59 -9.39 -53.59 -18.66
CA THR A 59 -10.01 -52.79 -17.62
C THR A 59 -9.18 -52.85 -16.36
N TYR A 60 -9.03 -51.70 -15.71
CA TYR A 60 -8.49 -51.59 -14.36
C TYR A 60 -9.62 -51.20 -13.42
N HIS A 61 -9.53 -51.63 -12.17
CA HIS A 61 -10.57 -51.35 -11.20
C HIS A 61 -9.97 -51.06 -9.84
N ASN A 62 -10.54 -50.06 -9.16
CA ASN A 62 -10.30 -49.89 -7.74
C ASN A 62 -10.63 -51.19 -7.02
N PRO A 63 -9.73 -51.74 -6.22
CA PRO A 63 -10.02 -53.03 -5.56
C PRO A 63 -11.23 -53.00 -4.65
N SER A 64 -11.52 -51.85 -4.04
CA SER A 64 -12.66 -51.73 -3.14
C SER A 64 -13.99 -51.58 -3.86
N LEU A 65 -13.98 -51.52 -5.19
CA LEU A 65 -15.22 -51.34 -5.94
C LEU A 65 -15.35 -52.29 -7.13
N LYS A 66 -14.34 -53.14 -7.40
CA LYS A 66 -14.38 -53.99 -8.59
C LYS A 66 -15.65 -54.83 -8.66
N SER A 67 -16.11 -55.34 -7.52
CA SER A 67 -17.26 -56.23 -7.52
C SER A 67 -18.52 -55.53 -8.00
N ARG A 68 -18.66 -54.24 -7.71
CA ARG A 68 -19.89 -53.51 -8.04
C ARG A 68 -19.78 -52.66 -9.30
N VAL A 69 -18.63 -52.66 -9.97
CA VAL A 69 -18.35 -51.71 -11.04
C VAL A 69 -18.23 -52.45 -12.36
N ALA A 70 -18.83 -51.87 -13.41
CA ALA A 70 -18.64 -52.31 -14.78
C ALA A 70 -18.32 -51.07 -15.61
N ILE A 71 -17.13 -51.05 -16.21
CA ILE A 71 -16.73 -49.99 -17.12
C ILE A 71 -16.61 -50.58 -18.53
N SER A 72 -17.08 -49.83 -19.51
CA SER A 72 -17.05 -50.28 -20.90
C SER A 72 -16.85 -49.07 -21.80
N MET A 73 -16.83 -49.33 -23.11
CA MET A 73 -16.43 -48.33 -24.08
C MET A 73 -17.19 -48.56 -25.39
N ASP A 74 -17.74 -47.49 -25.95
CA ASP A 74 -18.47 -47.54 -27.22
C ASP A 74 -17.65 -46.74 -28.25
N THR A 75 -16.88 -47.45 -29.06
CA THR A 75 -16.02 -46.79 -30.04
C THR A 75 -16.81 -46.11 -31.14
N SER A 76 -18.01 -46.62 -31.46
CA SER A 76 -18.81 -46.00 -32.51
C SER A 76 -19.39 -44.67 -32.05
N LYS A 77 -19.95 -44.63 -30.84
CA LYS A 77 -20.45 -43.39 -30.26
C LYS A 77 -19.35 -42.51 -29.71
N ASN A 78 -18.12 -43.04 -29.61
CA ASN A 78 -17.02 -42.37 -28.92
C ASN A 78 -17.43 -41.96 -27.50
N GLN A 79 -17.97 -42.93 -26.77
CA GLN A 79 -18.33 -42.77 -25.37
C GLN A 79 -17.79 -43.94 -24.57
N PHE A 80 -17.59 -43.72 -23.28
CA PHE A 80 -17.36 -44.82 -22.35
C PHE A 80 -18.24 -44.61 -21.13
N SER A 81 -18.55 -45.71 -20.45
CA SER A 81 -19.62 -45.72 -19.47
C SER A 81 -19.16 -46.37 -18.17
N LEU A 82 -19.88 -46.04 -17.10
CA LEU A 82 -19.65 -46.61 -15.79
C LEU A 82 -20.96 -47.14 -15.24
N LYS A 83 -20.92 -48.32 -14.64
CA LYS A 83 -22.07 -48.90 -13.95
C LYS A 83 -21.63 -49.26 -12.54
N LEU A 84 -22.27 -48.66 -11.56
CA LEU A 84 -22.02 -48.96 -10.15
C LEU A 84 -23.26 -49.60 -9.56
N ARG A 85 -23.10 -50.80 -9.00
CA ARG A 85 -24.21 -51.55 -8.42
C ARG A 85 -24.28 -51.34 -6.91
N SER A 86 -25.45 -51.65 -6.36
CA SER A 86 -25.65 -51.68 -4.91
C SER A 86 -25.40 -50.32 -4.27
N VAL A 87 -25.79 -49.24 -4.97
CA VAL A 87 -25.45 -47.91 -4.50
C VAL A 87 -26.16 -47.63 -3.17
N THR A 88 -25.42 -47.10 -2.21
CA THR A 88 -25.94 -46.60 -0.96
C THR A 88 -25.59 -45.12 -0.84
N ALA A 89 -25.97 -44.51 0.29
CA ALA A 89 -25.65 -43.11 0.53
C ALA A 89 -24.15 -42.84 0.46
N ALA A 90 -23.32 -43.85 0.72
CA ALA A 90 -21.88 -43.72 0.58
C ALA A 90 -21.44 -43.49 -0.86
N ASP A 91 -22.31 -43.73 -1.83
CA ASP A 91 -21.99 -43.52 -3.23
C ASP A 91 -22.47 -42.18 -3.76
N THR A 92 -23.16 -41.39 -2.94
CA THR A 92 -23.43 -40.00 -3.29
C THR A 92 -22.12 -39.27 -3.48
N ALA A 93 -21.88 -38.79 -4.69
CA ALA A 93 -20.59 -38.22 -5.04
C ALA A 93 -20.73 -37.47 -6.35
N VAL A 94 -19.74 -36.63 -6.62
CA VAL A 94 -19.54 -36.10 -7.96
C VAL A 94 -18.72 -37.11 -8.73
N TYR A 95 -19.18 -37.47 -9.92
CA TYR A 95 -18.52 -38.47 -10.74
C TYR A 95 -17.87 -37.78 -11.93
N TYR A 96 -16.56 -37.97 -12.07
CA TYR A 96 -15.79 -37.41 -13.16
C TYR A 96 -15.34 -38.51 -14.11
N CYS A 97 -15.34 -38.19 -15.41
CA CYS A 97 -14.58 -38.97 -16.36
C CYS A 97 -13.34 -38.18 -16.75
N ALA A 98 -12.27 -38.91 -17.08
CA ALA A 98 -11.00 -38.26 -17.39
C ALA A 98 -10.19 -39.16 -18.32
N ARG A 99 -9.30 -38.53 -19.08
CA ARG A 99 -8.34 -39.23 -19.90
C ARG A 99 -7.08 -39.49 -19.08
N THR A 100 -6.50 -40.68 -19.23
CA THR A 100 -5.24 -41.00 -18.59
C THR A 100 -4.36 -41.74 -19.60
N GLY A 101 -3.18 -42.13 -19.15
CA GLY A 101 -2.19 -42.68 -20.06
C GLY A 101 -1.60 -41.59 -20.92
N ILE A 102 -1.08 -40.56 -20.27
CA ILE A 102 -0.63 -39.36 -20.99
C ILE A 102 0.79 -39.51 -21.50
N VAL A 103 1.66 -40.14 -20.70
CA VAL A 103 3.10 -40.17 -20.99
C VAL A 103 3.57 -41.62 -21.08
N VAL A 104 3.00 -42.50 -20.27
CA VAL A 104 3.37 -43.90 -20.27
C VAL A 104 2.25 -44.71 -20.92
N THR A 105 2.59 -45.95 -21.29
CA THR A 105 1.66 -46.84 -21.99
C THR A 105 0.57 -47.40 -21.07
N THR A 106 0.51 -46.96 -19.82
CA THR A 106 -0.49 -47.37 -18.85
C THR A 106 -1.01 -46.13 -18.14
N PRO A 107 -2.12 -46.20 -17.41
CA PRO A 107 -2.64 -45.00 -16.74
C PRO A 107 -1.60 -44.36 -15.82
N ASP A 108 -1.44 -43.04 -15.96
CA ASP A 108 -0.51 -42.28 -15.12
C ASP A 108 -1.25 -41.20 -14.33
N TRP A 109 -1.68 -40.12 -14.96
CA TRP A 109 -2.49 -39.10 -14.31
C TRP A 109 -3.68 -38.77 -15.20
N PHE A 110 -4.56 -37.93 -14.68
CA PHE A 110 -5.83 -37.62 -15.31
C PHE A 110 -5.81 -36.22 -15.88
N ASP A 111 -5.91 -36.10 -17.20
CA ASP A 111 -5.99 -34.83 -17.90
C ASP A 111 -6.43 -35.06 -19.34
N PRO A 112 -7.52 -34.43 -19.78
CA PRO A 112 -8.34 -33.54 -18.96
C PRO A 112 -9.47 -34.26 -18.27
N TRP A 113 -10.23 -33.54 -17.46
CA TRP A 113 -11.39 -34.09 -16.76
C TRP A 113 -12.68 -33.62 -17.42
N GLY A 114 -13.76 -34.29 -17.07
CA GLY A 114 -15.07 -33.77 -17.34
C GLY A 114 -15.50 -32.80 -16.25
N PRO A 115 -16.61 -32.09 -16.50
CA PRO A 115 -17.10 -31.15 -15.49
C PRO A 115 -17.51 -31.83 -14.20
N GLY A 116 -17.87 -33.11 -14.26
CA GLY A 116 -18.34 -33.82 -13.08
C GLY A 116 -19.85 -33.76 -12.97
N ALA A 117 -20.47 -34.92 -12.72
CA ALA A 117 -21.91 -35.01 -12.52
C ALA A 117 -22.18 -35.47 -11.09
N LEU A 118 -22.98 -34.70 -10.38
CA LEU A 118 -23.43 -35.14 -9.06
C LEU A 118 -24.44 -36.27 -9.21
N VAL A 119 -24.28 -37.30 -8.38
CA VAL A 119 -25.25 -38.38 -8.27
C VAL A 119 -25.62 -38.52 -6.81
N THR A 120 -26.92 -38.43 -6.52
CA THR A 120 -27.42 -38.53 -5.16
C THR A 120 -28.19 -39.83 -5.01
N VAL A 121 -27.72 -40.69 -4.12
CA VAL A 121 -28.40 -41.94 -3.81
C VAL A 121 -29.45 -41.63 -2.74
N SER A 122 -30.72 -41.61 -3.14
CA SER A 122 -31.81 -41.28 -2.24
C SER A 122 -33.09 -41.91 -2.77
N ALA A 123 -33.92 -42.39 -1.84
CA ALA A 123 -35.26 -42.83 -2.21
C ALA A 123 -36.17 -41.65 -2.53
N ALA A 124 -35.79 -40.44 -2.13
CA ALA A 124 -36.61 -39.27 -2.32
C ALA A 124 -36.58 -38.80 -3.77
N SER A 125 -37.66 -38.16 -4.19
CA SER A 125 -37.81 -37.55 -5.49
C SER A 125 -37.46 -36.08 -5.44
N PRO A 126 -37.12 -35.47 -6.57
CA PRO A 126 -36.75 -34.04 -6.57
C PRO A 126 -37.84 -33.17 -5.98
N THR A 127 -37.41 -32.18 -5.21
CA THR A 127 -38.29 -31.15 -4.66
C THR A 127 -37.83 -29.81 -5.19
N SER A 128 -38.72 -29.10 -5.87
CA SER A 128 -38.34 -27.81 -6.42
C SER A 128 -38.31 -26.76 -5.32
N PRO A 129 -37.43 -25.78 -5.42
CA PRO A 129 -37.37 -24.73 -4.40
C PRO A 129 -38.50 -23.73 -4.56
N LYS A 130 -38.95 -23.20 -3.43
CA LYS A 130 -39.88 -22.08 -3.38
C LYS A 130 -39.06 -20.80 -3.20
N VAL A 131 -38.99 -20.00 -4.25
CA VAL A 131 -38.13 -18.81 -4.26
C VAL A 131 -38.97 -17.61 -3.84
N PHE A 132 -38.45 -16.82 -2.90
CA PHE A 132 -39.16 -15.68 -2.36
C PHE A 132 -38.29 -14.43 -2.45
N PRO A 133 -38.85 -13.30 -2.88
CA PRO A 133 -38.09 -12.05 -2.87
C PRO A 133 -37.91 -11.53 -1.45
N LEU A 134 -36.68 -11.11 -1.16
CA LEU A 134 -36.33 -10.58 0.15
C LEU A 134 -36.00 -9.09 0.04
N SER A 135 -36.50 -8.31 0.98
CA SER A 135 -36.26 -6.88 1.03
C SER A 135 -35.55 -6.54 2.33
N LEU A 136 -34.48 -5.75 2.23
CA LEU A 136 -33.72 -5.37 3.41
C LEU A 136 -34.57 -4.55 4.36
N CYS A 137 -34.66 -5.00 5.61
CA CYS A 137 -35.23 -4.19 6.68
C CYS A 137 -34.16 -3.50 7.50
N SER A 138 -32.89 -3.78 7.22
CA SER A 138 -31.77 -3.06 7.82
C SER A 138 -31.62 -1.71 7.13
N THR A 139 -30.55 -0.99 7.47
CA THR A 139 -30.20 0.24 6.77
C THR A 139 -29.50 -0.11 5.47
N GLN A 140 -29.92 0.53 4.38
CA GLN A 140 -29.27 0.28 3.09
C GLN A 140 -27.84 0.78 3.14
N PRO A 141 -26.88 0.03 2.56
CA PRO A 141 -25.46 0.37 2.75
C PRO A 141 -24.89 1.28 1.68
N ASP A 142 -24.41 2.45 2.11
CA ASP A 142 -23.51 3.32 1.36
C ASP A 142 -23.79 3.40 -0.13
N GLY A 143 -24.88 4.05 -0.52
CA GLY A 143 -25.19 4.28 -1.92
C GLY A 143 -25.61 3.07 -2.71
N ASN A 144 -25.55 1.87 -2.15
CA ASN A 144 -26.01 0.67 -2.83
C ASN A 144 -27.38 0.25 -2.29
N VAL A 145 -27.98 -0.71 -2.99
CA VAL A 145 -29.21 -1.36 -2.56
C VAL A 145 -28.90 -2.85 -2.42
N VAL A 146 -29.33 -3.44 -1.30
CA VAL A 146 -29.14 -4.87 -1.05
C VAL A 146 -30.50 -5.54 -1.11
N ILE A 147 -30.68 -6.42 -2.09
CA ILE A 147 -31.85 -7.28 -2.19
C ILE A 147 -31.36 -8.73 -2.13
N ALA A 148 -32.31 -9.64 -1.92
CA ALA A 148 -31.94 -11.04 -1.80
C ALA A 148 -33.08 -11.92 -2.29
N CYS A 149 -32.75 -13.18 -2.56
CA CYS A 149 -33.69 -14.22 -2.91
C CYS A 149 -33.55 -15.37 -1.92
N LEU A 150 -34.67 -15.76 -1.31
CA LEU A 150 -34.68 -16.94 -0.46
C LEU A 150 -35.01 -18.16 -1.31
N VAL A 151 -34.15 -19.17 -1.27
CA VAL A 151 -34.34 -20.40 -2.02
C VAL A 151 -34.57 -21.53 -1.03
N GLN A 152 -35.83 -21.82 -0.74
CA GLN A 152 -36.22 -22.63 0.41
C GLN A 152 -36.69 -24.01 -0.02
N GLY A 153 -36.25 -25.03 0.71
CA GLY A 153 -36.75 -26.38 0.57
C GLY A 153 -36.61 -26.99 -0.81
N PHE A 154 -35.39 -27.32 -1.22
CA PHE A 154 -35.16 -28.00 -2.48
C PHE A 154 -34.31 -29.24 -2.24
N PHE A 155 -34.36 -30.15 -3.21
CA PHE A 155 -33.60 -31.40 -3.15
C PHE A 155 -33.44 -31.97 -4.56
N PRO A 156 -32.22 -32.42 -4.94
CA PRO A 156 -31.00 -32.42 -4.14
C PRO A 156 -30.43 -31.02 -3.96
N GLN A 157 -29.45 -30.87 -3.07
CA GLN A 157 -28.86 -29.56 -2.80
C GLN A 157 -28.19 -28.99 -4.05
N GLU A 158 -27.69 -29.85 -4.93
CA GLU A 158 -27.02 -29.47 -6.16
C GLU A 158 -27.59 -30.27 -7.31
N PRO A 159 -27.53 -29.73 -8.54
CA PRO A 159 -26.99 -28.41 -8.88
C PRO A 159 -27.99 -27.27 -8.69
N LEU A 160 -27.62 -26.31 -7.86
CA LEU A 160 -28.40 -25.09 -7.67
C LEU A 160 -27.57 -23.90 -8.09
N SER A 161 -28.09 -23.11 -9.02
CA SER A 161 -27.42 -21.94 -9.55
C SER A 161 -28.37 -20.76 -9.51
N VAL A 162 -27.92 -19.64 -8.93
CA VAL A 162 -28.71 -18.41 -8.91
C VAL A 162 -27.93 -17.32 -9.63
N THR A 163 -28.57 -16.71 -10.62
CA THR A 163 -28.06 -15.54 -11.30
C THR A 163 -29.09 -14.43 -11.20
N TRP A 164 -28.66 -13.21 -11.54
CA TRP A 164 -29.52 -12.04 -11.45
C TRP A 164 -29.55 -11.32 -12.79
N SER A 165 -30.63 -10.59 -13.04
CA SER A 165 -30.77 -9.86 -14.30
C SER A 165 -29.75 -8.73 -14.39
N GLU A 166 -29.30 -8.18 -13.26
CA GLU A 166 -28.33 -7.12 -13.23
C GLU A 166 -26.94 -7.68 -12.94
N SER A 167 -25.93 -7.17 -13.63
CA SER A 167 -24.56 -7.61 -13.43
C SER A 167 -23.62 -6.54 -13.96
N GLY A 168 -22.32 -6.74 -13.71
CA GLY A 168 -21.30 -5.85 -14.23
C GLY A 168 -20.71 -4.91 -13.21
N GLN A 169 -20.39 -3.69 -13.64
CA GLN A 169 -19.77 -2.70 -12.76
C GLN A 169 -20.76 -2.27 -11.68
N GLY A 170 -20.26 -2.20 -10.44
CA GLY A 170 -21.08 -1.83 -9.31
C GLY A 170 -22.00 -2.91 -8.79
N VAL A 171 -22.03 -4.08 -9.44
CA VAL A 171 -22.93 -5.16 -9.06
C VAL A 171 -22.10 -6.33 -8.54
N THR A 172 -22.50 -6.88 -7.40
CA THR A 172 -21.84 -8.04 -6.82
C THR A 172 -22.90 -9.00 -6.33
N ALA A 173 -22.91 -10.20 -6.88
CA ALA A 173 -23.80 -11.26 -6.43
C ALA A 173 -23.07 -12.16 -5.44
N ARG A 174 -23.75 -12.52 -4.35
CA ARG A 174 -23.21 -13.41 -3.34
C ARG A 174 -24.14 -14.62 -3.22
N ASN A 175 -23.58 -15.80 -3.39
CA ASN A 175 -24.31 -17.05 -3.23
C ASN A 175 -23.72 -17.83 -2.08
N PHE A 176 -24.55 -18.69 -1.48
CA PHE A 176 -24.15 -19.45 -0.31
C PHE A 176 -24.42 -20.93 -0.55
N PRO A 177 -23.59 -21.80 0.00
CA PRO A 177 -23.82 -23.24 -0.14
C PRO A 177 -25.18 -23.63 0.40
N PRO A 178 -25.92 -24.48 -0.30
CA PRO A 178 -27.19 -24.97 0.24
C PRO A 178 -27.00 -25.54 1.64
N SER A 179 -27.98 -25.26 2.51
CA SER A 179 -27.95 -25.66 3.90
C SER A 179 -29.11 -26.59 4.16
N GLN A 180 -28.85 -27.71 4.83
CA GLN A 180 -29.91 -28.64 5.17
C GLN A 180 -30.84 -28.00 6.20
N ASP A 181 -32.14 -28.07 5.90
CA ASP A 181 -33.12 -27.46 6.80
C ASP A 181 -33.20 -28.23 8.11
N ALA A 182 -33.38 -27.50 9.21
CA ALA A 182 -33.72 -28.14 10.47
C ALA A 182 -35.09 -28.81 10.38
N SER A 183 -35.95 -28.31 9.49
CA SER A 183 -37.25 -28.93 9.26
C SER A 183 -37.10 -30.41 8.93
N GLY A 184 -36.26 -30.73 7.95
CA GLY A 184 -35.98 -32.11 7.62
C GLY A 184 -35.89 -32.43 6.14
N ASP A 185 -34.77 -33.03 5.75
CA ASP A 185 -34.56 -33.64 4.44
C ASP A 185 -34.35 -32.65 3.29
N LEU A 186 -34.92 -31.45 3.40
CA LEU A 186 -34.80 -30.46 2.34
C LEU A 186 -33.67 -29.48 2.63
N TYR A 187 -33.33 -28.69 1.62
CA TYR A 187 -32.21 -27.75 1.68
C TYR A 187 -32.70 -26.33 1.38
N THR A 188 -32.03 -25.36 1.99
CA THR A 188 -32.36 -23.95 1.82
C THR A 188 -31.08 -23.15 1.70
N THR A 189 -31.07 -22.18 0.78
CA THR A 189 -29.98 -21.23 0.67
C THR A 189 -30.56 -19.87 0.29
N SER A 190 -29.66 -18.90 0.09
CA SER A 190 -30.05 -17.55 -0.31
C SER A 190 -29.04 -17.00 -1.31
N SER A 191 -29.46 -15.96 -2.01
N SER A 191 -29.45 -15.94 -1.99
CA SER A 191 -28.60 -15.23 -2.93
CA SER A 191 -28.59 -15.25 -2.94
C SER A 191 -28.76 -13.76 -2.65
C SER A 191 -28.75 -13.75 -2.71
N GLN A 192 -27.63 -13.04 -2.57
CA GLN A 192 -27.63 -11.63 -2.24
C GLN A 192 -27.13 -10.83 -3.45
N LEU A 193 -27.85 -9.75 -3.77
CA LEU A 193 -27.45 -8.86 -4.84
C LEU A 193 -27.23 -7.47 -4.26
N THR A 194 -26.00 -6.98 -4.34
CA THR A 194 -25.68 -5.60 -4.05
C THR A 194 -25.42 -4.88 -5.36
N LEU A 195 -26.09 -3.75 -5.56
CA LEU A 195 -26.01 -3.01 -6.80
C LEU A 195 -26.29 -1.55 -6.50
N PRO A 196 -25.83 -0.63 -7.34
CA PRO A 196 -26.06 0.79 -7.06
C PRO A 196 -27.54 1.11 -7.01
N ALA A 197 -27.91 2.00 -6.08
CA ALA A 197 -29.30 2.43 -5.98
C ALA A 197 -29.79 3.01 -7.30
N THR A 198 -28.87 3.57 -8.10
CA THR A 198 -29.21 4.01 -9.44
C THR A 198 -29.84 2.89 -10.26
N GLN A 199 -29.41 1.65 -10.02
CA GLN A 199 -29.83 0.52 -10.83
C GLN A 199 -31.02 -0.23 -10.24
N CYS A 200 -31.55 0.20 -9.09
CA CYS A 200 -32.69 -0.43 -8.44
C CYS A 200 -33.60 0.67 -7.89
N LEU A 201 -34.23 1.42 -8.78
CA LEU A 201 -35.08 2.52 -8.39
C LEU A 201 -36.44 2.01 -7.90
N ALA A 202 -37.08 2.83 -7.08
CA ALA A 202 -38.40 2.48 -6.54
C ALA A 202 -39.40 2.27 -7.67
N GLY A 203 -40.22 1.23 -7.54
CA GLY A 203 -41.13 0.82 -8.57
C GLY A 203 -40.55 -0.17 -9.56
N LYS A 204 -39.25 -0.11 -9.81
CA LYS A 204 -38.58 -1.09 -10.64
C LYS A 204 -38.34 -2.37 -9.84
N SER A 205 -37.75 -3.36 -10.49
CA SER A 205 -37.51 -4.65 -9.84
C SER A 205 -36.44 -5.42 -10.60
N VAL A 206 -35.70 -6.23 -9.86
CA VAL A 206 -34.65 -7.09 -10.42
C VAL A 206 -35.12 -8.53 -10.34
N THR A 207 -34.74 -9.32 -11.34
CA THR A 207 -35.12 -10.72 -11.43
C THR A 207 -33.95 -11.60 -11.03
N CYS A 208 -34.18 -12.50 -10.08
CA CYS A 208 -33.21 -13.52 -9.73
C CYS A 208 -33.65 -14.85 -10.34
N HIS A 209 -32.70 -15.53 -10.99
CA HIS A 209 -32.98 -16.75 -11.73
C HIS A 209 -32.42 -17.94 -10.97
N VAL A 210 -33.30 -18.82 -10.52
CA VAL A 210 -32.92 -19.98 -9.72
C VAL A 210 -33.12 -21.22 -10.59
N LYS A 211 -32.03 -21.73 -11.15
CA LYS A 211 -32.03 -22.97 -11.89
C LYS A 211 -31.60 -24.10 -10.96
N HIS A 212 -32.47 -25.08 -10.78
CA HIS A 212 -32.23 -26.19 -9.85
C HIS A 212 -32.42 -27.50 -10.58
N TYR A 213 -31.48 -28.43 -10.36
CA TYR A 213 -31.56 -29.81 -10.89
C TYR A 213 -31.64 -29.71 -12.42
N THR A 214 -32.55 -30.43 -13.07
CA THR A 214 -32.73 -30.35 -14.50
C THR A 214 -33.93 -29.51 -14.89
N ASN A 215 -34.71 -29.05 -13.92
CA ASN A 215 -35.88 -28.24 -14.19
C ASN A 215 -35.48 -26.90 -14.81
N PRO A 216 -36.41 -26.25 -15.52
CA PRO A 216 -36.13 -24.91 -16.02
C PRO A 216 -35.90 -23.93 -14.88
N SER A 217 -35.25 -22.82 -15.19
CA SER A 217 -34.95 -21.83 -14.17
C SER A 217 -36.22 -21.10 -13.74
N GLN A 218 -36.45 -21.05 -12.43
CA GLN A 218 -37.46 -20.15 -11.91
C GLN A 218 -36.98 -18.72 -11.99
N ASP A 219 -37.88 -17.82 -12.37
CA ASP A 219 -37.57 -16.39 -12.44
C ASP A 219 -38.51 -15.66 -11.52
N VAL A 220 -37.95 -15.02 -10.48
CA VAL A 220 -38.72 -14.37 -9.44
C VAL A 220 -38.41 -12.88 -9.45
N THR A 221 -39.45 -12.06 -9.34
CA THR A 221 -39.32 -10.62 -9.32
C THR A 221 -39.00 -10.16 -7.90
N VAL A 222 -37.88 -9.46 -7.73
CA VAL A 222 -37.46 -8.95 -6.43
C VAL A 222 -37.61 -7.42 -6.46
N PRO A 223 -38.56 -6.85 -5.73
CA PRO A 223 -38.77 -5.41 -5.81
C PRO A 223 -37.63 -4.63 -5.19
N CYS A 224 -37.28 -3.51 -5.83
CA CYS A 224 -36.34 -2.58 -5.25
C CYS A 224 -36.99 -1.83 -4.08
N PRO A 225 -36.18 -1.31 -3.15
CA PRO A 225 -36.73 -0.53 -2.02
C PRO A 225 -37.56 0.66 -2.47
N ASP B 1 -4.36 -51.12 -2.29
CA ASP B 1 -3.08 -51.81 -2.18
C ASP B 1 -2.00 -50.86 -1.69
N ILE B 2 -1.73 -49.82 -2.47
CA ILE B 2 -0.80 -48.76 -2.07
C ILE B 2 -1.61 -47.60 -1.52
N GLN B 3 -1.27 -47.15 -0.32
CA GLN B 3 -2.00 -46.10 0.37
C GLN B 3 -1.15 -44.84 0.44
N MET B 4 -1.74 -43.71 0.10
CA MET B 4 -1.08 -42.41 0.17
C MET B 4 -1.54 -41.71 1.44
N THR B 5 -0.59 -41.38 2.32
CA THR B 5 -0.88 -40.69 3.57
C THR B 5 -0.50 -39.23 3.40
N GLN B 6 -1.51 -38.38 3.24
CA GLN B 6 -1.32 -36.96 2.96
C GLN B 6 -1.43 -36.17 4.26
N SER B 7 -0.38 -35.42 4.59
CA SER B 7 -0.35 -34.63 5.80
C SER B 7 0.11 -33.20 5.49
N PRO B 8 -0.55 -32.19 6.09
CA PRO B 8 -1.72 -32.32 6.96
C PRO B 8 -3.02 -32.42 6.17
N SER B 9 -4.14 -32.62 6.88
CA SER B 9 -5.44 -32.63 6.23
C SER B 9 -5.91 -31.23 5.86
N SER B 10 -5.37 -30.21 6.51
CA SER B 10 -5.72 -28.82 6.22
C SER B 10 -4.63 -27.95 6.83
N LEU B 11 -4.48 -26.75 6.27
CA LEU B 11 -3.53 -25.80 6.82
C LEU B 11 -3.95 -24.38 6.51
N SER B 12 -3.49 -23.47 7.35
CA SER B 12 -3.66 -22.03 7.17
C SER B 12 -2.28 -21.40 7.17
N ALA B 13 -1.99 -20.60 6.14
CA ALA B 13 -0.70 -19.95 6.02
C ALA B 13 -0.89 -18.53 5.52
N SER B 14 0.16 -17.74 5.65
CA SER B 14 0.13 -16.33 5.28
C SER B 14 0.66 -16.15 3.87
N VAL B 15 0.43 -14.96 3.31
CA VAL B 15 0.93 -14.64 1.98
C VAL B 15 2.44 -14.76 1.97
N GLY B 16 2.97 -15.48 0.97
CA GLY B 16 4.40 -15.70 0.86
C GLY B 16 4.94 -16.80 1.72
N ASP B 17 4.13 -17.42 2.56
CA ASP B 17 4.59 -18.52 3.40
C ASP B 17 5.08 -19.67 2.54
N ARG B 18 6.03 -20.44 3.09
CA ARG B 18 6.45 -21.69 2.49
C ARG B 18 5.51 -22.78 2.99
N VAL B 19 4.67 -23.29 2.10
CA VAL B 19 3.67 -24.30 2.42
C VAL B 19 4.15 -25.64 1.87
N THR B 20 4.21 -26.65 2.73
CA THR B 20 4.64 -27.99 2.33
C THR B 20 3.58 -29.01 2.73
N ILE B 21 3.11 -29.78 1.75
CA ILE B 21 2.25 -30.92 1.98
C ILE B 21 3.08 -32.18 1.77
N THR B 22 2.89 -33.16 2.65
CA THR B 22 3.66 -34.39 2.62
C THR B 22 2.75 -35.56 2.28
N CYS B 23 3.20 -36.41 1.37
CA CYS B 23 2.47 -37.63 1.03
C CYS B 23 3.40 -38.82 1.15
N GLN B 24 3.09 -39.71 2.08
CA GLN B 24 3.87 -40.91 2.33
C GLN B 24 3.17 -42.10 1.67
N ALA B 25 3.91 -42.81 0.82
CA ALA B 25 3.38 -44.00 0.17
C ALA B 25 3.68 -45.23 1.02
N SER B 26 2.70 -46.14 1.08
CA SER B 26 2.85 -47.35 1.90
C SER B 26 3.94 -48.28 1.38
N GLN B 27 4.39 -48.09 0.14
CA GLN B 27 5.53 -48.84 -0.40
C GLN B 27 6.08 -48.05 -1.58
N ASP B 28 7.15 -48.56 -2.18
CA ASP B 28 7.86 -47.81 -3.21
C ASP B 28 6.98 -47.61 -4.44
N ILE B 29 6.92 -46.36 -4.92
CA ILE B 29 6.21 -46.03 -6.14
C ILE B 29 7.14 -45.24 -7.05
N ARG B 30 8.44 -45.31 -6.75
CA ARG B 30 9.46 -44.55 -7.48
C ARG B 30 9.10 -43.07 -7.50
N ASN B 31 8.94 -42.52 -8.70
CA ASN B 31 8.52 -41.14 -8.89
C ASN B 31 7.11 -41.04 -9.47
N TYR B 32 6.36 -42.14 -9.45
CA TYR B 32 5.02 -42.16 -10.05
C TYR B 32 4.00 -41.57 -9.08
N LEU B 33 4.21 -40.29 -8.76
CA LEU B 33 3.40 -39.57 -7.80
C LEU B 33 3.08 -38.20 -8.38
N ASN B 34 1.78 -37.91 -8.52
CA ASN B 34 1.33 -36.65 -9.10
C ASN B 34 0.60 -35.82 -8.06
N TRP B 35 0.45 -34.53 -8.36
CA TRP B 35 -0.22 -33.59 -7.46
C TRP B 35 -1.28 -32.81 -8.21
N TYR B 36 -2.46 -32.69 -7.60
CA TYR B 36 -3.60 -31.99 -8.19
C TYR B 36 -4.02 -30.83 -7.31
N GLN B 37 -4.47 -29.76 -7.95
CA GLN B 37 -5.10 -28.63 -7.28
C GLN B 37 -6.58 -28.61 -7.68
N GLN B 38 -7.46 -28.57 -6.70
CA GLN B 38 -8.90 -28.58 -6.95
C GLN B 38 -9.55 -27.35 -6.34
N ARG B 39 -10.13 -26.52 -7.19
CA ARG B 39 -10.99 -25.43 -6.75
C ARG B 39 -12.39 -25.98 -6.43
N PRO B 40 -13.12 -25.33 -5.53
CA PRO B 40 -14.45 -25.83 -5.16
C PRO B 40 -15.39 -25.85 -6.37
N GLY B 41 -16.14 -26.94 -6.49
CA GLY B 41 -17.09 -27.08 -7.58
C GLY B 41 -16.48 -27.35 -8.93
N LYS B 42 -15.16 -27.55 -9.00
CA LYS B 42 -14.47 -27.80 -10.26
C LYS B 42 -13.75 -29.14 -10.18
N ALA B 43 -13.33 -29.61 -11.34
CA ALA B 43 -12.52 -30.82 -11.39
C ALA B 43 -11.07 -30.48 -11.02
N PRO B 44 -10.34 -31.43 -10.42
CA PRO B 44 -8.95 -31.17 -10.09
C PRO B 44 -8.12 -30.94 -11.35
N LYS B 45 -7.11 -30.09 -11.23
CA LYS B 45 -6.19 -29.77 -12.32
C LYS B 45 -4.80 -30.26 -11.94
N LEU B 46 -4.11 -30.87 -12.92
CA LEU B 46 -2.78 -31.38 -12.68
C LEU B 46 -1.78 -30.24 -12.55
N LEU B 47 -1.01 -30.25 -11.46
CA LEU B 47 0.07 -29.30 -11.24
C LEU B 47 1.44 -29.93 -11.41
N ILE B 48 1.67 -31.07 -10.76
CA ILE B 48 2.96 -31.72 -10.71
C ILE B 48 2.78 -33.18 -11.12
N PHE B 49 3.48 -33.59 -12.17
CA PHE B 49 3.52 -35.00 -12.56
C PHE B 49 4.90 -35.57 -12.30
N ASP B 50 4.92 -36.87 -11.99
CA ASP B 50 6.16 -37.60 -11.73
C ASP B 50 6.97 -36.95 -10.61
N ALA B 51 6.29 -36.59 -9.52
CA ALA B 51 6.87 -36.16 -8.25
C ALA B 51 7.46 -34.75 -8.28
N SER B 52 8.10 -34.36 -9.37
CA SER B 52 8.84 -33.10 -9.40
C SER B 52 8.58 -32.22 -10.60
N ASN B 53 7.91 -32.70 -11.64
CA ASN B 53 7.86 -32.00 -12.91
C ASN B 53 6.66 -31.06 -12.99
N LEU B 54 6.89 -29.88 -13.57
CA LEU B 54 5.87 -28.86 -13.69
C LEU B 54 5.08 -29.07 -14.98
N GLU B 55 3.76 -29.26 -14.83
CA GLU B 55 2.90 -29.30 -16.01
C GLU B 55 2.69 -27.88 -16.55
N THR B 56 2.23 -27.80 -17.79
CA THR B 56 1.95 -26.51 -18.40
C THR B 56 0.91 -25.75 -17.59
N GLY B 57 1.01 -24.42 -17.63
CA GLY B 57 0.05 -23.58 -16.94
C GLY B 57 0.08 -23.72 -15.43
N VAL B 58 1.28 -23.88 -14.86
CA VAL B 58 1.45 -24.00 -13.43
C VAL B 58 2.48 -22.97 -12.99
N PRO B 59 2.16 -22.09 -12.03
CA PRO B 59 3.15 -21.09 -11.59
C PRO B 59 4.38 -21.75 -11.00
N SER B 60 5.51 -21.02 -11.08
CA SER B 60 6.78 -21.57 -10.64
C SER B 60 6.87 -21.76 -9.13
N ARG B 61 5.96 -21.17 -8.36
CA ARG B 61 6.00 -21.34 -6.91
C ARG B 61 5.58 -22.74 -6.48
N PHE B 62 4.91 -23.49 -7.35
CA PHE B 62 4.56 -24.88 -7.07
C PHE B 62 5.72 -25.78 -7.46
N SER B 63 6.08 -26.70 -6.55
CA SER B 63 7.15 -27.64 -6.82
C SER B 63 6.89 -28.93 -6.05
N GLY B 64 7.60 -29.98 -6.43
CA GLY B 64 7.52 -31.24 -5.74
C GLY B 64 8.88 -31.89 -5.70
N SER B 65 9.07 -32.74 -4.69
CA SER B 65 10.32 -33.45 -4.51
C SER B 65 10.03 -34.84 -3.96
N GLY B 66 11.07 -35.67 -3.94
CA GLY B 66 10.97 -36.99 -3.37
C GLY B 66 10.85 -38.07 -4.42
N SER B 67 11.23 -39.29 -4.02
CA SER B 67 11.17 -40.46 -4.89
C SER B 67 11.21 -41.69 -4.00
N GLY B 68 10.27 -42.61 -4.22
CA GLY B 68 10.20 -43.81 -3.41
C GLY B 68 8.93 -43.90 -2.60
N THR B 69 8.96 -43.37 -1.38
CA THR B 69 7.79 -43.42 -0.50
C THR B 69 7.42 -42.06 0.08
N HIS B 70 8.40 -41.20 0.39
CA HIS B 70 8.15 -39.90 0.99
C HIS B 70 8.19 -38.83 -0.09
N PHE B 71 7.11 -38.06 -0.21
CA PHE B 71 6.99 -37.03 -1.23
C PHE B 71 6.52 -35.73 -0.59
N THR B 72 6.97 -34.62 -1.16
CA THR B 72 6.64 -33.30 -0.66
C THR B 72 6.12 -32.44 -1.80
N PHE B 73 5.01 -31.75 -1.55
CA PHE B 73 4.49 -30.71 -2.43
C PHE B 73 4.68 -29.38 -1.75
N THR B 74 5.28 -28.42 -2.46
CA THR B 74 5.66 -27.15 -1.86
C THR B 74 5.10 -25.98 -2.65
N ILE B 75 4.40 -25.09 -1.95
CA ILE B 75 4.07 -23.76 -2.45
C ILE B 75 5.08 -22.83 -1.80
N SER B 76 6.09 -22.41 -2.56
CA SER B 76 7.19 -21.63 -2.00
C SER B 76 6.76 -20.24 -1.54
N SER B 77 5.66 -19.70 -2.10
CA SER B 77 5.22 -18.36 -1.76
C SER B 77 3.70 -18.31 -1.95
N LEU B 78 2.97 -18.63 -0.88
CA LEU B 78 1.53 -18.83 -0.97
C LEU B 78 0.82 -17.54 -1.33
N GLN B 79 0.02 -17.61 -2.40
CA GLN B 79 -0.81 -16.52 -2.88
C GLN B 79 -2.27 -16.77 -2.55
N PRO B 80 -3.09 -15.71 -2.47
CA PRO B 80 -4.52 -15.92 -2.18
C PRO B 80 -5.22 -16.77 -3.21
N GLU B 81 -4.75 -16.77 -4.46
CA GLU B 81 -5.32 -17.62 -5.49
C GLU B 81 -5.07 -19.10 -5.22
N ASP B 82 -4.03 -19.43 -4.46
CA ASP B 82 -3.65 -20.81 -4.24
C ASP B 82 -4.53 -21.52 -3.22
N ILE B 83 -5.54 -20.86 -2.66
CA ILE B 83 -6.42 -21.55 -1.73
C ILE B 83 -7.24 -22.58 -2.52
N ALA B 84 -7.13 -23.83 -2.11
CA ALA B 84 -7.72 -24.97 -2.82
C ALA B 84 -7.48 -26.20 -1.97
N THR B 85 -7.96 -27.33 -2.46
CA THR B 85 -7.63 -28.63 -1.90
C THR B 85 -6.64 -29.32 -2.82
N TYR B 86 -5.58 -29.86 -2.24
CA TYR B 86 -4.50 -30.48 -3.00
C TYR B 86 -4.45 -31.96 -2.71
N TYR B 87 -4.29 -32.76 -3.75
CA TYR B 87 -4.25 -34.21 -3.64
C TYR B 87 -2.97 -34.73 -4.30
N CYS B 88 -2.28 -35.63 -3.62
CA CYS B 88 -1.29 -36.45 -4.30
C CYS B 88 -1.98 -37.68 -4.87
N GLN B 89 -1.45 -38.17 -5.98
CA GLN B 89 -2.00 -39.34 -6.64
C GLN B 89 -0.86 -40.19 -7.16
N GLN B 90 -0.85 -41.47 -6.80
CA GLN B 90 0.16 -42.39 -7.27
C GLN B 90 -0.39 -43.26 -8.38
N TYR B 91 0.51 -43.71 -9.27
CA TYR B 91 0.16 -44.70 -10.28
C TYR B 91 1.20 -45.80 -10.37
N GLY B 92 1.98 -46.01 -9.31
CA GLY B 92 2.86 -47.18 -9.27
C GLY B 92 2.09 -48.48 -9.25
N GLU B 93 0.91 -48.48 -8.63
CA GLU B 93 0.01 -49.63 -8.63
C GLU B 93 -1.41 -49.09 -8.69
N LEU B 94 -2.06 -49.22 -9.84
CA LEU B 94 -3.43 -48.73 -10.05
C LEU B 94 -3.43 -47.22 -9.74
N ILE B 95 -4.49 -46.69 -9.14
CA ILE B 95 -4.60 -45.26 -8.85
C ILE B 95 -5.17 -45.09 -7.45
N THR B 96 -4.43 -44.41 -6.58
CA THR B 96 -4.95 -44.04 -5.27
C THR B 96 -4.59 -42.59 -4.99
N PHE B 97 -5.50 -41.88 -4.32
CA PHE B 97 -5.32 -40.47 -3.97
C PHE B 97 -5.02 -40.34 -2.48
N GLY B 98 -4.27 -39.30 -2.15
CA GLY B 98 -4.13 -38.92 -0.75
C GLY B 98 -5.42 -38.33 -0.21
N GLY B 99 -5.50 -38.26 1.11
CA GLY B 99 -6.70 -37.75 1.75
C GLY B 99 -7.06 -36.33 1.37
N GLY B 100 -6.11 -35.57 0.88
CA GLY B 100 -6.37 -34.20 0.49
C GLY B 100 -5.89 -33.21 1.54
N THR B 101 -5.56 -32.00 1.08
CA THR B 101 -5.17 -30.91 1.96
C THR B 101 -5.83 -29.65 1.43
N ASN B 102 -6.79 -29.11 2.18
CA ASN B 102 -7.37 -27.82 1.82
C ASN B 102 -6.52 -26.71 2.45
N VAL B 103 -6.08 -25.78 1.62
CA VAL B 103 -5.18 -24.70 2.03
C VAL B 103 -6.00 -23.43 2.18
N GLN B 104 -5.99 -22.85 3.38
CA GLN B 104 -6.69 -21.61 3.64
C GLN B 104 -5.69 -20.49 3.85
N MET B 105 -6.10 -19.27 3.47
CA MET B 105 -5.24 -18.10 3.55
C MET B 105 -5.48 -17.34 4.83
N LYS B 106 -4.40 -16.91 5.46
CA LYS B 106 -4.47 -16.01 6.61
C LYS B 106 -4.35 -14.57 6.13
N ARG B 107 -5.18 -13.69 6.69
CA ARG B 107 -5.13 -12.28 6.36
C ARG B 107 -5.46 -11.49 7.61
N THR B 108 -5.55 -10.17 7.45
CA THR B 108 -5.89 -9.29 8.56
C THR B 108 -7.37 -9.42 8.91
N VAL B 109 -7.69 -9.13 10.17
CA VAL B 109 -9.06 -9.24 10.64
C VAL B 109 -9.95 -8.26 9.90
N ALA B 110 -11.12 -8.72 9.48
CA ALA B 110 -12.09 -7.89 8.78
C ALA B 110 -13.48 -8.20 9.33
N ALA B 111 -14.15 -7.18 9.86
CA ALA B 111 -15.46 -7.38 10.46
C ALA B 111 -16.52 -7.60 9.38
N PRO B 112 -17.60 -8.31 9.71
CA PRO B 112 -18.65 -8.55 8.71
C PRO B 112 -19.64 -7.39 8.63
N SER B 113 -20.14 -7.17 7.42
CA SER B 113 -21.31 -6.33 7.22
C SER B 113 -22.55 -7.21 7.41
N VAL B 114 -23.50 -6.73 8.21
CA VAL B 114 -24.65 -7.54 8.63
C VAL B 114 -25.92 -6.96 8.03
N PHE B 115 -26.76 -7.84 7.49
CA PHE B 115 -28.02 -7.45 6.86
C PHE B 115 -29.11 -8.42 7.30
N ILE B 116 -30.23 -7.87 7.78
CA ILE B 116 -31.36 -8.69 8.20
C ILE B 116 -32.48 -8.54 7.18
N PHE B 117 -33.14 -9.65 6.88
CA PHE B 117 -34.25 -9.68 5.94
C PHE B 117 -35.45 -10.30 6.65
N PRO B 118 -36.57 -9.60 6.75
CA PRO B 118 -37.76 -10.18 7.36
C PRO B 118 -38.39 -11.19 6.41
N PRO B 119 -39.30 -12.03 6.90
CA PRO B 119 -40.01 -12.94 5.99
C PRO B 119 -40.83 -12.16 4.97
N SER B 120 -40.90 -12.71 3.76
CA SER B 120 -41.65 -12.08 2.69
C SER B 120 -43.14 -12.36 2.84
N ASP B 121 -43.94 -11.52 2.18
CA ASP B 121 -45.38 -11.76 2.15
C ASP B 121 -45.69 -13.07 1.44
N GLU B 122 -44.99 -13.35 0.35
CA GLU B 122 -45.22 -14.58 -0.40
C GLU B 122 -44.93 -15.82 0.45
N GLN B 123 -43.86 -15.77 1.25
CA GLN B 123 -43.56 -16.90 2.13
C GLN B 123 -44.58 -17.00 3.26
N LEU B 124 -45.01 -15.87 3.81
CA LEU B 124 -46.02 -15.89 4.85
C LEU B 124 -47.33 -16.47 4.32
N LYS B 125 -47.73 -16.08 3.11
CA LYS B 125 -48.88 -16.70 2.48
C LYS B 125 -48.70 -18.20 2.30
N SER B 126 -47.47 -18.69 2.28
CA SER B 126 -47.17 -20.10 2.10
C SER B 126 -47.11 -20.88 3.40
N GLY B 127 -47.22 -20.21 4.54
CA GLY B 127 -47.31 -20.86 5.83
C GLY B 127 -46.06 -20.83 6.67
N THR B 128 -44.89 -20.57 6.07
CA THR B 128 -43.64 -20.51 6.78
C THR B 128 -43.17 -19.06 6.91
N ALA B 129 -42.21 -18.85 7.80
CA ALA B 129 -41.63 -17.53 8.02
C ALA B 129 -40.14 -17.69 8.29
N SER B 130 -39.31 -17.04 7.48
CA SER B 130 -37.87 -17.17 7.59
C SER B 130 -37.25 -15.79 7.70
N VAL B 131 -36.54 -15.55 8.80
CA VAL B 131 -35.71 -14.38 8.96
C VAL B 131 -34.30 -14.73 8.51
N VAL B 132 -33.71 -13.90 7.65
CA VAL B 132 -32.40 -14.15 7.08
C VAL B 132 -31.43 -13.08 7.56
N CYS B 133 -30.29 -13.53 8.08
CA CYS B 133 -29.22 -12.64 8.54
C CYS B 133 -27.99 -12.94 7.70
N LEU B 134 -27.47 -11.93 7.02
CA LEU B 134 -26.34 -12.09 6.11
C LEU B 134 -25.10 -11.40 6.64
N LEU B 135 -23.97 -12.07 6.53
CA LEU B 135 -22.67 -11.52 6.91
C LEU B 135 -21.79 -11.49 5.66
N ASN B 136 -21.15 -10.35 5.42
CA ASN B 136 -20.43 -10.11 4.17
C ASN B 136 -18.97 -9.80 4.41
N ASN B 137 -18.10 -10.60 3.78
CA ASN B 137 -16.67 -10.30 3.63
C ASN B 137 -15.99 -10.10 4.98
N PHE B 138 -15.90 -11.18 5.75
CA PHE B 138 -15.27 -11.15 7.05
C PHE B 138 -14.14 -12.16 7.14
N TYR B 139 -13.16 -11.85 8.00
CA TYR B 139 -12.07 -12.75 8.37
C TYR B 139 -11.72 -12.46 9.82
N PRO B 140 -11.46 -13.50 10.64
CA PRO B 140 -11.41 -14.93 10.30
C PRO B 140 -12.77 -15.57 10.09
N ARG B 141 -12.77 -16.86 9.77
CA ARG B 141 -14.00 -17.57 9.43
C ARG B 141 -14.94 -17.67 10.63
N GLU B 142 -14.38 -17.84 11.83
CA GLU B 142 -15.19 -18.04 13.02
C GLU B 142 -16.10 -16.84 13.25
N ALA B 143 -17.40 -17.10 13.24
CA ALA B 143 -18.40 -16.06 13.44
C ALA B 143 -19.65 -16.68 14.06
N LYS B 144 -20.22 -15.98 15.03
CA LYS B 144 -21.43 -16.42 15.71
C LYS B 144 -22.60 -15.55 15.28
N VAL B 145 -23.69 -16.19 14.86
CA VAL B 145 -24.95 -15.49 14.56
C VAL B 145 -25.99 -16.05 15.51
N GLN B 146 -26.39 -15.23 16.48
CA GLN B 146 -27.30 -15.65 17.54
C GLN B 146 -28.68 -15.03 17.30
N TRP B 147 -29.71 -15.86 17.35
CA TRP B 147 -31.08 -15.42 17.08
C TRP B 147 -31.82 -15.22 18.39
N LYS B 148 -32.55 -14.10 18.49
CA LYS B 148 -33.36 -13.79 19.65
C LYS B 148 -34.73 -13.33 19.17
N VAL B 149 -35.77 -13.99 19.66
CA VAL B 149 -37.16 -13.66 19.34
C VAL B 149 -37.82 -13.20 20.64
N ASP B 150 -38.14 -11.91 20.71
CA ASP B 150 -38.62 -11.28 21.95
C ASP B 150 -37.66 -11.53 23.11
N ASN B 151 -36.37 -11.42 22.83
CA ASN B 151 -35.27 -11.61 23.77
C ASN B 151 -35.12 -13.06 24.22
N ALA B 152 -35.78 -14.01 23.55
CA ALA B 152 -35.64 -15.43 23.85
C ALA B 152 -34.69 -16.08 22.87
N LEU B 153 -33.71 -16.81 23.40
CA LEU B 153 -32.70 -17.44 22.56
C LEU B 153 -33.33 -18.57 21.74
N GLN B 154 -33.07 -18.56 20.44
CA GLN B 154 -33.63 -19.55 19.53
C GLN B 154 -32.66 -20.71 19.35
N SER B 155 -33.18 -21.94 19.43
CA SER B 155 -32.39 -23.15 19.30
C SER B 155 -33.08 -24.12 18.36
N GLY B 156 -32.28 -24.78 17.52
CA GLY B 156 -32.79 -25.81 16.65
C GLY B 156 -33.71 -25.35 15.52
N ASN B 157 -33.80 -24.04 15.28
CA ASN B 157 -34.66 -23.50 14.24
C ASN B 157 -33.91 -22.53 13.33
N SER B 158 -32.60 -22.72 13.18
CA SER B 158 -31.79 -21.89 12.30
C SER B 158 -30.79 -22.76 11.57
N GLN B 159 -30.28 -22.23 10.46
CA GLN B 159 -29.28 -22.92 9.65
C GLN B 159 -28.28 -21.92 9.12
N GLU B 160 -27.00 -22.30 9.17
CA GLU B 160 -25.89 -21.44 8.76
C GLU B 160 -25.31 -21.92 7.45
N SER B 161 -24.65 -21.00 6.75
CA SER B 161 -24.07 -21.31 5.44
C SER B 161 -22.92 -20.35 5.19
N VAL B 162 -21.69 -20.88 5.21
CA VAL B 162 -20.49 -20.09 4.99
C VAL B 162 -19.98 -20.34 3.57
N THR B 163 -19.67 -19.27 2.86
CA THR B 163 -19.10 -19.41 1.53
C THR B 163 -17.69 -19.96 1.61
N GLU B 164 -17.17 -20.37 0.46
CA GLU B 164 -15.75 -20.67 0.36
C GLU B 164 -14.95 -19.39 0.53
N GLN B 165 -13.72 -19.52 1.03
CA GLN B 165 -12.86 -18.36 1.16
C GLN B 165 -12.65 -17.73 -0.21
N ASP B 166 -12.80 -16.41 -0.29
CA ASP B 166 -12.69 -15.73 -1.57
C ASP B 166 -11.27 -15.78 -2.08
N SER B 167 -11.11 -16.17 -3.35
CA SER B 167 -9.79 -16.33 -3.93
C SER B 167 -9.06 -15.00 -4.16
N LYS B 168 -9.76 -13.87 -3.99
CA LYS B 168 -9.16 -12.56 -4.22
C LYS B 168 -8.86 -11.81 -2.92
N ASP B 169 -9.84 -11.68 -2.02
CA ASP B 169 -9.64 -10.93 -0.79
C ASP B 169 -9.66 -11.80 0.46
N SER B 170 -9.67 -13.13 0.30
CA SER B 170 -9.51 -14.09 1.39
C SER B 170 -10.54 -13.94 2.50
N THR B 171 -11.69 -13.36 2.21
CA THR B 171 -12.75 -13.20 3.20
C THR B 171 -13.80 -14.29 3.03
N TYR B 172 -14.70 -14.36 4.01
CA TYR B 172 -15.83 -15.27 3.98
C TYR B 172 -17.13 -14.49 3.99
N SER B 173 -18.20 -15.16 3.60
CA SER B 173 -19.55 -14.64 3.76
C SER B 173 -20.40 -15.72 4.42
N LEU B 174 -21.39 -15.29 5.20
CA LEU B 174 -22.20 -16.21 5.98
C LEU B 174 -23.67 -15.86 5.83
N SER B 175 -24.50 -16.89 5.75
CA SER B 175 -25.95 -16.75 5.73
C SER B 175 -26.53 -17.58 6.87
N SER B 176 -27.37 -16.96 7.70
CA SER B 176 -28.10 -17.65 8.75
C SER B 176 -29.58 -17.39 8.58
N THR B 177 -30.38 -18.46 8.61
CA THR B 177 -31.80 -18.36 8.33
C THR B 177 -32.58 -18.99 9.48
N LEU B 178 -33.25 -18.14 10.27
CA LEU B 178 -34.15 -18.61 11.32
C LEU B 178 -35.51 -18.90 10.69
N THR B 179 -35.99 -20.13 10.86
CA THR B 179 -37.22 -20.58 10.22
C THR B 179 -38.25 -20.94 11.27
N LEU B 180 -39.45 -20.40 11.13
CA LEU B 180 -40.57 -20.68 12.02
C LEU B 180 -41.82 -20.94 11.19
N SER B 181 -42.82 -21.51 11.85
CA SER B 181 -44.16 -21.50 11.27
C SER B 181 -44.71 -20.08 11.27
N LYS B 182 -45.68 -19.82 10.39
CA LYS B 182 -46.35 -18.54 10.43
C LYS B 182 -47.07 -18.32 11.75
N ALA B 183 -47.59 -19.39 12.35
CA ALA B 183 -48.26 -19.28 13.63
C ALA B 183 -47.30 -18.77 14.71
N ASP B 184 -46.14 -19.42 14.84
CA ASP B 184 -45.17 -18.97 15.84
C ASP B 184 -44.60 -17.61 15.50
N TYR B 185 -44.52 -17.27 14.21
CA TYR B 185 -44.02 -15.95 13.83
C TYR B 185 -44.95 -14.84 14.27
N GLU B 186 -46.26 -15.03 14.09
CA GLU B 186 -47.24 -14.03 14.46
C GLU B 186 -47.48 -13.97 15.97
N LYS B 187 -46.94 -14.91 16.74
CA LYS B 187 -47.09 -14.88 18.20
C LYS B 187 -46.04 -14.01 18.88
N HIS B 188 -45.13 -13.39 18.11
CA HIS B 188 -44.01 -12.67 18.68
C HIS B 188 -43.79 -11.37 17.91
N LYS B 189 -43.00 -10.48 18.51
CA LYS B 189 -42.81 -9.13 18.01
C LYS B 189 -41.39 -8.86 17.53
N VAL B 190 -40.40 -8.94 18.42
CA VAL B 190 -39.04 -8.51 18.11
C VAL B 190 -38.25 -9.69 17.56
N TYR B 191 -37.55 -9.45 16.44
CA TYR B 191 -36.74 -10.48 15.78
C TYR B 191 -35.35 -9.91 15.54
N ALA B 192 -34.33 -10.57 16.10
CA ALA B 192 -32.97 -10.03 16.09
C ALA B 192 -31.96 -11.13 15.86
N CYS B 193 -30.95 -10.84 15.04
CA CYS B 193 -29.77 -11.67 14.92
C CYS B 193 -28.59 -10.90 15.49
N GLU B 194 -27.93 -11.47 16.49
CA GLU B 194 -26.75 -10.88 17.10
C GLU B 194 -25.51 -11.56 16.53
N VAL B 195 -24.61 -10.75 15.95
CA VAL B 195 -23.43 -11.27 15.26
C VAL B 195 -22.21 -11.02 16.15
N THR B 196 -21.49 -12.08 16.44
CA THR B 196 -20.24 -12.02 17.21
C THR B 196 -19.09 -12.40 16.29
N HIS B 197 -18.05 -11.57 16.29
CA HIS B 197 -16.89 -11.78 15.43
C HIS B 197 -15.72 -10.99 16.01
N GLN B 198 -14.51 -11.49 15.75
CA GLN B 198 -13.31 -10.85 16.28
C GLN B 198 -13.19 -9.41 15.80
N GLY B 199 -13.57 -9.15 14.54
CA GLY B 199 -13.49 -7.81 13.98
C GLY B 199 -14.41 -6.80 14.62
N LEU B 200 -15.43 -7.27 15.34
CA LEU B 200 -16.37 -6.39 16.01
C LEU B 200 -15.95 -6.23 17.47
N SER B 201 -15.78 -4.97 17.89
CA SER B 201 -15.44 -4.70 19.29
C SER B 201 -16.52 -5.22 20.22
N SER B 202 -17.77 -5.07 19.84
CA SER B 202 -18.93 -5.57 20.55
C SER B 202 -19.86 -6.23 19.56
N PRO B 203 -20.72 -7.16 20.01
CA PRO B 203 -21.64 -7.82 19.09
C PRO B 203 -22.57 -6.83 18.41
N VAL B 204 -22.82 -7.05 17.12
CA VAL B 204 -23.75 -6.25 16.33
C VAL B 204 -25.10 -6.95 16.33
N THR B 205 -26.16 -6.21 16.59
CA THR B 205 -27.52 -6.74 16.57
C THR B 205 -28.32 -6.01 15.51
N LYS B 206 -28.80 -6.76 14.52
CA LYS B 206 -29.75 -6.27 13.55
C LYS B 206 -31.13 -6.81 13.91
N SER B 207 -32.10 -5.93 14.12
CA SER B 207 -33.40 -6.33 14.61
C SER B 207 -34.50 -5.60 13.83
N PHE B 208 -35.71 -6.14 13.98
CA PHE B 208 -36.91 -5.49 13.44
C PHE B 208 -38.11 -5.99 14.23
N ASN B 209 -39.18 -5.21 14.20
CA ASN B 209 -40.45 -5.61 14.77
C ASN B 209 -41.36 -6.12 13.67
N ARG B 210 -42.08 -7.21 13.94
CA ARG B 210 -42.92 -7.86 12.94
C ARG B 210 -43.91 -6.88 12.34
N GLY B 211 -44.00 -6.88 11.01
CA GLY B 211 -44.98 -6.09 10.30
C GLY B 211 -44.68 -4.63 10.17
N GLU B 212 -43.53 -4.16 10.66
CA GLU B 212 -43.18 -2.75 10.61
C GLU B 212 -42.12 -2.44 9.57
N CYS B 213 -41.72 -3.41 8.75
CA CYS B 213 -40.69 -3.19 7.75
C CYS B 213 -41.26 -2.46 6.53
N ASP C 1 5.68 18.11 -11.19
CA ASP C 1 5.56 19.45 -11.75
C ASP C 1 5.72 20.52 -10.67
N ILE C 2 4.91 20.43 -9.63
CA ILE C 2 5.00 21.33 -8.48
C ILE C 2 5.69 20.59 -7.36
N GLN C 3 6.94 20.97 -7.08
CA GLN C 3 7.73 20.36 -6.02
C GLN C 3 7.69 21.23 -4.77
N MET C 4 7.73 20.58 -3.61
CA MET C 4 7.70 21.26 -2.33
C MET C 4 9.02 21.05 -1.61
N THR C 5 9.67 22.15 -1.24
CA THR C 5 10.96 22.11 -0.55
C THR C 5 10.71 22.45 0.91
N GLN C 6 10.75 21.41 1.75
CA GLN C 6 10.57 21.57 3.18
C GLN C 6 11.92 21.74 3.87
N SER C 7 11.96 22.60 4.89
CA SER C 7 13.18 22.89 5.61
C SER C 7 12.80 23.34 7.02
N PRO C 8 13.59 22.97 8.04
CA PRO C 8 14.79 22.15 7.91
C PRO C 8 14.49 20.65 7.87
N SER C 9 15.51 19.84 7.59
CA SER C 9 15.31 18.40 7.61
C SER C 9 15.01 17.89 9.02
N SER C 10 15.76 18.39 10.00
CA SER C 10 15.52 18.06 11.40
C SER C 10 15.89 19.26 12.26
N LEU C 11 15.40 19.27 13.48
CA LEU C 11 15.73 20.33 14.42
C LEU C 11 15.53 19.82 15.84
N SER C 12 16.20 20.48 16.78
CA SER C 12 16.08 20.19 18.20
C SER C 12 15.74 21.47 18.93
N ALA C 13 14.69 21.42 19.76
CA ALA C 13 14.31 22.54 20.60
C ALA C 13 13.91 22.01 21.96
N SER C 14 13.86 22.92 22.93
CA SER C 14 13.49 22.56 24.30
C SER C 14 12.01 22.85 24.53
N VAL C 15 11.50 22.31 25.64
CA VAL C 15 10.09 22.47 25.97
C VAL C 15 9.76 23.96 26.08
N GLY C 16 8.62 24.35 25.52
CA GLY C 16 8.20 25.74 25.49
C GLY C 16 8.76 26.56 24.34
N ASP C 17 9.78 26.06 23.64
CA ASP C 17 10.40 26.83 22.57
C ASP C 17 9.47 26.93 21.37
N ARG C 18 9.77 27.92 20.52
CA ARG C 18 9.04 28.12 19.28
C ARG C 18 9.76 27.40 18.14
N VAL C 19 9.07 26.46 17.51
CA VAL C 19 9.62 25.69 16.39
C VAL C 19 9.04 26.24 15.09
N THR C 20 9.89 26.38 14.09
CA THR C 20 9.49 26.97 12.82
C THR C 20 9.95 26.08 11.66
N ILE C 21 9.00 25.68 10.82
CA ILE C 21 9.27 24.90 9.62
C ILE C 21 8.75 25.68 8.42
N THR C 22 9.50 25.66 7.32
CA THR C 22 9.13 26.36 6.11
C THR C 22 8.96 25.36 4.96
N CYS C 23 8.04 25.68 4.05
CA CYS C 23 7.85 24.93 2.82
C CYS C 23 7.74 25.90 1.66
N GLN C 24 8.56 25.68 0.63
CA GLN C 24 8.56 26.50 -0.56
C GLN C 24 7.99 25.69 -1.73
N ALA C 25 7.00 26.26 -2.41
CA ALA C 25 6.44 25.65 -3.60
C ALA C 25 7.17 26.16 -4.83
N SER C 26 7.46 25.25 -5.76
CA SER C 26 8.14 25.64 -7.00
C SER C 26 7.27 26.53 -7.88
N GLN C 27 5.96 26.58 -7.64
CA GLN C 27 5.05 27.46 -8.35
C GLN C 27 4.03 28.02 -7.37
N ASP C 28 3.33 29.07 -7.80
CA ASP C 28 2.24 29.61 -7.01
C ASP C 28 1.16 28.56 -6.79
N ILE C 29 0.87 28.27 -5.53
CA ILE C 29 -0.21 27.36 -5.17
C ILE C 29 -1.28 28.07 -4.34
N ARG C 30 -1.31 29.40 -4.42
CA ARG C 30 -2.15 30.23 -3.57
C ARG C 30 -1.94 29.83 -2.11
N ASN C 31 -2.98 29.34 -1.45
CA ASN C 31 -2.85 28.83 -0.09
C ASN C 31 -3.17 27.34 -0.01
N TYR C 32 -3.10 26.63 -1.14
CA TYR C 32 -3.46 25.22 -1.21
C TYR C 32 -2.29 24.37 -0.69
N LEU C 33 -2.04 24.54 0.61
CA LEU C 33 -0.90 23.91 1.28
C LEU C 33 -1.37 23.45 2.65
N ASN C 34 -1.18 22.17 2.96
CA ASN C 34 -1.62 21.61 4.22
C ASN C 34 -0.43 21.04 4.98
N TRP C 35 -0.61 20.90 6.30
CA TRP C 35 0.45 20.46 7.20
C TRP C 35 -0.02 19.24 7.98
N TYR C 36 0.79 18.19 7.99
CA TYR C 36 0.48 16.96 8.71
C TYR C 36 1.54 16.69 9.77
N GLN C 37 1.09 16.19 10.92
CA GLN C 37 1.97 15.69 11.96
C GLN C 37 1.91 14.17 11.95
N GLN C 38 3.08 13.53 12.09
CA GLN C 38 3.17 12.08 12.06
C GLN C 38 4.03 11.59 13.21
N ARG C 39 3.39 11.04 14.23
CA ARG C 39 4.12 10.36 15.28
C ARG C 39 4.66 9.02 14.75
N PRO C 40 5.74 8.51 15.34
CA PRO C 40 6.29 7.22 14.88
C PRO C 40 5.25 6.12 14.89
N GLY C 41 5.22 5.34 13.80
CA GLY C 41 4.35 4.20 13.69
C GLY C 41 2.88 4.51 13.47
N LYS C 42 2.50 5.78 13.40
CA LYS C 42 1.11 6.18 13.25
C LYS C 42 0.88 6.82 11.89
N ALA C 43 -0.38 6.80 11.46
CA ALA C 43 -0.76 7.50 10.24
C ALA C 43 -0.61 9.01 10.47
N PRO C 44 -0.30 9.77 9.42
CA PRO C 44 -0.17 11.22 9.58
C PRO C 44 -1.51 11.85 9.90
N LYS C 45 -1.46 12.87 10.76
CA LYS C 45 -2.64 13.58 11.24
C LYS C 45 -2.64 14.99 10.67
N LEU C 46 -3.74 15.36 10.01
CA LEU C 46 -3.85 16.70 9.45
C LEU C 46 -3.95 17.72 10.58
N LEU C 47 -3.04 18.67 10.61
CA LEU C 47 -3.03 19.73 11.62
C LEU C 47 -3.55 21.04 11.06
N ILE C 48 -3.05 21.47 9.90
CA ILE C 48 -3.39 22.75 9.31
C ILE C 48 -3.77 22.52 7.86
N PHE C 49 -4.93 23.04 7.46
CA PHE C 49 -5.38 22.96 6.08
C PHE C 49 -5.49 24.36 5.51
N ASP C 50 -5.13 24.50 4.22
CA ASP C 50 -5.15 25.78 3.52
C ASP C 50 -4.27 26.81 4.23
N ALA C 51 -3.03 26.38 4.53
CA ALA C 51 -1.93 27.24 5.00
C ALA C 51 -2.07 27.67 6.46
N SER C 52 -3.27 28.06 6.90
CA SER C 52 -3.40 28.72 8.19
C SER C 52 -4.58 28.27 9.03
N ASN C 53 -5.38 27.31 8.59
CA ASN C 53 -6.60 26.93 9.30
C ASN C 53 -6.36 25.67 10.12
N LEU C 54 -6.72 25.73 11.39
CA LEU C 54 -6.53 24.61 12.31
C LEU C 54 -7.68 23.62 12.19
N GLU C 55 -7.34 22.33 12.11
CA GLU C 55 -8.37 21.29 12.14
C GLU C 55 -8.90 21.15 13.57
N THR C 56 -9.99 20.39 13.70
CA THR C 56 -10.65 20.26 15.00
C THR C 56 -9.75 19.61 16.02
N GLY C 57 -9.71 20.20 17.22
CA GLY C 57 -8.96 19.65 18.34
C GLY C 57 -7.49 19.98 18.36
N VAL C 58 -6.93 20.51 17.27
CA VAL C 58 -5.51 20.83 17.24
C VAL C 58 -5.21 21.93 18.25
N PRO C 59 -4.21 21.77 19.11
CA PRO C 59 -3.91 22.81 20.11
C PRO C 59 -3.60 24.14 19.44
N SER C 60 -3.97 25.22 20.14
N SER C 60 -3.97 25.22 20.14
CA SER C 60 -3.78 26.56 19.60
CA SER C 60 -3.78 26.56 19.60
C SER C 60 -2.32 26.94 19.47
C SER C 60 -2.32 26.95 19.47
N ARG C 61 -1.40 26.17 20.04
CA ARG C 61 0.03 26.44 19.87
C ARG C 61 0.50 26.14 18.46
N PHE C 62 -0.28 25.43 17.67
CA PHE C 62 0.02 25.19 16.27
C PHE C 62 -0.54 26.32 15.43
N SER C 63 0.19 26.70 14.39
CA SER C 63 -0.24 27.75 13.49
C SER C 63 0.55 27.66 12.20
N GLY C 64 0.03 28.31 11.17
CA GLY C 64 0.71 28.34 9.89
C GLY C 64 0.30 29.58 9.12
N SER C 65 1.13 29.95 8.15
CA SER C 65 0.83 31.09 7.31
C SER C 65 1.59 30.93 6.00
N GLY C 66 1.21 31.77 5.04
CA GLY C 66 1.86 31.77 3.73
C GLY C 66 0.84 31.76 2.61
N SER C 67 1.22 32.36 1.49
CA SER C 67 0.42 32.32 0.28
C SER C 67 1.36 32.37 -0.91
N GLY C 68 0.95 31.71 -1.99
CA GLY C 68 1.74 31.69 -3.20
C GLY C 68 2.77 30.59 -3.23
N THR C 69 3.98 30.87 -2.76
CA THR C 69 5.08 29.92 -2.83
C THR C 69 5.78 29.65 -1.50
N HIS C 70 5.69 30.55 -0.51
CA HIS C 70 6.40 30.40 0.74
C HIS C 70 5.40 30.23 1.88
N PHE C 71 5.59 29.18 2.68
CA PHE C 71 4.65 28.84 3.75
C PHE C 71 5.43 28.49 5.00
N THR C 72 4.82 28.80 6.15
CA THR C 72 5.47 28.61 7.43
C THR C 72 4.56 27.78 8.32
N PHE C 73 5.12 26.77 8.99
CA PHE C 73 4.45 26.01 10.03
C PHE C 73 5.14 26.34 11.36
N THR C 74 4.35 26.64 12.37
CA THR C 74 4.89 27.12 13.63
C THR C 74 4.25 26.39 14.81
N ILE C 75 5.09 25.98 15.76
CA ILE C 75 4.65 25.53 17.07
C ILE C 75 5.16 26.54 18.08
N SER C 76 4.24 27.31 18.68
CA SER C 76 4.64 28.43 19.52
C SER C 76 5.23 27.99 20.86
N SER C 77 4.98 26.76 21.29
CA SER C 77 5.43 26.30 22.60
C SER C 77 5.55 24.78 22.52
N LEU C 78 6.74 24.30 22.17
CA LEU C 78 6.94 22.88 21.90
C LEU C 78 6.72 22.04 23.15
N GLN C 79 5.83 21.05 23.04
CA GLN C 79 5.49 20.11 24.08
C GLN C 79 6.09 18.74 23.77
N PRO C 80 6.37 17.92 24.80
CA PRO C 80 6.94 16.59 24.53
C PRO C 80 6.10 15.75 23.59
N GLU C 81 4.78 15.87 23.66
CA GLU C 81 3.88 15.15 22.77
C GLU C 81 3.88 15.71 21.35
N ASP C 82 4.64 16.76 21.07
CA ASP C 82 4.79 17.29 19.72
C ASP C 82 6.01 16.74 18.99
N ILE C 83 6.87 16.00 19.67
CA ILE C 83 7.98 15.31 19.04
C ILE C 83 7.43 14.40 17.95
N ALA C 84 7.63 14.78 16.71
CA ALA C 84 7.10 14.02 15.58
C ALA C 84 7.79 14.50 14.31
N THR C 85 7.38 13.93 13.19
CA THR C 85 7.78 14.40 11.87
C THR C 85 6.62 15.15 11.24
N TYR C 86 6.92 16.27 10.62
CA TYR C 86 5.90 17.15 10.06
C TYR C 86 6.08 17.25 8.55
N TYR C 87 4.97 17.20 7.83
CA TYR C 87 4.98 17.21 6.38
C TYR C 87 4.04 18.30 5.89
N CYS C 88 4.49 19.03 4.86
CA CYS C 88 3.60 19.89 4.11
C CYS C 88 3.16 19.18 2.83
N GLN C 89 2.08 19.68 2.24
CA GLN C 89 1.48 19.02 1.09
C GLN C 89 0.66 20.04 0.33
N GLN C 90 0.94 20.18 -0.97
CA GLN C 90 0.22 21.11 -1.83
C GLN C 90 -0.80 20.35 -2.67
N TYR C 91 -1.87 21.04 -3.05
CA TYR C 91 -2.81 20.50 -4.02
C TYR C 91 -3.12 21.51 -5.12
N GLY C 92 -2.20 22.43 -5.37
CA GLY C 92 -2.35 23.29 -6.54
C GLY C 92 -2.36 22.51 -7.83
N GLU C 93 -1.38 21.62 -8.00
CA GLU C 93 -1.34 20.68 -9.11
C GLU C 93 -1.09 19.29 -8.54
N LEU C 94 -2.06 18.40 -8.71
CA LEU C 94 -1.98 17.05 -8.16
C LEU C 94 -1.65 17.10 -6.68
N ILE C 95 -0.84 16.17 -6.19
CA ILE C 95 -0.44 16.12 -4.79
C ILE C 95 1.05 15.86 -4.71
N THR C 96 1.77 16.71 -3.98
CA THR C 96 3.15 16.46 -3.62
C THR C 96 3.35 16.84 -2.17
N PHE C 97 4.30 16.16 -1.52
CA PHE C 97 4.63 16.40 -0.13
C PHE C 97 6.02 17.03 -0.02
N GLY C 98 6.24 17.70 1.11
CA GLY C 98 7.58 18.09 1.48
C GLY C 98 8.37 16.89 1.98
N GLY C 99 9.69 17.08 2.06
CA GLY C 99 10.56 16.02 2.52
C GLY C 99 10.40 15.67 3.99
N GLY C 100 9.68 16.48 4.75
CA GLY C 100 9.45 16.21 6.15
C GLY C 100 10.47 16.90 7.04
N THR C 101 10.04 17.20 8.27
CA THR C 101 10.89 17.79 9.28
C THR C 101 10.75 16.97 10.56
N ASN C 102 11.85 16.38 11.00
CA ASN C 102 11.87 15.64 12.25
C ASN C 102 12.10 16.61 13.40
N VAL C 103 11.13 16.71 14.29
CA VAL C 103 11.19 17.65 15.42
C VAL C 103 11.52 16.84 16.68
N GLN C 104 12.73 17.03 17.19
CA GLN C 104 13.19 16.35 18.40
C GLN C 104 13.32 17.36 19.53
N MET C 105 13.23 16.85 20.76
CA MET C 105 13.25 17.68 21.95
C MET C 105 14.61 17.64 22.63
N LYS C 106 15.13 18.82 22.93
CA LYS C 106 16.36 18.96 23.74
C LYS C 106 15.89 19.03 25.18
N ARG C 107 16.50 18.26 26.07
CA ARG C 107 16.14 18.25 27.47
C ARG C 107 17.41 18.00 28.29
N THR C 108 17.26 17.99 29.61
CA THR C 108 18.40 17.78 30.49
C THR C 108 18.93 16.36 30.35
N VAL C 109 20.25 16.21 30.53
CA VAL C 109 20.88 14.90 30.42
C VAL C 109 20.28 13.97 31.47
N ALA C 110 19.89 12.78 31.04
CA ALA C 110 19.33 11.78 31.93
C ALA C 110 20.15 10.50 31.81
N ALA C 111 20.56 9.95 32.94
CA ALA C 111 21.31 8.70 32.94
C ALA C 111 20.37 7.52 32.71
N PRO C 112 20.83 6.48 32.03
CA PRO C 112 19.97 5.31 31.82
C PRO C 112 19.93 4.40 33.04
N SER C 113 18.77 3.80 33.24
CA SER C 113 18.64 2.66 34.14
C SER C 113 18.94 1.40 33.34
N VAL C 114 19.81 0.55 33.87
CA VAL C 114 20.29 -0.62 33.15
C VAL C 114 19.69 -1.87 33.78
N PHE C 115 19.28 -2.81 32.93
CA PHE C 115 18.64 -4.05 33.36
C PHE C 115 19.17 -5.19 32.51
N ILE C 116 19.76 -6.20 33.13
CA ILE C 116 20.32 -7.35 32.43
C ILE C 116 19.40 -8.54 32.63
N PHE C 117 19.12 -9.26 31.54
CA PHE C 117 18.27 -10.44 31.57
C PHE C 117 19.06 -11.63 31.06
N PRO C 118 19.19 -12.70 31.84
CA PRO C 118 19.90 -13.88 31.36
C PRO C 118 19.05 -14.63 30.33
N PRO C 119 19.65 -15.53 29.56
CA PRO C 119 18.85 -16.34 28.64
C PRO C 119 17.83 -17.18 29.41
N SER C 120 16.60 -17.21 28.88
CA SER C 120 15.54 -17.98 29.50
C SER C 120 15.83 -19.47 29.37
N ASP C 121 15.27 -20.24 30.30
CA ASP C 121 15.40 -21.69 30.22
C ASP C 121 14.75 -22.23 28.96
N GLU C 122 13.69 -21.57 28.48
CA GLU C 122 13.03 -22.00 27.25
C GLU C 122 13.92 -21.77 26.04
N GLN C 123 14.63 -20.64 25.99
CA GLN C 123 15.53 -20.40 24.86
C GLN C 123 16.73 -21.33 24.91
N LEU C 124 17.22 -21.67 26.10
CA LEU C 124 18.34 -22.59 26.21
C LEU C 124 17.96 -23.97 25.69
N LYS C 125 16.77 -24.46 26.04
CA LYS C 125 16.29 -25.72 25.50
C LYS C 125 16.23 -25.71 23.98
N SER C 126 16.13 -24.54 23.37
CA SER C 126 16.11 -24.40 21.92
C SER C 126 17.50 -24.28 21.31
N GLY C 127 18.55 -24.38 22.11
CA GLY C 127 19.90 -24.38 21.60
C GLY C 127 20.52 -23.01 21.38
N THR C 128 19.82 -21.94 21.73
CA THR C 128 20.32 -20.58 21.58
C THR C 128 20.35 -19.91 22.95
N ALA C 129 21.28 -18.99 23.14
CA ALA C 129 21.36 -18.20 24.36
C ALA C 129 21.49 -16.73 23.98
N SER C 130 20.53 -15.93 24.39
CA SER C 130 20.57 -14.48 24.22
C SER C 130 20.57 -13.82 25.60
N VAL C 131 21.49 -12.88 25.79
CA VAL C 131 21.48 -12.02 26.97
C VAL C 131 20.95 -10.66 26.52
N VAL C 132 20.02 -10.11 27.30
CA VAL C 132 19.33 -8.87 26.94
C VAL C 132 19.66 -7.82 27.97
N CYS C 133 20.14 -6.67 27.51
CA CYS C 133 20.48 -5.52 28.35
C CYS C 133 19.57 -4.37 27.94
N LEU C 134 18.77 -3.87 28.89
CA LEU C 134 17.80 -2.82 28.62
C LEU C 134 18.22 -1.53 29.30
N LEU C 135 18.22 -0.43 28.54
CA LEU C 135 18.52 0.90 29.04
C LEU C 135 17.24 1.72 29.04
N ASN C 136 16.92 2.34 30.17
CA ASN C 136 15.65 3.02 30.35
C ASN C 136 15.85 4.51 30.59
N ASN C 137 15.13 5.32 29.83
CA ASN C 137 14.95 6.74 30.10
C ASN C 137 16.28 7.48 30.25
N PHE C 138 16.98 7.60 29.14
CA PHE C 138 18.23 8.35 29.10
C PHE C 138 18.17 9.40 28.00
N TYR C 139 19.01 10.43 28.15
CA TYR C 139 19.16 11.48 27.18
C TYR C 139 20.57 12.04 27.34
N PRO C 140 21.28 12.30 26.24
CA PRO C 140 20.86 12.18 24.84
C PRO C 140 20.85 10.75 24.30
N ARG C 141 20.59 10.61 23.00
CA ARG C 141 20.46 9.28 22.40
C ARG C 141 21.77 8.52 22.39
N GLU C 142 22.90 9.22 22.32
CA GLU C 142 24.20 8.55 22.25
C GLU C 142 24.40 7.68 23.48
N ALA C 143 24.55 6.38 23.27
CA ALA C 143 24.77 5.43 24.35
C ALA C 143 25.53 4.23 23.78
N LYS C 144 26.52 3.76 24.53
CA LYS C 144 27.35 2.64 24.12
C LYS C 144 27.09 1.46 25.05
N VAL C 145 26.62 0.36 24.47
CA VAL C 145 26.44 -0.90 25.19
C VAL C 145 27.55 -1.84 24.75
N GLN C 146 28.34 -2.30 25.71
CA GLN C 146 29.48 -3.17 25.44
C GLN C 146 29.27 -4.48 26.16
N TRP C 147 29.30 -5.58 25.42
CA TRP C 147 29.10 -6.91 25.99
C TRP C 147 30.44 -7.51 26.38
N LYS C 148 30.52 -8.05 27.60
CA LYS C 148 31.72 -8.67 28.12
C LYS C 148 31.39 -10.07 28.60
N VAL C 149 32.08 -11.06 28.05
CA VAL C 149 31.95 -12.46 28.46
C VAL C 149 33.30 -12.90 29.02
N ASP C 150 33.35 -13.11 30.34
CA ASP C 150 34.59 -13.38 31.05
C ASP C 150 35.62 -12.29 30.75
N ASN C 151 35.16 -11.04 30.80
CA ASN C 151 35.92 -9.84 30.53
C ASN C 151 36.45 -9.78 29.10
N ALA C 152 36.00 -10.67 28.22
CA ALA C 152 36.35 -10.63 26.81
C ALA C 152 35.32 -9.77 26.08
N LEU C 153 35.74 -8.62 25.59
CA LEU C 153 34.83 -7.69 24.95
C LEU C 153 34.35 -8.25 23.62
N GLN C 154 33.04 -8.17 23.39
CA GLN C 154 32.40 -8.84 22.25
C GLN C 154 32.26 -7.91 21.05
N SER C 155 32.16 -8.52 19.88
CA SER C 155 31.91 -7.80 18.64
C SER C 155 31.34 -8.77 17.62
N GLY C 156 30.28 -8.35 16.93
CA GLY C 156 29.69 -9.14 15.87
C GLY C 156 28.66 -10.16 16.32
N ASN C 157 28.28 -10.17 17.59
CA ASN C 157 27.31 -11.13 18.10
C ASN C 157 26.19 -10.44 18.87
N SER C 158 25.90 -9.19 18.52
CA SER C 158 24.91 -8.41 19.24
C SER C 158 24.11 -7.55 18.27
N GLN C 159 22.94 -7.14 18.71
CA GLN C 159 22.09 -6.22 17.96
C GLN C 159 21.55 -5.17 18.92
N GLU C 160 21.36 -3.96 18.40
CA GLU C 160 20.95 -2.81 19.19
C GLU C 160 19.68 -2.22 18.60
N SER C 161 18.91 -1.56 19.46
CA SER C 161 17.66 -0.93 19.01
C SER C 161 17.29 0.18 19.99
N VAL C 162 16.98 1.35 19.45
CA VAL C 162 16.65 2.52 20.26
C VAL C 162 15.21 2.93 19.96
N THR C 163 14.45 3.23 21.01
CA THR C 163 13.09 3.72 20.86
C THR C 163 13.09 5.12 20.25
N GLU C 164 11.92 5.53 19.78
CA GLU C 164 11.70 6.93 19.49
C GLU C 164 11.69 7.72 20.79
N GLN C 165 11.90 9.03 20.69
CA GLN C 165 11.90 9.89 21.87
C GLN C 165 10.55 9.80 22.55
N ASP C 166 10.56 9.57 23.87
CA ASP C 166 9.33 9.35 24.61
C ASP C 166 8.43 10.58 24.57
N SER C 167 7.14 10.35 24.32
CA SER C 167 6.18 11.43 24.19
C SER C 167 5.89 12.14 25.50
N LYS C 168 6.43 11.67 26.62
CA LYS C 168 6.17 12.28 27.92
C LYS C 168 7.39 12.95 28.52
N ASP C 169 8.52 12.24 28.62
CA ASP C 169 9.72 12.79 29.25
C ASP C 169 10.87 12.98 28.26
N SER C 170 10.62 12.78 26.96
CA SER C 170 11.58 13.07 25.89
C SER C 170 12.87 12.28 26.03
N THR C 171 12.86 11.15 26.72
CA THR C 171 14.05 10.33 26.85
C THR C 171 14.02 9.18 25.85
N TYR C 172 15.14 8.46 25.80
CA TYR C 172 15.30 7.31 24.92
C TYR C 172 15.45 6.03 25.76
N SER C 173 15.08 4.91 25.16
CA SER C 173 15.31 3.61 25.74
C SER C 173 15.97 2.71 24.69
N LEU C 174 16.78 1.78 25.15
CA LEU C 174 17.60 0.94 24.28
C LEU C 174 17.48 -0.51 24.70
N SER C 175 17.53 -1.40 23.71
CA SER C 175 17.53 -2.84 23.94
C SER C 175 18.69 -3.45 23.15
N SER C 176 19.67 -3.98 23.86
CA SER C 176 20.81 -4.66 23.25
C SER C 176 20.73 -6.14 23.58
N THR C 177 20.82 -6.98 22.56
CA THR C 177 20.73 -8.43 22.71
C THR C 177 22.01 -9.07 22.19
N LEU C 178 22.70 -9.79 23.06
CA LEU C 178 23.89 -10.55 22.69
C LEU C 178 23.47 -12.00 22.47
N THR C 179 23.56 -12.46 21.23
CA THR C 179 23.08 -13.78 20.83
C THR C 179 24.26 -14.72 20.63
N LEU C 180 24.31 -15.79 21.42
CA LEU C 180 25.32 -16.83 21.28
C LEU C 180 24.63 -18.18 21.18
N SER C 181 25.36 -19.16 20.67
CA SER C 181 24.87 -20.53 20.71
C SER C 181 24.85 -21.05 22.14
N LYS C 182 24.02 -22.06 22.38
CA LYS C 182 24.00 -22.70 23.70
C LYS C 182 25.37 -23.25 24.07
N ALA C 183 26.13 -23.72 23.08
CA ALA C 183 27.46 -24.24 23.35
C ALA C 183 28.41 -23.15 23.83
N ASP C 184 28.48 -22.04 23.08
CA ASP C 184 29.37 -20.95 23.46
C ASP C 184 28.94 -20.29 24.77
N TYR C 185 27.65 -20.34 25.08
CA TYR C 185 27.18 -19.72 26.32
C TYR C 185 27.65 -20.48 27.55
N GLU C 186 27.58 -21.81 27.51
CA GLU C 186 27.99 -22.64 28.64
C GLU C 186 29.49 -22.80 28.74
N LYS C 187 30.26 -22.21 27.82
CA LYS C 187 31.72 -22.24 27.93
C LYS C 187 32.23 -21.21 28.93
N HIS C 188 31.48 -20.14 29.16
CA HIS C 188 31.94 -19.02 29.98
C HIS C 188 31.00 -18.81 31.16
N LYS C 189 31.47 -18.01 32.12
CA LYS C 189 30.81 -17.84 33.41
C LYS C 189 30.20 -16.46 33.59
N VAL C 190 30.98 -15.40 33.45
CA VAL C 190 30.51 -14.05 33.74
C VAL C 190 29.95 -13.41 32.47
N TYR C 191 28.77 -12.82 32.58
CA TYR C 191 28.11 -12.12 31.48
C TYR C 191 27.67 -10.75 31.96
N ALA C 192 28.04 -9.72 31.21
CA ALA C 192 27.77 -8.35 31.63
C ALA C 192 27.71 -7.43 30.43
N CYS C 193 26.87 -6.40 30.55
CA CYS C 193 26.85 -5.29 29.60
C CYS C 193 27.42 -4.05 30.29
N GLU C 194 28.39 -3.41 29.65
CA GLU C 194 29.00 -2.18 30.15
C GLU C 194 28.39 -0.99 29.43
N VAL C 195 27.67 -0.15 30.16
CA VAL C 195 26.92 0.95 29.58
C VAL C 195 27.68 2.25 29.82
N THR C 196 28.12 2.89 28.74
CA THR C 196 28.74 4.21 28.80
C THR C 196 27.75 5.25 28.29
N HIS C 197 27.49 6.26 29.11
CA HIS C 197 26.58 7.33 28.73
C HIS C 197 27.07 8.63 29.35
N GLN C 198 26.83 9.73 28.64
CA GLN C 198 27.29 11.04 29.10
C GLN C 198 26.78 11.36 30.49
N GLY C 199 25.55 10.94 30.79
CA GLY C 199 24.97 11.16 32.11
C GLY C 199 25.45 10.23 33.20
N LEU C 200 26.41 9.37 32.90
CA LEU C 200 27.00 8.46 33.89
C LEU C 200 28.42 8.90 34.19
N SER C 201 28.73 9.05 35.48
CA SER C 201 30.08 9.45 35.88
C SER C 201 31.11 8.46 35.38
N SER C 202 30.89 7.18 35.62
CA SER C 202 31.71 6.09 35.11
C SER C 202 30.80 5.04 34.50
N PRO C 203 31.31 4.23 33.57
CA PRO C 203 30.46 3.22 32.93
C PRO C 203 29.83 2.28 33.95
N VAL C 204 28.53 2.09 33.82
CA VAL C 204 27.77 1.19 34.69
C VAL C 204 27.75 -0.20 34.08
N THR C 205 28.00 -1.22 34.90
CA THR C 205 28.02 -2.60 34.45
C THR C 205 26.98 -3.39 35.22
N LYS C 206 26.11 -4.10 34.50
CA LYS C 206 25.17 -5.05 35.07
C LYS C 206 25.62 -6.45 34.68
N SER C 207 25.74 -7.34 35.67
CA SER C 207 26.43 -8.60 35.46
C SER C 207 25.70 -9.74 36.16
N PHE C 208 25.96 -10.95 35.68
CA PHE C 208 25.51 -12.17 36.32
C PHE C 208 26.43 -13.30 35.89
N ASN C 209 26.54 -14.32 36.74
CA ASN C 209 27.24 -15.55 36.41
C ASN C 209 26.24 -16.59 35.95
N ARG C 210 26.60 -17.35 34.92
CA ARG C 210 25.68 -18.31 34.33
C ARG C 210 25.26 -19.35 35.35
N GLY C 211 23.94 -19.52 35.50
CA GLY C 211 23.37 -20.52 36.38
C GLY C 211 22.93 -20.02 37.73
N GLU C 212 23.30 -18.80 38.12
CA GLU C 212 23.03 -18.29 39.45
C GLU C 212 21.86 -17.30 39.48
N CYS C 213 21.08 -17.20 38.41
CA CYS C 213 19.91 -16.33 38.41
C CYS C 213 18.69 -17.08 38.93
N GLN D 1 -19.24 6.38 12.49
CA GLN D 1 -18.10 7.22 12.15
C GLN D 1 -17.36 6.68 10.94
N LEU D 2 -16.76 7.57 10.16
CA LEU D 2 -16.08 7.19 8.93
C LEU D 2 -14.76 6.50 9.27
N GLN D 3 -14.58 5.27 8.81
CA GLN D 3 -13.37 4.50 9.03
C GLN D 3 -12.83 4.00 7.71
N LEU D 4 -11.51 4.04 7.57
CA LEU D 4 -10.80 3.51 6.41
C LEU D 4 -9.83 2.45 6.87
N GLN D 5 -9.73 1.36 6.13
CA GLN D 5 -8.87 0.24 6.49
C GLN D 5 -8.21 -0.31 5.24
N GLU D 6 -6.89 -0.30 5.22
CA GLU D 6 -6.14 -0.93 4.14
C GLU D 6 -6.01 -2.43 4.41
N SER D 7 -6.06 -3.21 3.34
CA SER D 7 -5.87 -4.64 3.45
C SER D 7 -5.20 -5.13 2.17
N GLY D 8 -4.54 -6.28 2.28
CA GLY D 8 -3.80 -6.83 1.17
C GLY D 8 -2.53 -7.51 1.63
N PRO D 9 -1.91 -8.27 0.73
CA PRO D 9 -0.69 -9.00 1.10
C PRO D 9 0.41 -8.06 1.60
N GLY D 10 1.08 -8.48 2.67
CA GLY D 10 2.19 -7.73 3.22
C GLY D 10 3.55 -8.06 2.63
N LEU D 11 3.64 -9.15 1.89
CA LEU D 11 4.88 -9.57 1.25
C LEU D 11 4.65 -9.71 -0.25
N VAL D 12 5.52 -9.07 -1.04
CA VAL D 12 5.48 -9.17 -2.49
C VAL D 12 6.90 -9.44 -2.97
N LYS D 13 7.05 -10.44 -3.81
CA LYS D 13 8.38 -10.69 -4.35
C LYS D 13 8.70 -9.65 -5.42
N PRO D 14 9.98 -9.32 -5.61
CA PRO D 14 10.34 -8.31 -6.61
C PRO D 14 9.78 -8.63 -7.98
N SER D 15 9.52 -7.57 -8.75
CA SER D 15 8.98 -7.63 -10.12
C SER D 15 7.52 -8.04 -10.15
N GLU D 16 6.97 -8.50 -9.03
CA GLU D 16 5.57 -8.87 -8.98
C GLU D 16 4.71 -7.61 -8.79
N THR D 17 3.39 -7.81 -8.72
CA THR D 17 2.45 -6.71 -8.59
C THR D 17 1.95 -6.61 -7.16
N LEU D 18 2.08 -5.43 -6.57
CA LEU D 18 1.46 -5.13 -5.29
C LEU D 18 -0.02 -4.86 -5.48
N SER D 19 -0.84 -5.44 -4.61
CA SER D 19 -2.29 -5.27 -4.68
C SER D 19 -2.82 -4.96 -3.30
N LEU D 20 -3.50 -3.82 -3.16
CA LEU D 20 -4.09 -3.42 -1.90
C LEU D 20 -5.53 -2.97 -2.12
N THR D 21 -6.34 -3.17 -1.08
CA THR D 21 -7.74 -2.75 -1.08
C THR D 21 -8.00 -1.92 0.17
N CYS D 22 -8.73 -0.82 0.00
CA CYS D 22 -9.18 -0.02 1.12
C CYS D 22 -10.68 -0.21 1.29
N SER D 23 -11.10 -0.55 2.50
CA SER D 23 -12.51 -0.69 2.84
C SER D 23 -12.97 0.59 3.53
N VAL D 24 -14.03 1.19 3.00
CA VAL D 24 -14.56 2.45 3.50
C VAL D 24 -15.91 2.17 4.15
N SER D 25 -16.04 2.54 5.43
CA SER D 25 -17.27 2.38 6.18
C SER D 25 -17.62 3.69 6.84
N GLY D 26 -18.89 4.07 6.77
CA GLY D 26 -19.34 5.37 7.25
C GLY D 26 -19.47 6.42 6.17
N GLU D 27 -19.34 6.05 4.91
CA GLU D 27 -19.33 6.98 3.78
C GLU D 27 -19.37 6.17 2.50
N SER D 28 -20.07 6.68 1.50
CA SER D 28 -20.12 6.03 0.19
C SER D 28 -19.02 6.59 -0.70
N ILE D 29 -18.20 5.70 -1.26
CA ILE D 29 -17.20 6.12 -2.25
C ILE D 29 -17.83 6.52 -3.57
N SER D 30 -19.08 6.16 -3.80
CA SER D 30 -19.82 6.63 -4.96
C SER D 30 -20.35 8.05 -4.79
N ASN D 31 -20.31 8.57 -3.57
CA ASN D 31 -20.72 9.96 -3.33
C ASN D 31 -19.79 10.90 -4.07
N SER D 32 -20.38 11.80 -4.87
CA SER D 32 -19.62 12.77 -5.64
C SER D 32 -18.91 13.80 -4.77
N ALA D 33 -19.21 13.84 -3.48
CA ALA D 33 -18.63 14.87 -2.62
C ALA D 33 -17.17 14.60 -2.30
N TYR D 34 -16.68 13.39 -2.52
CA TYR D 34 -15.35 13.02 -2.05
C TYR D 34 -14.59 12.25 -3.12
N TYR D 35 -13.26 12.33 -3.01
CA TYR D 35 -12.33 11.53 -3.77
C TYR D 35 -11.60 10.58 -2.82
N TRP D 36 -10.93 9.58 -3.38
CA TRP D 36 -10.29 8.55 -2.59
C TRP D 36 -8.92 8.24 -3.15
N ALA D 37 -7.90 8.30 -2.29
CA ALA D 37 -6.52 8.32 -2.73
C ALA D 37 -5.70 7.24 -2.02
N TRP D 38 -4.54 6.97 -2.60
CA TRP D 38 -3.54 6.08 -2.02
C TRP D 38 -2.26 6.86 -1.81
N ILE D 39 -1.71 6.78 -0.60
CA ILE D 39 -0.46 7.43 -0.25
C ILE D 39 0.44 6.37 0.39
N ARG D 40 1.74 6.47 0.14
CA ARG D 40 2.70 5.54 0.71
C ARG D 40 3.84 6.29 1.37
N GLN D 41 4.57 5.56 2.21
CA GLN D 41 5.72 6.12 2.93
C GLN D 41 6.72 5.00 3.13
N PRO D 42 7.79 4.96 2.34
CA PRO D 42 8.87 4.02 2.61
C PRO D 42 9.43 4.27 4.00
N PRO D 43 9.92 3.23 4.66
CA PRO D 43 10.46 3.41 6.03
C PRO D 43 11.56 4.45 6.06
N GLY D 44 11.42 5.41 6.97
CA GLY D 44 12.38 6.48 7.10
C GLY D 44 12.38 7.50 5.98
N LYS D 45 11.38 7.49 5.12
CA LYS D 45 11.30 8.38 3.97
C LYS D 45 10.05 9.26 4.07
N ALA D 46 9.89 10.13 3.07
CA ALA D 46 8.80 11.09 3.09
C ALA D 46 7.52 10.47 2.53
N LEU D 47 6.39 11.08 2.91
CA LEU D 47 5.10 10.69 2.34
C LEU D 47 5.10 10.92 0.84
N GLU D 48 4.40 10.05 0.12
CA GLU D 48 4.31 10.16 -1.33
C GLU D 48 2.91 9.75 -1.77
N TRP D 49 2.17 10.69 -2.32
CA TRP D 49 0.88 10.37 -2.90
C TRP D 49 1.07 9.55 -4.17
N ILE D 50 0.21 8.54 -4.35
CA ILE D 50 0.29 7.62 -5.48
C ILE D 50 -0.76 7.96 -6.54
N ALA D 51 -2.04 7.91 -6.17
CA ALA D 51 -3.11 8.13 -7.12
C ALA D 51 -4.39 8.44 -6.38
N THR D 52 -5.34 9.02 -7.10
CA THR D 52 -6.67 9.31 -6.59
C THR D 52 -7.69 8.86 -7.62
N VAL D 53 -8.82 8.33 -7.15
CA VAL D 53 -9.87 7.83 -8.02
C VAL D 53 -11.21 8.45 -7.60
N TYR D 54 -12.06 8.71 -8.58
CA TYR D 54 -13.35 9.35 -8.41
C TYR D 54 -14.45 8.39 -8.87
N TYR D 55 -15.67 8.64 -8.40
CA TYR D 55 -16.78 7.75 -8.74
C TYR D 55 -17.08 7.74 -10.23
N THR D 56 -16.74 8.82 -10.93
CA THR D 56 -16.90 8.85 -12.39
C THR D 56 -15.87 8.01 -13.12
N GLY D 57 -14.91 7.43 -12.40
CA GLY D 57 -13.78 6.79 -13.03
C GLY D 57 -12.63 7.72 -13.34
N ARG D 58 -12.78 9.01 -13.08
CA ARG D 58 -11.66 9.94 -13.21
C ARG D 58 -10.55 9.57 -12.24
N THR D 59 -9.32 9.58 -12.72
CA THR D 59 -8.17 9.23 -11.91
C THR D 59 -7.07 10.27 -12.06
N TYR D 60 -6.47 10.65 -10.95
CA TYR D 60 -5.24 11.43 -10.92
C TYR D 60 -4.10 10.51 -10.50
N HIS D 61 -2.92 10.73 -11.07
CA HIS D 61 -1.78 9.85 -10.84
C HIS D 61 -0.55 10.66 -10.51
N ASN D 62 0.24 10.16 -9.56
CA ASN D 62 1.60 10.63 -9.38
C ASN D 62 2.36 10.35 -10.67
N PRO D 63 2.96 11.35 -11.31
CA PRO D 63 3.59 11.11 -12.62
C PRO D 63 4.68 10.05 -12.59
N SER D 64 5.50 10.00 -11.54
CA SER D 64 6.58 9.03 -11.51
C SER D 64 6.11 7.60 -11.30
N LEU D 65 4.86 7.39 -10.90
CA LEU D 65 4.32 6.06 -10.68
C LEU D 65 3.20 5.68 -11.64
N LYS D 66 2.65 6.66 -12.39
CA LYS D 66 1.49 6.39 -13.23
C LYS D 66 1.70 5.19 -14.14
N SER D 67 2.93 5.02 -14.66
CA SER D 67 3.21 3.93 -15.58
C SER D 67 2.92 2.57 -14.95
N ARG D 68 3.16 2.43 -13.65
CA ARG D 68 3.06 1.14 -12.97
C ARG D 68 1.85 1.05 -12.04
N VAL D 69 0.92 2.00 -12.12
CA VAL D 69 -0.17 2.11 -11.15
C VAL D 69 -1.50 1.89 -11.84
N ALA D 70 -2.37 1.11 -11.19
CA ALA D 70 -3.78 1.02 -11.54
C ALA D 70 -4.59 1.24 -10.27
N ILE D 71 -5.42 2.28 -10.26
CA ILE D 71 -6.32 2.56 -9.15
C ILE D 71 -7.75 2.41 -9.66
N SER D 72 -8.59 1.73 -8.88
CA SER D 72 -9.92 1.39 -9.32
C SER D 72 -10.89 1.41 -8.15
N MET D 73 -12.18 1.41 -8.47
CA MET D 73 -13.24 1.55 -7.49
C MET D 73 -14.24 0.41 -7.64
N ASP D 74 -14.59 -0.22 -6.53
CA ASP D 74 -15.64 -1.24 -6.48
C ASP D 74 -16.74 -0.70 -5.56
N THR D 75 -17.75 -0.06 -6.16
CA THR D 75 -18.80 0.57 -5.37
C THR D 75 -19.66 -0.46 -4.65
N SER D 76 -19.83 -1.66 -5.23
CA SER D 76 -20.66 -2.68 -4.60
C SER D 76 -20.12 -3.06 -3.23
N LYS D 77 -18.79 -3.11 -3.09
CA LYS D 77 -18.16 -3.41 -1.82
C LYS D 77 -17.75 -2.15 -1.06
N ASN D 78 -18.00 -0.97 -1.62
CA ASN D 78 -17.55 0.29 -1.03
C ASN D 78 -16.06 0.26 -0.76
N GLN D 79 -15.30 -0.20 -1.75
CA GLN D 79 -13.86 -0.34 -1.67
C GLN D 79 -13.21 0.29 -2.89
N PHE D 80 -12.02 0.85 -2.68
CA PHE D 80 -11.16 1.26 -3.78
C PHE D 80 -9.78 0.63 -3.59
N SER D 81 -9.14 0.29 -4.70
CA SER D 81 -7.98 -0.59 -4.68
C SER D 81 -6.80 0.04 -5.41
N LEU D 82 -5.63 -0.51 -5.16
CA LEU D 82 -4.39 -0.05 -5.77
C LEU D 82 -3.59 -1.26 -6.24
N LYS D 83 -3.19 -1.23 -7.51
CA LYS D 83 -2.25 -2.18 -8.07
C LYS D 83 -0.99 -1.44 -8.47
N LEU D 84 0.17 -1.95 -8.05
CA LEU D 84 1.46 -1.36 -8.36
C LEU D 84 2.35 -2.47 -8.93
N ARG D 85 2.62 -2.40 -10.23
CA ARG D 85 3.29 -3.48 -10.94
C ARG D 85 4.81 -3.33 -10.85
N SER D 86 5.49 -4.45 -11.08
CA SER D 86 6.95 -4.51 -11.18
C SER D 86 7.61 -3.83 -9.99
N VAL D 87 7.29 -4.33 -8.80
CA VAL D 87 7.78 -3.69 -7.58
C VAL D 87 9.26 -3.98 -7.40
N THR D 88 9.98 -3.00 -6.86
CA THR D 88 11.37 -3.13 -6.46
C THR D 88 11.43 -2.98 -4.94
N ALA D 89 12.66 -2.99 -4.41
CA ALA D 89 12.83 -2.74 -2.98
C ALA D 89 12.42 -1.32 -2.62
N ALA D 90 12.50 -0.39 -3.58
CA ALA D 90 12.07 0.98 -3.36
C ALA D 90 10.56 1.08 -3.11
N ASP D 91 9.81 0.03 -3.41
CA ASP D 91 8.36 0.03 -3.20
C ASP D 91 7.97 -0.54 -1.84
N THR D 92 8.93 -1.00 -1.04
CA THR D 92 8.66 -1.34 0.35
C THR D 92 8.25 -0.08 1.10
N ALA D 93 7.04 -0.08 1.64
CA ALA D 93 6.50 1.13 2.24
C ALA D 93 5.24 0.77 3.03
N VAL D 94 4.86 1.67 3.93
CA VAL D 94 3.53 1.66 4.51
C VAL D 94 2.59 2.37 3.55
N TYR D 95 1.49 1.71 3.21
CA TYR D 95 0.55 2.24 2.22
C TYR D 95 -0.73 2.65 2.92
N TYR D 96 -1.11 3.91 2.76
CA TYR D 96 -2.31 4.48 3.37
C TYR D 96 -3.36 4.74 2.31
N CYS D 97 -4.62 4.52 2.67
CA CYS D 97 -5.73 5.06 1.90
C CYS D 97 -6.32 6.24 2.68
N ALA D 98 -6.90 7.18 1.93
CA ALA D 98 -7.40 8.40 2.55
C ALA D 98 -8.53 8.97 1.73
N ARG D 99 -9.40 9.72 2.40
CA ARG D 99 -10.44 10.50 1.74
C ARG D 99 -9.91 11.90 1.46
N THR D 100 -10.23 12.41 0.27
CA THR D 100 -9.85 13.77 -0.10
C THR D 100 -11.02 14.41 -0.82
N GLY D 101 -10.81 15.61 -1.35
CA GLY D 101 -11.90 16.42 -1.86
C GLY D 101 -12.79 16.90 -0.74
N ILE D 102 -12.19 17.40 0.34
CA ILE D 102 -12.94 17.65 1.57
C ILE D 102 -13.81 18.89 1.44
N VAL D 103 -13.25 19.99 0.95
CA VAL D 103 -13.99 21.24 0.84
C VAL D 103 -14.13 21.72 -0.61
N VAL D 104 -13.24 21.33 -1.52
CA VAL D 104 -13.36 21.72 -2.92
C VAL D 104 -13.70 20.49 -3.76
N THR D 105 -14.13 20.74 -4.99
CA THR D 105 -14.61 19.67 -5.87
C THR D 105 -13.48 18.85 -6.48
N THR D 106 -12.24 19.00 -5.98
CA THR D 106 -11.09 18.23 -6.45
C THR D 106 -10.25 17.85 -5.23
N PRO D 107 -9.28 16.94 -5.38
CA PRO D 107 -8.47 16.55 -4.21
C PRO D 107 -7.78 17.74 -3.56
N ASP D 108 -7.87 17.81 -2.22
CA ASP D 108 -7.26 18.89 -1.47
C ASP D 108 -6.30 18.34 -0.42
N TRP D 109 -6.83 17.85 0.70
CA TRP D 109 -6.04 17.21 1.73
C TRP D 109 -6.66 15.87 2.09
N PHE D 110 -5.96 15.12 2.92
CA PHE D 110 -6.32 13.75 3.25
C PHE D 110 -6.82 13.69 4.68
N ASP D 111 -8.08 13.26 4.84
CA ASP D 111 -8.74 13.13 6.13
C ASP D 111 -10.08 12.42 5.95
N PRO D 112 -10.29 11.27 6.60
CA PRO D 112 -9.31 10.62 7.46
C PRO D 112 -8.34 9.73 6.70
N TRP D 113 -7.39 9.12 7.41
CA TRP D 113 -6.47 8.14 6.85
C TRP D 113 -6.80 6.76 7.41
N GLY D 114 -6.39 5.74 6.66
CA GLY D 114 -6.38 4.39 7.18
C GLY D 114 -5.22 4.22 8.12
N PRO D 115 -5.19 3.11 8.87
CA PRO D 115 -4.04 2.86 9.75
C PRO D 115 -2.75 2.68 8.98
N GLY D 116 -2.82 2.24 7.73
CA GLY D 116 -1.63 1.98 6.94
C GLY D 116 -1.24 0.51 6.99
N ALA D 117 -1.01 -0.07 5.82
CA ALA D 117 -0.55 -1.45 5.70
C ALA D 117 0.88 -1.43 5.20
N LEU D 118 1.78 -2.04 5.96
CA LEU D 118 3.14 -2.21 5.46
C LEU D 118 3.17 -3.30 4.41
N VAL D 119 3.87 -3.04 3.32
CA VAL D 119 4.14 -4.03 2.29
C VAL D 119 5.64 -4.12 2.10
N THR D 120 6.22 -5.27 2.39
CA THR D 120 7.64 -5.50 2.20
C THR D 120 7.86 -6.21 0.86
N VAL D 121 8.73 -5.65 0.03
CA VAL D 121 9.08 -6.26 -1.24
C VAL D 121 10.32 -7.11 -1.02
N SER D 122 10.14 -8.43 -1.00
CA SER D 122 11.25 -9.34 -0.76
C SER D 122 10.89 -10.71 -1.30
N ALA D 123 11.89 -11.41 -1.84
CA ALA D 123 11.70 -12.80 -2.22
C ALA D 123 11.62 -13.71 -1.01
N ALA D 124 12.04 -13.23 0.16
CA ALA D 124 12.06 -14.07 1.35
C ALA D 124 10.64 -14.44 1.77
N SER D 125 10.56 -15.50 2.52
CA SER D 125 9.41 -16.12 3.14
C SER D 125 9.28 -15.64 4.59
N PRO D 126 8.06 -15.51 5.09
CA PRO D 126 7.90 -15.08 6.49
C PRO D 126 8.42 -16.13 7.45
N THR D 127 8.92 -15.65 8.59
CA THR D 127 9.35 -16.51 9.68
C THR D 127 8.67 -16.04 10.95
N SER D 128 7.94 -16.92 11.61
CA SER D 128 7.31 -16.54 12.86
C SER D 128 8.34 -16.53 13.98
N PRO D 129 8.20 -15.63 14.95
CA PRO D 129 9.21 -15.52 16.00
C PRO D 129 9.05 -16.59 17.08
N LYS D 130 10.13 -16.75 17.84
CA LYS D 130 10.09 -17.49 19.10
C LYS D 130 10.09 -16.48 20.24
N VAL D 131 9.10 -16.59 21.12
CA VAL D 131 8.91 -15.64 22.21
C VAL D 131 9.35 -16.31 23.51
N PHE D 132 10.28 -15.67 24.21
CA PHE D 132 10.85 -16.20 25.44
C PHE D 132 10.59 -15.24 26.59
N PRO D 133 10.18 -15.74 27.75
CA PRO D 133 10.01 -14.86 28.92
C PRO D 133 11.36 -14.49 29.53
N LEU D 134 11.46 -13.24 29.97
CA LEU D 134 12.72 -12.70 30.50
C LEU D 134 12.51 -12.29 31.95
N SER D 135 13.33 -12.85 32.84
CA SER D 135 13.31 -12.52 34.26
C SER D 135 14.55 -11.72 34.61
N LEU D 136 14.36 -10.62 35.34
CA LEU D 136 15.47 -9.76 35.72
C LEU D 136 16.43 -10.50 36.64
N CYS D 137 17.72 -10.43 36.34
CA CYS D 137 18.74 -11.00 37.21
C CYS D 137 19.51 -9.94 38.00
N SER D 138 19.58 -8.71 37.52
CA SER D 138 20.15 -7.62 38.30
C SER D 138 19.10 -7.11 39.28
N THR D 139 19.39 -5.99 39.95
CA THR D 139 18.53 -5.51 41.01
C THR D 139 17.29 -4.81 40.46
N GLN D 140 16.14 -5.09 41.08
CA GLN D 140 14.89 -4.48 40.70
C GLN D 140 14.89 -2.99 41.07
N PRO D 141 14.09 -2.18 40.39
CA PRO D 141 13.96 -0.78 40.78
C PRO D 141 13.04 -0.62 41.97
N ASP D 142 13.27 0.45 42.73
CA ASP D 142 12.57 0.66 43.99
C ASP D 142 11.07 0.84 43.74
N GLY D 143 10.26 0.04 44.43
CA GLY D 143 8.82 0.16 44.38
C GLY D 143 8.15 -0.53 43.22
N ASN D 144 8.86 -0.80 42.13
CA ASN D 144 8.28 -1.40 40.95
C ASN D 144 8.99 -2.71 40.61
N VAL D 145 8.40 -3.46 39.68
CA VAL D 145 8.93 -4.72 39.20
C VAL D 145 9.10 -4.61 37.70
N VAL D 146 10.24 -5.11 37.19
CA VAL D 146 10.53 -5.10 35.76
C VAL D 146 10.55 -6.54 35.26
N ILE D 147 9.75 -6.81 34.22
CA ILE D 147 9.80 -8.06 33.50
C ILE D 147 9.90 -7.74 32.01
N ALA D 148 10.23 -8.75 31.22
CA ALA D 148 10.41 -8.57 29.79
C ALA D 148 10.13 -9.90 29.09
N CYS D 149 10.07 -9.84 27.75
CA CYS D 149 9.99 -11.04 26.94
C CYS D 149 10.72 -10.77 25.62
N LEU D 150 11.42 -11.78 25.12
CA LEU D 150 12.26 -11.67 23.94
C LEU D 150 11.55 -12.25 22.73
N VAL D 151 11.46 -11.46 21.66
CA VAL D 151 10.82 -11.87 20.41
C VAL D 151 11.94 -12.03 19.39
N GLN D 152 12.33 -13.28 19.14
CA GLN D 152 13.55 -13.60 18.41
C GLN D 152 13.26 -14.20 17.05
N GLY D 153 14.00 -13.74 16.03
CA GLY D 153 14.04 -14.38 14.73
C GLY D 153 12.76 -14.39 13.94
N PHE D 154 12.34 -13.22 13.44
CA PHE D 154 11.12 -13.12 12.66
C PHE D 154 11.36 -12.28 11.41
N PHE D 155 10.52 -12.52 10.40
CA PHE D 155 10.54 -11.77 9.16
C PHE D 155 9.14 -11.82 8.56
N PRO D 156 8.61 -10.70 8.01
CA PRO D 156 9.29 -9.41 7.93
C PRO D 156 9.38 -8.74 9.29
N GLN D 157 10.19 -7.68 9.41
CA GLN D 157 10.36 -7.05 10.70
C GLN D 157 9.08 -6.41 11.21
N GLU D 158 8.13 -6.12 10.33
CA GLU D 158 6.86 -5.51 10.69
C GLU D 158 5.79 -6.06 9.76
N PRO D 159 4.51 -6.05 10.17
CA PRO D 159 3.99 -5.57 11.45
C PRO D 159 4.29 -6.51 12.61
N LEU D 160 4.68 -5.94 13.75
CA LEU D 160 4.92 -6.72 14.96
C LEU D 160 4.47 -5.90 16.16
N SER D 161 3.41 -6.34 16.83
CA SER D 161 2.91 -5.70 18.03
C SER D 161 3.17 -6.62 19.22
N VAL D 162 3.61 -6.01 20.32
CA VAL D 162 3.79 -6.72 21.59
C VAL D 162 3.02 -5.95 22.66
N THR D 163 2.03 -6.60 23.25
CA THR D 163 1.20 -6.01 24.29
C THR D 163 1.22 -6.91 25.52
N TRP D 164 0.93 -6.31 26.67
CA TRP D 164 0.98 -7.00 27.95
C TRP D 164 -0.40 -7.04 28.58
N SER D 165 -0.66 -8.09 29.36
CA SER D 165 -1.97 -8.26 29.99
C SER D 165 -2.19 -7.26 31.11
N GLU D 166 -1.13 -6.69 31.67
CA GLU D 166 -1.24 -5.68 32.71
C GLU D 166 -1.01 -4.31 32.07
N SER D 167 -2.06 -3.49 32.04
CA SER D 167 -1.94 -2.10 31.62
C SER D 167 -2.44 -1.19 32.72
N GLY D 168 -2.81 0.04 32.37
CA GLY D 168 -3.36 0.97 33.33
C GLY D 168 -2.31 1.85 33.97
N GLN D 169 -2.79 2.74 34.84
CA GLN D 169 -1.92 3.69 35.52
C GLN D 169 -0.86 2.97 36.33
N GLY D 170 0.35 3.53 36.34
CA GLY D 170 1.47 2.94 37.03
C GLY D 170 2.21 1.86 36.27
N VAL D 171 1.63 1.34 35.18
CA VAL D 171 2.24 0.29 34.39
C VAL D 171 2.79 0.91 33.11
N THR D 172 4.05 0.62 32.80
CA THR D 172 4.74 1.20 31.65
C THR D 172 5.31 0.08 30.80
N ALA D 173 4.94 0.07 29.52
CA ALA D 173 5.42 -0.94 28.57
C ALA D 173 6.31 -0.26 27.54
N ARG D 174 7.54 -0.75 27.40
CA ARG D 174 8.49 -0.24 26.43
C ARG D 174 8.71 -1.28 25.33
N ASN D 175 8.55 -0.85 24.09
CA ASN D 175 8.77 -1.71 22.93
C ASN D 175 9.90 -1.13 22.09
N PHE D 176 10.72 -2.03 21.55
CA PHE D 176 11.91 -1.59 20.86
C PHE D 176 11.84 -1.98 19.39
N PRO D 177 12.36 -1.15 18.49
CA PRO D 177 12.30 -1.45 17.06
C PRO D 177 13.01 -2.76 16.76
N PRO D 178 12.43 -3.58 15.88
CA PRO D 178 13.13 -4.81 15.47
C PRO D 178 14.47 -4.48 14.83
N SER D 179 15.50 -5.19 15.26
CA SER D 179 16.85 -5.03 14.72
C SER D 179 17.27 -6.33 14.05
N GLN D 180 18.01 -6.20 12.96
CA GLN D 180 18.47 -7.37 12.22
C GLN D 180 19.46 -8.16 13.08
N ASP D 181 19.26 -9.48 13.14
CA ASP D 181 20.18 -10.34 13.86
C ASP D 181 21.59 -10.21 13.29
N ALA D 182 22.59 -10.42 14.14
CA ALA D 182 23.97 -10.36 13.69
C ALA D 182 24.22 -11.34 12.56
N SER D 183 23.88 -12.61 12.76
CA SER D 183 23.94 -13.62 11.73
C SER D 183 22.53 -13.94 11.25
N GLY D 184 22.37 -14.09 9.94
CA GLY D 184 21.08 -14.39 9.35
C GLY D 184 20.37 -13.15 8.85
N ASP D 185 19.20 -13.39 8.25
CA ASP D 185 18.39 -12.33 7.68
C ASP D 185 17.16 -12.03 8.52
N LEU D 186 17.03 -12.61 9.69
CA LEU D 186 15.86 -12.42 10.53
C LEU D 186 16.04 -11.21 11.45
N TYR D 187 14.97 -10.86 12.15
CA TYR D 187 14.95 -9.74 13.07
C TYR D 187 14.58 -10.22 14.47
N THR D 188 15.00 -9.46 15.47
CA THR D 188 14.73 -9.75 16.86
C THR D 188 14.47 -8.45 17.60
N THR D 189 13.52 -8.47 18.53
CA THR D 189 13.28 -7.34 19.42
C THR D 189 12.95 -7.87 20.80
N SER D 190 12.73 -6.95 21.73
CA SER D 190 12.30 -7.27 23.08
C SER D 190 11.21 -6.29 23.50
N SER D 191 10.46 -6.69 24.52
CA SER D 191 9.43 -5.83 25.10
C SER D 191 9.63 -5.81 26.61
N GLN D 192 9.69 -4.62 27.18
CA GLN D 192 9.87 -4.45 28.61
C GLN D 192 8.56 -4.04 29.25
N LEU D 193 8.32 -4.52 30.46
CA LEU D 193 7.17 -4.11 31.25
C LEU D 193 7.64 -3.73 32.64
N THR D 194 7.29 -2.51 33.07
CA THR D 194 7.50 -2.05 34.43
C THR D 194 6.14 -1.81 35.05
N LEU D 195 5.84 -2.51 36.14
CA LEU D 195 4.58 -2.42 36.83
C LEU D 195 4.86 -2.35 38.33
N PRO D 196 3.98 -1.70 39.10
CA PRO D 196 4.22 -1.62 40.54
C PRO D 196 4.28 -3.00 41.16
N ALA D 197 5.20 -3.17 42.12
CA ALA D 197 5.28 -4.43 42.85
C ALA D 197 3.97 -4.78 43.53
N THR D 198 3.13 -3.78 43.80
CA THR D 198 1.78 -4.02 44.29
C THR D 198 0.99 -4.90 43.32
N GLN D 199 1.31 -4.85 42.03
CA GLN D 199 0.54 -5.55 41.01
C GLN D 199 1.21 -6.79 40.45
N CYS D 200 2.50 -7.01 40.74
CA CYS D 200 3.19 -8.22 40.31
C CYS D 200 3.50 -9.07 41.55
N LEU D 201 2.45 -9.64 42.12
CA LEU D 201 2.59 -10.48 43.30
C LEU D 201 3.30 -11.78 42.95
N ALA D 202 4.26 -12.16 43.77
CA ALA D 202 5.01 -13.40 43.55
C ALA D 202 4.05 -14.58 43.56
N GLY D 203 4.03 -15.32 42.45
CA GLY D 203 3.04 -16.37 42.24
C GLY D 203 2.19 -16.06 41.03
N LYS D 204 1.89 -14.77 40.83
CA LYS D 204 1.16 -14.34 39.65
C LYS D 204 2.12 -14.18 38.46
N SER D 205 1.54 -13.91 37.30
CA SER D 205 2.31 -13.83 36.07
C SER D 205 1.62 -12.86 35.11
N VAL D 206 2.44 -12.13 34.36
CA VAL D 206 1.95 -11.21 33.33
C VAL D 206 2.26 -11.80 31.97
N THR D 207 1.31 -11.69 31.05
CA THR D 207 1.43 -12.28 29.71
C THR D 207 1.88 -11.23 28.72
N CYS D 208 2.87 -11.57 27.89
CA CYS D 208 3.28 -10.73 26.77
C CYS D 208 2.67 -11.31 25.51
N HIS D 209 1.81 -10.51 24.86
CA HIS D 209 1.10 -10.92 23.66
C HIS D 209 1.88 -10.44 22.44
N VAL D 210 2.19 -11.36 21.53
CA VAL D 210 3.00 -11.06 20.36
C VAL D 210 2.20 -11.40 19.11
N LYS D 211 1.91 -10.38 18.31
CA LYS D 211 1.27 -10.57 17.01
C LYS D 211 2.24 -10.12 15.93
N HIS D 212 2.64 -11.05 15.07
CA HIS D 212 3.57 -10.80 13.99
C HIS D 212 2.92 -11.11 12.66
N TYR D 213 2.96 -10.13 11.74
CA TYR D 213 2.48 -10.33 10.37
C TYR D 213 1.02 -10.78 10.45
N THR D 214 0.60 -11.76 9.65
CA THR D 214 -0.68 -12.42 9.83
C THR D 214 -0.51 -13.81 10.44
N ASN D 215 0.63 -14.06 11.09
CA ASN D 215 0.88 -15.34 11.74
C ASN D 215 0.00 -15.48 12.98
N PRO D 216 -0.19 -16.71 13.47
CA PRO D 216 -1.02 -16.91 14.67
C PRO D 216 -0.49 -16.11 15.85
N SER D 217 -1.42 -15.60 16.66
CA SER D 217 -1.05 -14.85 17.85
C SER D 217 -0.28 -15.74 18.81
N GLN D 218 0.77 -15.18 19.41
CA GLN D 218 1.59 -15.87 20.40
C GLN D 218 1.48 -15.16 21.73
N ASP D 219 1.38 -15.94 22.80
CA ASP D 219 1.27 -15.40 24.15
C ASP D 219 2.21 -16.17 25.07
N VAL D 220 3.01 -15.45 25.83
CA VAL D 220 4.00 -16.07 26.72
C VAL D 220 3.80 -15.53 28.12
N THR D 221 3.69 -16.43 29.09
CA THR D 221 3.60 -16.06 30.49
C THR D 221 4.97 -15.65 31.01
N VAL D 222 5.04 -14.51 31.68
CA VAL D 222 6.26 -14.02 32.32
C VAL D 222 6.01 -13.96 33.81
N PRO D 223 6.86 -14.57 34.64
CA PRO D 223 6.54 -14.69 36.07
C PRO D 223 6.92 -13.46 36.86
N CYS D 224 6.05 -13.09 37.80
CA CYS D 224 6.40 -12.07 38.78
C CYS D 224 7.44 -12.63 39.74
N PRO D 225 8.51 -11.88 40.05
CA PRO D 225 9.60 -12.37 40.90
C PRO D 225 9.26 -12.32 42.38
N LEU E 2 -36.56 31.37 11.30
CA LEU E 2 -35.38 31.27 12.16
C LEU E 2 -34.98 32.64 12.69
N GLN E 3 -34.72 32.70 14.00
CA GLN E 3 -34.34 33.95 14.66
C GLN E 3 -33.10 33.72 15.50
N LEU E 4 -32.24 34.74 15.56
CA LEU E 4 -31.00 34.70 16.31
C LEU E 4 -30.98 35.87 17.28
N GLN E 5 -30.35 35.68 18.43
CA GLN E 5 -30.39 36.67 19.50
C GLN E 5 -29.06 36.73 20.23
N GLU E 6 -28.38 37.88 20.16
CA GLU E 6 -27.23 38.13 21.01
C GLU E 6 -27.69 38.35 22.45
N SER E 7 -26.96 37.77 23.39
CA SER E 7 -27.34 37.84 24.80
C SER E 7 -26.08 37.86 25.67
N GLY E 8 -25.25 38.87 25.49
CA GLY E 8 -24.13 39.08 26.36
C GLY E 8 -24.40 40.22 27.32
N PRO E 9 -23.36 40.79 27.91
CA PRO E 9 -23.52 42.06 28.62
C PRO E 9 -23.52 43.25 27.67
N GLY E 10 -23.04 44.39 28.16
CA GLY E 10 -22.89 45.57 27.32
C GLY E 10 -21.64 46.35 27.69
N LEU E 11 -20.98 45.97 28.78
CA LEU E 11 -19.81 46.67 29.28
C LEU E 11 -18.70 45.67 29.61
N VAL E 12 -17.46 46.14 29.49
CA VAL E 12 -16.27 45.35 29.79
C VAL E 12 -15.15 46.30 30.15
N LYS E 13 -14.09 45.76 30.77
CA LYS E 13 -13.00 46.59 31.26
C LYS E 13 -11.76 46.43 30.40
N PRO E 14 -10.93 47.47 30.30
CA PRO E 14 -9.74 47.40 29.45
C PRO E 14 -8.79 46.28 29.85
N SER E 15 -8.11 45.74 28.85
CA SER E 15 -7.11 44.67 29.00
C SER E 15 -7.71 43.39 29.56
N GLU E 16 -9.01 43.37 29.82
CA GLU E 16 -9.69 42.19 30.35
C GLU E 16 -10.21 41.32 29.21
N THR E 17 -11.27 40.56 29.48
CA THR E 17 -11.78 39.58 28.52
C THR E 17 -13.29 39.77 28.35
N LEU E 18 -13.72 39.91 27.11
CA LEU E 18 -15.12 40.06 26.75
C LEU E 18 -15.71 38.71 26.34
N SER E 19 -17.03 38.61 26.45
CA SER E 19 -17.71 37.37 26.09
C SER E 19 -19.17 37.65 25.77
N LEU E 20 -19.66 37.05 24.70
CA LEU E 20 -21.06 37.15 24.31
C LEU E 20 -21.58 35.74 24.01
N THR E 21 -22.92 35.62 23.98
CA THR E 21 -23.57 34.34 23.77
C THR E 21 -24.77 34.53 22.85
N CYS E 22 -24.91 33.64 21.88
CA CYS E 22 -26.00 33.68 20.92
C CYS E 22 -27.02 32.60 21.21
N SER E 23 -28.29 32.92 21.03
CA SER E 23 -29.38 31.97 21.21
C SER E 23 -30.13 31.84 19.89
N VAL E 24 -30.22 30.62 19.38
CA VAL E 24 -30.81 30.33 18.07
C VAL E 24 -32.15 29.64 18.29
N SER E 25 -33.09 29.88 17.38
CA SER E 25 -34.44 29.34 17.50
C SER E 25 -35.06 29.21 16.11
N GLY E 26 -35.31 27.98 15.67
CA GLY E 26 -35.90 27.74 14.36
C GLY E 26 -35.13 26.68 13.61
N GLU E 27 -33.88 26.50 13.99
CA GLU E 27 -33.03 25.43 13.49
C GLU E 27 -32.11 25.02 14.64
N SER E 28 -31.57 23.81 14.53
CA SER E 28 -30.55 23.37 15.47
C SER E 28 -29.19 23.81 14.94
N ILE E 29 -28.40 24.46 15.80
CA ILE E 29 -27.04 24.77 15.42
C ILE E 29 -26.28 23.48 15.11
N SER E 30 -26.59 22.41 15.82
CA SER E 30 -25.97 21.11 15.59
C SER E 30 -26.25 20.54 14.21
N ASN E 31 -27.16 21.16 13.45
CA ASN E 31 -27.41 20.71 12.08
C ASN E 31 -26.16 20.92 11.23
N SER E 32 -25.81 19.89 10.44
CA SER E 32 -24.60 19.94 9.63
C SER E 32 -24.69 20.92 8.48
N ALA E 33 -25.89 21.38 8.14
CA ALA E 33 -26.08 22.19 6.94
C ALA E 33 -25.59 23.63 7.11
N TYR E 34 -25.35 24.10 8.33
CA TYR E 34 -25.05 25.51 8.54
C TYR E 34 -23.89 25.68 9.51
N TYR E 35 -23.17 26.78 9.33
CA TYR E 35 -22.13 27.24 10.24
C TYR E 35 -22.65 28.46 11.00
N TRP E 36 -21.91 28.84 12.04
CA TRP E 36 -22.36 29.91 12.93
C TRP E 36 -21.18 30.80 13.26
N ALA E 37 -21.29 32.08 12.91
CA ALA E 37 -20.18 33.01 12.96
C ALA E 37 -20.52 34.20 13.85
N TRP E 38 -19.47 34.96 14.19
CA TRP E 38 -19.58 36.20 14.94
C TRP E 38 -18.95 37.30 14.11
N ILE E 39 -19.74 38.31 13.74
CA ILE E 39 -19.27 39.47 13.02
C ILE E 39 -19.44 40.68 13.93
N ARG E 40 -18.41 41.51 14.02
CA ARG E 40 -18.48 42.74 14.80
C ARG E 40 -18.31 43.94 13.88
N GLN E 41 -18.79 45.08 14.37
CA GLN E 41 -18.71 46.34 13.64
C GLN E 41 -18.44 47.46 14.63
N PRO E 42 -17.21 47.96 14.69
CA PRO E 42 -16.95 49.14 15.51
C PRO E 42 -17.81 50.30 15.03
N PRO E 43 -18.14 51.23 15.93
CA PRO E 43 -19.00 52.35 15.54
C PRO E 43 -18.36 53.15 14.41
N GLY E 44 -19.11 53.30 13.31
CA GLY E 44 -18.63 54.03 12.17
C GLY E 44 -17.54 53.36 11.38
N LYS E 45 -17.28 52.08 11.61
CA LYS E 45 -16.25 51.34 10.90
C LYS E 45 -16.87 50.15 10.17
N ALA E 46 -16.04 49.47 9.38
CA ALA E 46 -16.52 48.39 8.53
C ALA E 46 -16.88 47.17 9.35
N LEU E 47 -17.65 46.27 8.71
CA LEU E 47 -17.92 44.97 9.30
C LEU E 47 -16.64 44.15 9.33
N GLU E 48 -16.48 43.35 10.39
CA GLU E 48 -15.34 42.46 10.51
C GLU E 48 -15.82 41.11 11.03
N TRP E 49 -15.74 40.09 10.19
CA TRP E 49 -15.99 38.74 10.66
C TRP E 49 -14.89 38.32 11.62
N ILE E 50 -15.28 37.65 12.70
CA ILE E 50 -14.32 37.30 13.76
C ILE E 50 -13.99 35.82 13.68
N ALA E 51 -15.00 34.97 13.84
CA ALA E 51 -14.76 33.53 13.87
C ALA E 51 -16.06 32.81 13.55
N THR E 52 -15.91 31.56 13.12
CA THR E 52 -17.03 30.70 12.77
C THR E 52 -16.84 29.35 13.45
N VAL E 53 -17.94 28.75 13.91
CA VAL E 53 -17.90 27.45 14.57
C VAL E 53 -18.78 26.48 13.81
N TYR E 54 -18.42 25.20 13.89
CA TYR E 54 -19.15 24.11 13.28
C TYR E 54 -19.50 23.09 14.36
N TYR E 55 -20.51 22.27 14.10
CA TYR E 55 -20.95 21.30 15.10
C TYR E 55 -19.86 20.28 15.42
N THR E 56 -18.99 19.99 14.45
CA THR E 56 -17.88 19.07 14.68
C THR E 56 -16.80 19.66 15.58
N GLY E 57 -16.91 20.93 15.95
CA GLY E 57 -15.84 21.63 16.62
C GLY E 57 -14.90 22.36 15.68
N ARG E 58 -15.11 22.24 14.38
CA ARG E 58 -14.36 23.02 13.41
C ARG E 58 -14.55 24.51 13.68
N THR E 59 -13.45 25.25 13.66
CA THR E 59 -13.48 26.69 13.92
C THR E 59 -12.58 27.42 12.94
N TYR E 60 -13.16 28.40 12.25
CA TYR E 60 -12.40 29.33 11.42
C TYR E 60 -12.23 30.64 12.18
N HIS E 61 -11.02 31.19 12.15
CA HIS E 61 -10.70 32.42 12.86
C HIS E 61 -10.24 33.50 11.90
N ASN E 62 -10.56 34.74 12.23
CA ASN E 62 -9.96 35.87 11.53
C ASN E 62 -8.51 36.01 11.98
N PRO E 63 -7.55 36.06 11.04
CA PRO E 63 -6.15 36.23 11.45
C PRO E 63 -5.91 37.45 12.31
N SER E 64 -6.67 38.53 12.10
CA SER E 64 -6.49 39.75 12.87
C SER E 64 -6.83 39.57 14.34
N LEU E 65 -7.55 38.51 14.70
CA LEU E 65 -7.99 38.31 16.08
C LEU E 65 -7.73 36.90 16.58
N LYS E 66 -7.04 36.06 15.81
CA LYS E 66 -6.97 34.64 16.12
C LYS E 66 -6.42 34.37 17.51
N SER E 67 -5.47 35.19 17.96
CA SER E 67 -4.82 34.92 19.24
C SER E 67 -5.74 35.26 20.41
N ARG E 68 -6.46 36.37 20.33
CA ARG E 68 -7.28 36.85 21.43
C ARG E 68 -8.70 36.29 21.42
N VAL E 69 -9.06 35.48 20.43
CA VAL E 69 -10.44 35.05 20.25
C VAL E 69 -10.56 33.56 20.49
N ALA E 70 -11.74 33.17 20.97
CA ALA E 70 -12.13 31.78 21.11
C ALA E 70 -13.64 31.69 20.93
N ILE E 71 -14.09 30.72 20.15
CA ILE E 71 -15.50 30.55 19.82
C ILE E 71 -15.92 29.13 20.18
N SER E 72 -17.08 29.00 20.81
CA SER E 72 -17.58 27.71 21.29
C SER E 72 -18.98 27.46 20.74
N MET E 73 -19.59 26.36 21.17
CA MET E 73 -20.89 25.95 20.66
C MET E 73 -21.48 24.92 21.62
N ASP E 74 -22.21 25.41 22.63
CA ASP E 74 -22.94 24.55 23.55
C ASP E 74 -24.20 24.09 22.83
N THR E 75 -24.07 23.00 22.06
CA THR E 75 -25.20 22.46 21.32
C THR E 75 -26.34 22.01 22.23
N SER E 76 -26.10 21.87 23.54
CA SER E 76 -27.17 21.53 24.47
C SER E 76 -28.22 22.64 24.52
N LYS E 77 -27.80 23.87 24.81
CA LYS E 77 -28.71 25.00 24.89
C LYS E 77 -29.01 25.62 23.53
N ASN E 78 -28.55 25.00 22.44
CA ASN E 78 -28.64 25.57 21.10
C ASN E 78 -28.08 26.99 21.09
N GLN E 79 -26.91 27.14 21.71
CA GLN E 79 -26.31 28.45 21.95
C GLN E 79 -24.80 28.36 21.73
N PHE E 80 -24.30 29.09 20.74
CA PHE E 80 -22.86 29.22 20.53
C PHE E 80 -22.38 30.55 21.07
N SER E 81 -21.18 30.54 21.66
CA SER E 81 -20.65 31.67 22.40
C SER E 81 -19.39 32.21 21.74
N LEU E 82 -18.92 33.34 22.26
CA LEU E 82 -17.72 34.00 21.76
C LEU E 82 -17.00 34.64 22.94
N LYS E 83 -15.68 34.64 22.89
CA LYS E 83 -14.87 35.23 23.95
C LYS E 83 -13.63 35.87 23.34
N LEU E 84 -13.51 37.18 23.52
CA LEU E 84 -12.30 37.93 23.17
C LEU E 84 -11.48 38.20 24.44
N ARG E 85 -10.22 38.56 24.24
CA ARG E 85 -9.31 38.77 25.36
C ARG E 85 -8.43 39.99 25.07
N SER E 86 -7.71 40.42 26.11
CA SER E 86 -6.84 41.59 26.05
C SER E 86 -7.57 42.78 25.46
N VAL E 87 -8.85 42.91 25.80
CA VAL E 87 -9.77 43.86 25.17
C VAL E 87 -9.27 45.29 25.30
N THR E 88 -8.81 45.86 24.19
CA THR E 88 -8.40 47.26 24.14
C THR E 88 -9.54 48.12 23.64
N ALA E 89 -9.23 49.36 23.28
CA ALA E 89 -10.25 50.28 22.78
C ALA E 89 -10.74 49.91 21.38
N ALA E 90 -9.93 49.19 20.61
CA ALA E 90 -10.30 48.80 19.25
C ALA E 90 -11.29 47.63 19.22
N ASP E 91 -11.90 47.29 20.35
CA ASP E 91 -12.80 46.14 20.41
C ASP E 91 -14.21 46.48 20.87
N THR E 92 -14.48 47.74 21.24
CA THR E 92 -15.87 48.12 21.48
C THR E 92 -16.60 48.21 20.15
N ALA E 93 -17.68 47.45 20.02
CA ALA E 93 -18.35 47.30 18.74
C ALA E 93 -19.72 46.69 18.97
N VAL E 94 -20.55 46.76 17.94
CA VAL E 94 -21.79 45.97 17.89
C VAL E 94 -21.42 44.59 17.38
N TYR E 95 -21.61 43.58 18.24
CA TYR E 95 -21.27 42.21 17.90
C TYR E 95 -22.52 41.48 17.39
N TYR E 96 -22.40 40.84 16.24
CA TYR E 96 -23.52 40.23 15.55
C TYR E 96 -23.34 38.72 15.47
N CYS E 97 -24.47 38.01 15.50
CA CYS E 97 -24.55 36.60 15.16
C CYS E 97 -24.92 36.45 13.69
N ALA E 98 -24.60 35.27 13.14
CA ALA E 98 -25.03 34.99 11.78
C ALA E 98 -24.96 33.50 11.51
N ARG E 99 -25.93 33.02 10.76
CA ARG E 99 -25.90 31.67 10.19
C ARG E 99 -25.27 31.75 8.81
N THR E 100 -24.20 31.00 8.60
CA THR E 100 -23.53 30.96 7.30
C THR E 100 -23.45 29.50 6.83
N GLY E 101 -22.72 29.28 5.74
CA GLY E 101 -22.76 28.01 5.07
C GLY E 101 -24.14 27.76 4.52
N ILE E 102 -24.67 28.75 3.79
CA ILE E 102 -26.05 28.73 3.34
C ILE E 102 -26.21 27.79 2.14
N VAL E 103 -25.25 27.79 1.22
CA VAL E 103 -25.32 26.98 0.01
C VAL E 103 -24.05 26.16 -0.11
N VAL E 104 -22.90 26.79 0.12
CA VAL E 104 -21.63 26.09 0.10
C VAL E 104 -21.50 25.21 1.34
N THR E 105 -20.69 24.15 1.22
CA THR E 105 -20.41 23.28 2.36
C THR E 105 -19.44 23.92 3.35
N THR E 106 -19.06 25.17 3.13
CA THR E 106 -18.19 25.94 4.00
C THR E 106 -18.73 27.37 4.05
N PRO E 107 -18.34 28.16 5.04
CA PRO E 107 -18.90 29.51 5.19
C PRO E 107 -18.89 30.30 3.89
N ASP E 108 -20.05 30.87 3.54
CA ASP E 108 -20.19 31.64 2.31
C ASP E 108 -20.70 33.05 2.61
N TRP E 109 -21.97 33.22 2.92
CA TRP E 109 -22.53 34.51 3.31
C TRP E 109 -23.37 34.33 4.57
N PHE E 110 -23.80 35.46 5.12
CA PHE E 110 -24.46 35.49 6.42
C PHE E 110 -25.93 35.83 6.23
N ASP E 111 -26.80 34.90 6.64
CA ASP E 111 -28.25 35.06 6.52
C ASP E 111 -28.96 33.96 7.30
N PRO E 112 -29.82 34.30 8.27
CA PRO E 112 -30.01 35.69 8.74
C PRO E 112 -29.03 36.08 9.85
N TRP E 113 -29.19 37.29 10.40
CA TRP E 113 -28.35 37.80 11.48
C TRP E 113 -29.16 37.95 12.75
N GLY E 114 -28.45 38.26 13.83
CA GLY E 114 -29.08 38.71 15.05
C GLY E 114 -29.21 40.21 15.04
N PRO E 115 -30.03 40.77 15.95
CA PRO E 115 -30.17 42.23 15.99
C PRO E 115 -28.87 42.96 16.29
N GLY E 116 -27.96 42.33 17.04
CA GLY E 116 -26.73 42.96 17.44
C GLY E 116 -26.75 43.37 18.90
N ALA E 117 -25.55 43.52 19.46
CA ALA E 117 -25.40 43.92 20.86
C ALA E 117 -24.14 44.75 20.98
N LEU E 118 -24.29 46.03 21.32
CA LEU E 118 -23.13 46.88 21.55
C LEU E 118 -22.48 46.54 22.87
N VAL E 119 -21.17 46.28 22.84
CA VAL E 119 -20.38 46.01 24.03
C VAL E 119 -19.29 47.08 24.10
N THR E 120 -19.36 47.91 25.15
CA THR E 120 -18.44 49.02 25.31
C THR E 120 -17.32 48.66 26.28
N VAL E 121 -16.12 49.14 26.01
CA VAL E 121 -14.97 48.84 26.86
C VAL E 121 -14.63 50.01 27.77
N ALA E 124 -15.33 52.51 33.18
CA ALA E 124 -16.43 53.02 33.98
C ALA E 124 -17.53 51.98 34.14
N SER E 125 -18.55 52.34 34.92
CA SER E 125 -19.69 51.52 35.29
C SER E 125 -20.96 52.30 34.98
N PRO E 126 -22.07 51.63 34.70
CA PRO E 126 -23.21 52.32 34.07
C PRO E 126 -23.83 53.39 34.95
N THR E 127 -24.78 54.11 34.35
CA THR E 127 -25.48 55.20 35.03
C THR E 127 -26.87 55.32 34.40
N SER E 128 -27.91 55.12 35.21
CA SER E 128 -29.27 55.29 34.73
C SER E 128 -29.51 56.76 34.37
N PRO E 129 -30.36 57.04 33.40
CA PRO E 129 -30.64 58.42 33.01
C PRO E 129 -31.75 59.04 33.83
N LYS E 130 -31.72 60.37 33.87
CA LYS E 130 -32.78 61.17 34.49
C LYS E 130 -33.64 61.74 33.37
N VAL E 131 -34.89 61.29 33.31
CA VAL E 131 -35.80 61.65 32.22
C VAL E 131 -36.68 62.80 32.69
N PHE E 132 -36.78 63.85 31.87
CA PHE E 132 -37.53 65.05 32.20
C PHE E 132 -38.50 65.39 31.09
N PRO E 133 -39.74 65.74 31.43
CA PRO E 133 -40.72 66.14 30.41
C PRO E 133 -40.46 67.56 29.94
N LEU E 134 -40.39 67.74 28.63
CA LEU E 134 -40.18 69.05 28.02
C LEU E 134 -41.46 69.48 27.30
N SER E 135 -41.79 70.75 27.43
CA SER E 135 -42.95 71.34 26.76
C SER E 135 -42.51 72.53 25.94
N LEU E 136 -43.20 72.75 24.83
CA LEU E 136 -42.80 73.81 23.90
C LEU E 136 -43.16 75.19 24.48
N CYS E 137 -42.16 76.06 24.59
CA CYS E 137 -42.36 77.45 24.94
C CYS E 137 -42.48 78.34 23.71
N SER E 138 -42.21 77.82 22.53
CA SER E 138 -42.29 78.58 21.29
C SER E 138 -43.68 78.41 20.67
N THR E 139 -43.81 78.70 19.38
CA THR E 139 -45.09 78.60 18.69
C THR E 139 -45.25 77.18 18.14
N GLN E 140 -46.34 76.53 18.53
CA GLN E 140 -46.58 75.17 18.07
C GLN E 140 -47.08 75.16 16.63
N PRO E 141 -46.72 74.14 15.86
CA PRO E 141 -47.04 74.14 14.42
C PRO E 141 -48.54 74.13 14.17
N ASP E 142 -48.90 74.55 12.96
CA ASP E 142 -50.29 74.71 12.59
C ASP E 142 -51.03 73.38 12.65
N GLY E 143 -52.02 73.30 13.55
CA GLY E 143 -52.81 72.09 13.69
C GLY E 143 -52.12 70.94 14.37
N ASN E 144 -50.95 71.16 14.96
CA ASN E 144 -50.19 70.08 15.57
C ASN E 144 -49.63 70.56 16.92
N VAL E 145 -49.15 69.60 17.71
CA VAL E 145 -48.60 69.85 19.03
C VAL E 145 -47.31 69.07 19.16
N VAL E 146 -46.24 69.75 19.59
CA VAL E 146 -44.92 69.14 19.73
C VAL E 146 -44.58 69.06 21.21
N ILE E 147 -44.27 67.85 21.68
CA ILE E 147 -43.78 67.62 23.03
C ILE E 147 -42.43 66.91 22.93
N ALA E 148 -41.74 66.83 24.06
CA ALA E 148 -40.39 66.29 24.07
C ALA E 148 -40.09 65.63 25.40
N CYS E 149 -39.07 64.78 25.39
CA CYS E 149 -38.55 64.10 26.57
C CYS E 149 -37.03 64.21 26.56
N LEU E 150 -36.46 64.67 27.67
CA LEU E 150 -35.02 64.80 27.81
C LEU E 150 -34.48 63.63 28.62
N VAL E 151 -33.69 62.78 27.98
CA VAL E 151 -33.04 61.65 28.63
C VAL E 151 -31.61 62.11 28.95
N GLN E 152 -31.38 62.52 30.18
CA GLN E 152 -30.13 63.17 30.57
C GLN E 152 -29.27 62.23 31.41
N GLY E 153 -27.97 62.24 31.12
CA GLY E 153 -26.99 61.55 31.94
C GLY E 153 -27.14 60.05 32.00
N PHE E 154 -26.72 59.36 30.94
CA PHE E 154 -26.74 57.91 30.92
C PHE E 154 -25.44 57.40 30.33
N PHE E 155 -25.06 56.18 30.72
CA PHE E 155 -23.87 55.56 30.19
C PHE E 155 -24.12 54.06 30.18
N PRO E 156 -23.76 53.37 29.10
CA PRO E 156 -23.26 53.93 27.85
C PRO E 156 -24.39 54.39 26.95
N GLN E 157 -24.05 54.83 25.74
CA GLN E 157 -25.04 55.39 24.83
C GLN E 157 -26.04 54.36 24.34
N GLU E 158 -25.68 53.08 24.36
CA GLU E 158 -26.54 52.02 23.86
C GLU E 158 -26.46 50.82 24.79
N PRO E 159 -27.55 50.04 24.90
CA PRO E 159 -28.81 50.19 24.19
C PRO E 159 -29.73 51.25 24.80
N LEU E 160 -30.64 51.79 23.98
CA LEU E 160 -31.60 52.78 24.44
C LEU E 160 -32.84 52.71 23.58
N SER E 161 -34.01 52.68 24.22
CA SER E 161 -35.29 52.75 23.54
C SER E 161 -36.15 53.82 24.20
N VAL E 162 -36.70 54.72 23.38
CA VAL E 162 -37.67 55.72 23.84
C VAL E 162 -38.90 55.59 22.97
N THR E 163 -40.05 55.31 23.60
CA THR E 163 -41.32 55.20 22.91
C THR E 163 -42.32 56.14 23.58
N TRP E 164 -43.41 56.41 22.87
CA TRP E 164 -44.46 57.29 23.38
C TRP E 164 -45.79 56.55 23.37
N SER E 165 -46.76 57.13 24.10
CA SER E 165 -48.07 56.50 24.24
C SER E 165 -48.86 56.60 22.94
N GLU E 166 -48.92 57.79 22.35
CA GLU E 166 -49.66 57.98 21.11
C GLU E 166 -48.84 57.50 19.91
N SER E 167 -49.55 57.10 18.86
CA SER E 167 -48.92 56.58 17.65
C SER E 167 -49.97 56.54 16.54
N GLY E 168 -49.47 56.56 15.30
CA GLY E 168 -50.30 56.34 14.13
C GLY E 168 -50.33 57.56 13.22
N GLN E 169 -51.53 57.86 12.75
CA GLN E 169 -51.83 58.98 11.88
C GLN E 169 -51.31 60.31 12.43
N GLY E 170 -50.50 61.02 11.66
CA GLY E 170 -50.11 62.37 12.06
C GLY E 170 -49.19 62.41 13.26
N VAL E 171 -48.92 61.24 13.84
CA VAL E 171 -47.99 61.12 14.95
C VAL E 171 -46.60 60.84 14.39
N THR E 172 -45.66 61.73 14.68
CA THR E 172 -44.28 61.57 14.24
C THR E 172 -43.37 61.57 15.46
N ALA E 173 -42.63 60.50 15.64
CA ALA E 173 -41.67 60.36 16.73
C ALA E 173 -40.26 60.49 16.18
N ARG E 174 -39.45 61.35 16.80
CA ARG E 174 -38.09 61.60 16.38
C ARG E 174 -37.14 61.31 17.54
N ASN E 175 -36.19 60.42 17.30
CA ASN E 175 -35.19 60.05 18.29
C ASN E 175 -33.81 60.44 17.79
N PHE E 176 -32.96 60.91 18.69
CA PHE E 176 -31.67 61.43 18.30
C PHE E 176 -30.55 60.60 18.89
N PRO E 177 -29.43 60.46 18.18
CA PRO E 177 -28.31 59.70 18.72
C PRO E 177 -27.81 60.33 20.00
N PRO E 178 -27.31 59.52 20.94
CA PRO E 178 -26.77 60.08 22.17
C PRO E 178 -25.45 60.79 21.91
N SER E 179 -25.32 61.98 22.48
CA SER E 179 -24.13 62.80 22.35
C SER E 179 -23.40 62.86 23.69
N GLN E 180 -22.07 62.87 23.62
CA GLN E 180 -21.27 63.01 24.83
C GLN E 180 -21.48 64.39 25.43
N ASP E 181 -21.72 64.44 26.75
CA ASP E 181 -21.98 65.70 27.42
C ASP E 181 -20.73 66.57 27.39
N ALA E 182 -20.96 67.89 27.39
CA ALA E 182 -19.85 68.85 27.36
C ALA E 182 -18.92 68.65 28.54
N SER E 183 -19.46 68.73 29.75
CA SER E 183 -18.71 68.42 30.97
C SER E 183 -19.15 67.04 31.45
N GLY E 184 -18.17 66.15 31.65
CA GLY E 184 -18.44 64.81 32.10
C GLY E 184 -18.35 63.79 30.98
N ASP E 185 -18.22 62.53 31.37
CA ASP E 185 -18.15 61.41 30.44
C ASP E 185 -19.50 60.69 30.31
N LEU E 186 -20.60 61.42 30.49
CA LEU E 186 -21.93 60.87 30.36
C LEU E 186 -22.50 61.23 28.98
N TYR E 187 -23.68 60.69 28.69
CA TYR E 187 -24.34 60.94 27.42
C TYR E 187 -25.73 61.52 27.66
N THR E 188 -26.22 62.27 26.68
CA THR E 188 -27.52 62.91 26.77
C THR E 188 -28.16 62.93 25.38
N THR E 189 -29.45 62.62 25.34
CA THR E 189 -30.21 62.65 24.10
C THR E 189 -31.62 63.14 24.40
N SER E 190 -32.40 63.34 23.34
CA SER E 190 -33.77 63.80 23.45
C SER E 190 -34.66 62.91 22.58
N SER E 191 -35.97 63.11 22.74
CA SER E 191 -36.95 62.44 21.89
C SER E 191 -38.14 63.36 21.71
N GLN E 192 -38.60 63.48 20.46
CA GLN E 192 -39.65 64.41 20.10
C GLN E 192 -40.86 63.65 19.57
N LEU E 193 -42.04 64.20 19.81
CA LEU E 193 -43.28 63.60 19.33
C LEU E 193 -44.25 64.69 18.90
N THR E 194 -44.76 64.58 17.68
CA THR E 194 -45.63 65.57 17.08
C THR E 194 -47.00 64.95 16.83
N LEU E 195 -48.00 65.41 17.58
CA LEU E 195 -49.38 64.95 17.48
C LEU E 195 -50.21 65.89 16.63
N PRO E 196 -51.33 65.42 16.09
CA PRO E 196 -52.36 66.35 15.64
C PRO E 196 -52.97 67.07 16.84
N ALA E 197 -53.33 68.33 16.62
CA ALA E 197 -53.96 69.10 17.70
C ALA E 197 -55.25 68.44 18.16
N THR E 198 -55.93 67.72 17.27
CA THR E 198 -57.12 67.00 17.66
C THR E 198 -56.79 65.79 18.54
N GLN E 199 -55.58 65.25 18.41
CA GLN E 199 -55.20 64.06 19.15
C GLN E 199 -54.68 64.36 20.56
N CYS E 200 -54.52 65.62 20.93
CA CYS E 200 -54.12 65.95 22.30
C CYS E 200 -54.78 67.27 22.69
N LEU E 201 -56.01 67.18 23.17
CA LEU E 201 -56.68 68.33 23.75
C LEU E 201 -56.19 68.56 25.18
N ALA E 202 -56.59 69.69 25.75
CA ALA E 202 -56.16 70.05 27.10
C ALA E 202 -56.64 69.01 28.10
N GLY E 203 -55.78 68.72 29.08
CA GLY E 203 -56.09 67.72 30.07
C GLY E 203 -55.45 66.37 29.76
N LYS E 204 -55.44 66.02 28.48
CA LYS E 204 -54.79 64.79 28.06
C LYS E 204 -53.29 64.87 28.27
N SER E 205 -52.66 63.70 28.33
CA SER E 205 -51.22 63.63 28.57
C SER E 205 -50.65 62.43 27.82
N VAL E 206 -49.39 62.55 27.40
CA VAL E 206 -48.69 61.48 26.71
C VAL E 206 -47.44 61.14 27.50
N THR E 207 -47.15 59.85 27.61
CA THR E 207 -46.01 59.35 28.37
C THR E 207 -44.94 58.84 27.43
N CYS E 208 -43.68 59.06 27.80
CA CYS E 208 -42.53 58.52 27.09
C CYS E 208 -41.84 57.49 27.98
N HIS E 209 -41.62 56.29 27.44
CA HIS E 209 -41.00 55.20 28.17
C HIS E 209 -39.55 55.05 27.72
N VAL E 210 -38.63 55.15 28.66
CA VAL E 210 -37.20 55.13 28.37
C VAL E 210 -36.60 53.86 28.97
N LYS E 211 -36.14 52.96 28.10
CA LYS E 211 -35.44 51.76 28.51
C LYS E 211 -33.97 51.91 28.14
N HIS E 212 -33.10 51.83 29.14
CA HIS E 212 -31.66 51.99 28.95
C HIS E 212 -30.93 50.87 29.66
N TYR E 213 -30.04 50.19 28.94
CA TYR E 213 -29.24 49.09 29.47
C TYR E 213 -30.10 48.03 30.13
N THR E 214 -29.61 47.45 31.23
CA THR E 214 -30.38 46.48 32.00
C THR E 214 -31.39 47.16 32.92
N ASN E 215 -31.31 48.48 33.08
CA ASN E 215 -32.20 49.20 33.98
C ASN E 215 -33.65 49.07 33.49
N PRO E 216 -34.63 49.15 34.40
CA PRO E 216 -36.02 49.00 34.01
C PRO E 216 -36.53 50.18 33.21
N SER E 217 -37.73 50.02 32.67
CA SER E 217 -38.32 51.03 31.80
C SER E 217 -38.77 52.23 32.62
N GLN E 218 -38.04 53.34 32.51
CA GLN E 218 -38.44 54.60 33.13
C GLN E 218 -39.55 55.22 32.30
N ASP E 219 -40.66 55.59 32.96
CA ASP E 219 -41.81 56.19 32.31
C ASP E 219 -42.06 57.56 32.92
N VAL E 220 -42.03 58.59 32.09
CA VAL E 220 -42.27 59.97 32.52
C VAL E 220 -43.35 60.57 31.63
N THR E 221 -44.38 61.13 32.25
CA THR E 221 -45.50 61.69 31.51
C THR E 221 -45.24 63.14 31.12
N VAL E 222 -45.84 63.55 30.01
CA VAL E 222 -45.71 64.92 29.49
C VAL E 222 -47.11 65.46 29.24
N PRO E 223 -47.46 66.63 29.76
CA PRO E 223 -48.81 67.16 29.55
C PRO E 223 -48.95 67.78 28.17
N CYS E 224 -50.19 68.16 27.84
CA CYS E 224 -50.47 68.75 26.55
C CYS E 224 -51.05 70.16 26.73
N PRO E 225 -50.74 71.08 25.81
CA PRO E 225 -51.23 72.46 25.88
C PRO E 225 -52.75 72.56 25.82
N ASP F 1 -6.56 36.96 4.25
CA ASP F 1 -5.42 37.09 3.35
C ASP F 1 -5.87 37.44 1.93
N ILE F 2 -7.17 37.68 1.75
CA ILE F 2 -7.68 38.36 0.56
C ILE F 2 -8.42 39.61 1.03
N GLN F 3 -7.91 40.77 0.64
CA GLN F 3 -8.48 42.05 1.02
C GLN F 3 -9.43 42.54 -0.06
N MET F 4 -10.60 43.01 0.35
CA MET F 4 -11.58 43.56 -0.56
C MET F 4 -11.45 45.09 -0.56
N THR F 5 -11.09 45.65 -1.71
CA THR F 5 -10.93 47.09 -1.86
C THR F 5 -12.23 47.65 -2.43
N GLN F 6 -13.07 48.21 -1.56
CA GLN F 6 -14.35 48.77 -1.95
C GLN F 6 -14.21 50.23 -2.35
N SER F 7 -15.01 50.65 -3.34
CA SER F 7 -14.98 52.01 -3.82
C SER F 7 -16.29 52.33 -4.50
N PRO F 8 -16.82 53.55 -4.37
CA PRO F 8 -16.24 54.60 -3.54
C PRO F 8 -16.61 54.39 -2.08
N SER F 9 -16.00 55.17 -1.18
CA SER F 9 -16.33 55.01 0.23
C SER F 9 -17.58 55.78 0.62
N SER F 10 -17.99 56.77 -0.16
CA SER F 10 -19.27 57.44 0.03
C SER F 10 -19.68 58.09 -1.27
N LEU F 11 -20.99 58.25 -1.45
CA LEU F 11 -21.53 58.89 -2.64
C LEU F 11 -22.92 59.43 -2.32
N SER F 12 -23.37 60.35 -3.17
CA SER F 12 -24.69 60.96 -3.03
C SER F 12 -25.35 61.02 -4.39
N ALA F 13 -26.57 60.50 -4.48
CA ALA F 13 -27.30 60.43 -5.73
C ALA F 13 -28.77 60.75 -5.48
N SER F 14 -29.45 61.19 -6.55
CA SER F 14 -30.84 61.60 -6.46
C SER F 14 -31.76 60.39 -6.65
N VAL F 15 -33.04 60.60 -6.34
CA VAL F 15 -34.02 59.52 -6.44
C VAL F 15 -34.12 59.05 -7.88
N GLY F 16 -34.15 57.73 -8.07
CA GLY F 16 -34.17 57.14 -9.38
C GLY F 16 -32.83 57.04 -10.07
N ASP F 17 -31.78 57.61 -9.50
CA ASP F 17 -30.47 57.58 -10.14
C ASP F 17 -29.85 56.19 -10.04
N ARG F 18 -28.73 56.02 -10.75
CA ARG F 18 -28.03 54.75 -10.83
C ARG F 18 -26.79 54.81 -9.95
N VAL F 19 -26.79 54.05 -8.86
CA VAL F 19 -25.67 54.00 -7.94
C VAL F 19 -24.80 52.80 -8.32
N THR F 20 -23.49 53.04 -8.46
CA THR F 20 -22.55 52.02 -8.90
C THR F 20 -21.42 51.91 -7.90
N ILE F 21 -21.23 50.72 -7.33
CA ILE F 21 -20.19 50.45 -6.35
C ILE F 21 -19.33 49.30 -6.87
N THR F 22 -18.02 49.41 -6.67
CA THR F 22 -17.08 48.39 -7.13
C THR F 22 -16.30 47.82 -5.95
N CYS F 23 -15.91 46.55 -6.09
CA CYS F 23 -15.02 45.89 -5.15
C CYS F 23 -13.97 45.13 -5.92
N GLN F 24 -12.72 45.25 -5.50
CA GLN F 24 -11.60 44.54 -6.09
C GLN F 24 -11.03 43.57 -5.07
N ALA F 25 -10.90 42.31 -5.48
CA ALA F 25 -10.25 41.30 -4.65
C ALA F 25 -8.77 41.23 -5.01
N SER F 26 -7.93 41.11 -3.97
CA SER F 26 -6.50 41.00 -4.19
C SER F 26 -6.11 39.69 -4.86
N GLN F 27 -6.99 38.70 -4.83
CA GLN F 27 -6.76 37.43 -5.51
C GLN F 27 -8.05 37.02 -6.20
N ASP F 28 -7.91 36.19 -7.24
CA ASP F 28 -9.08 35.64 -7.93
C ASP F 28 -9.94 34.86 -6.94
N ILE F 29 -11.20 35.27 -6.81
CA ILE F 29 -12.12 34.63 -5.88
C ILE F 29 -13.33 34.12 -6.64
N ARG F 30 -13.16 33.85 -7.94
CA ARG F 30 -14.25 33.41 -8.81
C ARG F 30 -15.42 34.37 -8.69
N ASN F 31 -16.58 33.84 -8.26
CA ASN F 31 -17.74 34.66 -7.94
C ASN F 31 -18.10 34.57 -6.46
N TYR F 32 -17.15 34.15 -5.62
CA TYR F 32 -17.39 34.00 -4.17
C TYR F 32 -17.37 35.39 -3.53
N LEU F 33 -18.39 36.18 -3.88
CA LEU F 33 -18.45 37.58 -3.49
C LEU F 33 -19.91 37.94 -3.28
N ASN F 34 -20.22 38.50 -2.12
CA ASN F 34 -21.59 38.85 -1.75
C ASN F 34 -21.69 40.33 -1.42
N TRP F 35 -22.92 40.83 -1.39
CA TRP F 35 -23.19 42.24 -1.15
C TRP F 35 -24.25 42.38 -0.06
N TYR F 36 -23.98 43.24 0.92
CA TYR F 36 -24.89 43.47 2.03
C TYR F 36 -25.34 44.92 2.07
N GLN F 37 -26.59 45.13 2.44
CA GLN F 37 -27.12 46.46 2.74
C GLN F 37 -27.25 46.57 4.25
N GLN F 38 -26.77 47.69 4.81
CA GLN F 38 -26.85 47.92 6.25
C GLN F 38 -27.43 49.30 6.52
N ARG F 39 -28.71 49.33 6.89
CA ARG F 39 -29.30 50.55 7.40
C ARG F 39 -28.72 50.85 8.79
N PRO F 40 -28.71 52.13 9.19
CA PRO F 40 -28.09 52.48 10.47
C PRO F 40 -28.82 51.82 11.65
N GLY F 41 -28.03 51.23 12.55
CA GLY F 41 -28.60 50.57 13.71
C GLY F 41 -29.04 49.15 13.44
N LYS F 42 -29.62 48.92 12.27
CA LYS F 42 -30.09 47.60 11.91
C LYS F 42 -28.91 46.69 11.56
N ALA F 43 -29.20 45.39 11.48
CA ALA F 43 -28.20 44.41 11.11
C ALA F 43 -28.02 44.38 9.59
N PRO F 44 -26.82 44.05 9.12
CA PRO F 44 -26.61 43.94 7.67
C PRO F 44 -27.56 42.92 7.04
N LYS F 45 -28.02 43.24 5.84
CA LYS F 45 -29.00 42.42 5.12
C LYS F 45 -28.41 42.02 3.77
N LEU F 46 -28.54 40.73 3.44
CA LEU F 46 -27.98 40.23 2.20
C LEU F 46 -28.84 40.66 1.01
N LEU F 47 -28.19 41.25 0.02
CA LEU F 47 -28.86 41.64 -1.23
C LEU F 47 -28.43 40.79 -2.41
N ILE F 48 -27.12 40.55 -2.56
CA ILE F 48 -26.57 39.79 -3.67
C ILE F 48 -25.66 38.71 -3.11
N PHE F 49 -25.79 37.49 -3.62
CA PHE F 49 -24.87 36.42 -3.31
C PHE F 49 -24.29 35.88 -4.61
N ASP F 50 -23.07 35.35 -4.51
CA ASP F 50 -22.34 34.81 -5.66
C ASP F 50 -22.26 35.84 -6.79
N ALA F 51 -21.91 37.08 -6.42
CA ALA F 51 -21.59 38.16 -7.34
C ALA F 51 -22.77 38.69 -8.13
N SER F 52 -23.66 37.81 -8.59
CA SER F 52 -24.67 38.19 -9.58
C SER F 52 -26.09 37.75 -9.26
N ASN F 53 -26.33 37.13 -8.11
CA ASN F 53 -27.64 36.54 -7.82
C ASN F 53 -28.39 37.40 -6.81
N LEU F 54 -29.61 37.78 -7.17
CA LEU F 54 -30.47 38.56 -6.30
C LEU F 54 -31.10 37.66 -5.25
N GLU F 55 -30.89 37.99 -3.97
CA GLU F 55 -31.55 37.25 -2.91
C GLU F 55 -33.06 37.39 -3.03
N THR F 56 -33.78 36.34 -2.63
CA THR F 56 -35.23 36.34 -2.74
C THR F 56 -35.83 37.51 -1.97
N GLY F 57 -36.83 38.16 -2.56
CA GLY F 57 -37.46 39.31 -1.98
C GLY F 57 -36.75 40.63 -2.21
N VAL F 58 -35.49 40.60 -2.59
CA VAL F 58 -34.76 41.86 -2.84
C VAL F 58 -35.30 42.50 -4.11
N PRO F 59 -35.56 43.81 -4.11
CA PRO F 59 -36.10 44.45 -5.32
C PRO F 59 -35.16 44.32 -6.50
N SER F 60 -35.74 44.35 -7.70
CA SER F 60 -34.99 44.12 -8.93
C SER F 60 -34.04 45.26 -9.27
N ARG F 61 -34.17 46.42 -8.63
CA ARG F 61 -33.24 47.51 -8.90
C ARG F 61 -31.83 47.20 -8.42
N PHE F 62 -31.69 46.26 -7.49
CA PHE F 62 -30.38 45.83 -7.03
C PHE F 62 -29.83 44.75 -7.96
N SER F 63 -28.54 44.84 -8.26
CA SER F 63 -27.91 43.86 -9.13
C SER F 63 -26.41 43.85 -8.86
N GLY F 64 -25.77 42.75 -9.26
CA GLY F 64 -24.34 42.63 -9.16
C GLY F 64 -23.78 41.92 -10.36
N SER F 65 -22.48 42.08 -10.56
CA SER F 65 -21.81 41.42 -11.68
C SER F 65 -20.32 41.33 -11.36
N GLY F 66 -19.62 40.51 -12.16
CA GLY F 66 -18.19 40.37 -12.01
C GLY F 66 -17.75 38.95 -11.70
N SER F 67 -16.50 38.64 -12.01
CA SER F 67 -15.90 37.36 -11.68
C SER F 67 -14.39 37.55 -11.59
N GLY F 68 -13.77 36.76 -10.73
CA GLY F 68 -12.33 36.84 -10.55
C GLY F 68 -11.91 37.88 -9.53
N THR F 69 -11.62 39.09 -9.99
CA THR F 69 -11.09 40.14 -9.12
C THR F 69 -11.96 41.39 -9.06
N HIS F 70 -12.69 41.73 -10.13
CA HIS F 70 -13.39 43.00 -10.23
C HIS F 70 -14.89 42.77 -10.21
N PHE F 71 -15.56 43.33 -9.21
CA PHE F 71 -17.00 43.12 -9.03
C PHE F 71 -17.70 44.47 -8.95
N THR F 72 -18.99 44.45 -9.27
CA THR F 72 -19.78 45.67 -9.36
C THR F 72 -21.14 45.46 -8.71
N PHE F 73 -21.51 46.35 -7.79
CA PHE F 73 -22.83 46.39 -7.20
C PHE F 73 -23.58 47.61 -7.74
N THR F 74 -24.85 47.42 -8.08
CA THR F 74 -25.60 48.47 -8.76
C THR F 74 -27.02 48.55 -8.20
N ILE F 75 -27.45 49.78 -7.90
CA ILE F 75 -28.84 50.11 -7.69
C ILE F 75 -29.26 50.99 -8.87
N SER F 76 -30.11 50.45 -9.74
CA SER F 76 -30.43 51.15 -10.98
C SER F 76 -31.44 52.28 -10.78
N SER F 77 -32.23 52.25 -9.69
CA SER F 77 -33.24 53.27 -9.43
C SER F 77 -33.23 53.56 -7.93
N LEU F 78 -32.30 54.42 -7.50
CA LEU F 78 -32.12 54.69 -6.08
C LEU F 78 -33.41 55.23 -5.46
N GLN F 79 -33.86 54.58 -4.39
CA GLN F 79 -35.04 54.93 -3.63
C GLN F 79 -34.66 55.45 -2.25
N PRO F 80 -35.47 56.35 -1.67
CA PRO F 80 -35.12 56.91 -0.36
C PRO F 80 -34.84 55.87 0.71
N GLU F 81 -35.52 54.71 0.66
CA GLU F 81 -35.29 53.66 1.63
C GLU F 81 -33.98 52.92 1.39
N ASP F 82 -33.35 53.10 0.23
CA ASP F 82 -32.07 52.46 -0.06
C ASP F 82 -30.89 53.17 0.60
N ILE F 83 -31.14 54.25 1.33
CA ILE F 83 -30.05 55.01 1.97
C ILE F 83 -29.48 54.14 3.09
N ALA F 84 -28.23 53.70 2.91
CA ALA F 84 -27.59 52.78 3.84
C ALA F 84 -26.10 52.75 3.52
N THR F 85 -25.38 51.88 4.20
CA THR F 85 -23.98 51.59 3.89
C THR F 85 -23.90 50.17 3.30
N TYR F 86 -23.28 50.05 2.14
CA TYR F 86 -23.22 48.78 1.43
C TYR F 86 -21.83 48.17 1.55
N TYR F 87 -21.79 46.86 1.76
CA TYR F 87 -20.55 46.13 1.98
C TYR F 87 -20.49 44.95 1.03
N CYS F 88 -19.36 44.79 0.35
CA CYS F 88 -19.08 43.53 -0.31
C CYS F 88 -18.35 42.61 0.66
N GLN F 89 -18.44 41.31 0.38
CA GLN F 89 -17.85 40.32 1.27
C GLN F 89 -17.45 39.11 0.44
N GLN F 90 -16.17 38.79 0.43
CA GLN F 90 -15.66 37.61 -0.25
C GLN F 90 -15.66 36.43 0.72
N TYR F 91 -15.82 35.23 0.16
CA TYR F 91 -15.64 34.01 0.93
C TYR F 91 -14.71 33.03 0.22
N GLY F 92 -13.92 33.50 -0.74
CA GLY F 92 -12.93 32.65 -1.37
C GLY F 92 -11.89 32.14 -0.38
N GLU F 93 -11.55 32.96 0.60
CA GLU F 93 -10.62 32.59 1.67
C GLU F 93 -11.13 33.23 2.95
N LEU F 94 -11.66 32.41 3.86
CA LEU F 94 -12.21 32.88 5.13
C LEU F 94 -13.30 33.91 4.79
N ILE F 95 -13.42 35.00 5.56
CA ILE F 95 -14.41 36.04 5.31
C ILE F 95 -13.74 37.39 5.51
N THR F 96 -13.71 38.20 4.46
CA THR F 96 -13.31 39.60 4.58
C THR F 96 -14.34 40.48 3.88
N PHE F 97 -14.50 41.69 4.41
CA PHE F 97 -15.48 42.65 3.92
C PHE F 97 -14.79 43.81 3.22
N GLY F 98 -15.50 44.42 2.27
CA GLY F 98 -15.07 45.69 1.75
C GLY F 98 -15.19 46.78 2.80
N GLY F 99 -14.50 47.90 2.54
CA GLY F 99 -14.53 49.01 3.47
C GLY F 99 -15.91 49.60 3.69
N GLY F 100 -16.80 49.41 2.73
CA GLY F 100 -18.14 49.95 2.84
C GLY F 100 -18.32 51.20 1.99
N THR F 101 -19.55 51.41 1.54
CA THR F 101 -19.92 52.60 0.77
C THR F 101 -21.18 53.19 1.38
N ASN F 102 -21.04 54.37 1.99
CA ASN F 102 -22.20 55.10 2.50
C ASN F 102 -22.90 55.76 1.33
N VAL F 103 -24.14 55.35 1.06
CA VAL F 103 -24.94 55.90 -0.02
C VAL F 103 -25.95 56.87 0.58
N GLN F 104 -25.77 58.16 0.29
CA GLN F 104 -26.68 59.19 0.74
C GLN F 104 -27.53 59.67 -0.44
N MET F 105 -28.74 60.16 -0.13
CA MET F 105 -29.62 60.68 -1.14
C MET F 105 -29.46 62.20 -1.23
N LYS F 106 -29.25 62.69 -2.46
CA LYS F 106 -29.35 64.11 -2.73
C LYS F 106 -30.81 64.46 -3.01
N ARG F 107 -31.31 65.49 -2.35
CA ARG F 107 -32.66 65.97 -2.58
C ARG F 107 -32.63 67.49 -2.59
N THR F 108 -33.79 68.10 -2.84
CA THR F 108 -33.89 69.55 -2.86
C THR F 108 -33.68 70.11 -1.46
N VAL F 109 -33.19 71.35 -1.40
CA VAL F 109 -32.93 72.01 -0.12
C VAL F 109 -34.24 72.14 0.65
N ALA F 110 -34.18 71.83 1.95
CA ALA F 110 -35.34 71.92 2.83
C ALA F 110 -34.94 72.63 4.11
N ALA F 111 -35.66 73.70 4.45
CA ALA F 111 -35.35 74.46 5.64
C ALA F 111 -35.77 73.70 6.90
N PRO F 112 -35.03 73.84 7.99
CA PRO F 112 -35.40 73.14 9.22
C PRO F 112 -36.52 73.84 9.97
N SER F 113 -37.32 73.02 10.66
CA SER F 113 -38.28 73.51 11.64
C SER F 113 -37.61 73.50 13.01
N VAL F 114 -37.70 74.62 13.73
CA VAL F 114 -36.97 74.81 14.97
C VAL F 114 -37.96 74.87 16.13
N PHE F 115 -37.62 74.18 17.22
CA PHE F 115 -38.46 74.14 18.43
C PHE F 115 -37.56 74.25 19.65
N ILE F 116 -37.83 75.24 20.50
CA ILE F 116 -37.06 75.46 21.72
C ILE F 116 -37.83 74.93 22.91
N PHE F 117 -37.12 74.32 23.85
CA PHE F 117 -37.71 73.75 25.05
C PHE F 117 -36.95 74.25 26.27
N PRO F 118 -37.65 74.84 27.24
CA PRO F 118 -36.97 75.33 28.44
C PRO F 118 -36.72 74.20 29.42
N PRO F 119 -35.91 74.41 30.46
CA PRO F 119 -35.67 73.32 31.42
C PRO F 119 -36.91 73.06 32.26
N SER F 120 -37.17 71.78 32.50
CA SER F 120 -38.33 71.39 33.28
C SER F 120 -38.10 71.68 34.76
N ASP F 121 -39.19 71.92 35.48
CA ASP F 121 -39.09 72.07 36.93
C ASP F 121 -38.63 70.78 37.59
N GLU F 122 -38.94 69.63 36.98
CA GLU F 122 -38.36 68.38 37.44
C GLU F 122 -36.83 68.41 37.33
N GLN F 123 -36.31 68.94 36.21
CA GLN F 123 -34.87 69.07 36.07
C GLN F 123 -34.33 70.20 36.94
N LEU F 124 -35.06 71.32 37.01
CA LEU F 124 -34.63 72.41 37.87
C LEU F 124 -34.55 71.98 39.32
N LYS F 125 -35.45 71.09 39.75
CA LYS F 125 -35.34 70.54 41.10
C LYS F 125 -34.12 69.64 41.24
N SER F 126 -33.65 69.05 40.14
CA SER F 126 -32.48 68.19 40.15
C SER F 126 -31.16 68.96 40.22
N GLY F 127 -31.22 70.29 40.31
CA GLY F 127 -30.02 71.10 40.35
C GLY F 127 -29.41 71.42 39.01
N THR F 128 -29.86 70.79 37.93
CA THR F 128 -29.38 71.07 36.59
C THR F 128 -30.38 71.95 35.85
N ALA F 129 -29.97 72.38 34.66
CA ALA F 129 -30.84 73.17 33.80
C ALA F 129 -30.35 73.02 32.36
N SER F 130 -31.17 72.40 31.52
CA SER F 130 -30.82 72.16 30.13
C SER F 130 -31.89 72.77 29.22
N VAL F 131 -31.43 73.46 28.18
CA VAL F 131 -32.30 73.98 27.13
C VAL F 131 -32.09 73.14 25.88
N VAL F 132 -33.18 72.77 25.22
CA VAL F 132 -33.15 71.88 24.07
C VAL F 132 -33.70 72.62 22.87
N CYS F 133 -32.95 72.60 21.77
CA CYS F 133 -33.35 73.20 20.50
C CYS F 133 -33.39 72.09 19.46
N LEU F 134 -34.57 71.87 18.88
CA LEU F 134 -34.80 70.75 17.98
C LEU F 134 -35.00 71.25 16.55
N LEU F 135 -34.23 70.68 15.62
CA LEU F 135 -34.36 70.96 14.20
C LEU F 135 -35.04 69.77 13.54
N ASN F 136 -35.97 70.04 12.63
CA ASN F 136 -36.81 68.99 12.05
C ASN F 136 -36.74 69.05 10.53
N ASN F 137 -36.42 67.92 9.91
CA ASN F 137 -36.54 67.68 8.47
C ASN F 137 -35.92 68.81 7.65
N PHE F 138 -34.58 68.81 7.64
CA PHE F 138 -33.83 69.76 6.83
C PHE F 138 -32.85 69.03 5.94
N TYR F 139 -32.51 69.66 4.81
CA TYR F 139 -31.51 69.19 3.90
C TYR F 139 -30.88 70.41 3.25
N PRO F 140 -29.54 70.45 3.10
CA PRO F 140 -28.56 69.43 3.49
C PRO F 140 -28.28 69.31 4.99
N ARG F 141 -27.34 68.42 5.34
CA ARG F 141 -27.07 68.10 6.73
C ARG F 141 -26.42 69.27 7.46
N GLU F 142 -25.59 70.05 6.77
CA GLU F 142 -24.88 71.14 7.41
C GLU F 142 -25.86 72.14 8.02
N ALA F 143 -25.82 72.25 9.34
CA ALA F 143 -26.71 73.16 10.07
C ALA F 143 -26.00 73.63 11.32
N LYS F 144 -25.82 74.95 11.44
CA LYS F 144 -25.16 75.54 12.59
C LYS F 144 -26.21 75.95 13.61
N VAL F 145 -26.09 75.44 14.83
CA VAL F 145 -26.94 75.82 15.95
C VAL F 145 -26.04 76.44 17.01
N GLN F 146 -26.34 77.69 17.38
CA GLN F 146 -25.55 78.42 18.36
C GLN F 146 -26.45 78.90 19.49
N TRP F 147 -25.97 78.72 20.72
CA TRP F 147 -26.70 79.15 21.90
C TRP F 147 -26.23 80.54 22.30
N LYS F 148 -27.18 81.42 22.58
CA LYS F 148 -26.88 82.81 22.98
C LYS F 148 -27.65 83.10 24.26
N VAL F 149 -26.98 82.94 25.39
CA VAL F 149 -27.55 83.26 26.70
C VAL F 149 -27.33 84.75 26.94
N ASP F 150 -28.43 85.52 26.96
CA ASP F 150 -28.38 86.98 27.00
C ASP F 150 -27.55 87.52 25.85
N ASN F 151 -27.83 87.02 24.65
CA ASN F 151 -27.16 87.41 23.41
C ASN F 151 -25.65 87.20 23.45
N ALA F 152 -25.16 86.45 24.43
CA ALA F 152 -23.75 86.10 24.51
C ALA F 152 -23.56 84.70 23.95
N LEU F 153 -22.79 84.60 22.87
CA LEU F 153 -22.61 83.32 22.18
C LEU F 153 -22.00 82.29 23.12
N GLN F 154 -22.66 81.14 23.23
CA GLN F 154 -22.23 80.08 24.12
C GLN F 154 -21.35 79.09 23.39
N SER F 155 -20.32 78.61 24.09
CA SER F 155 -19.44 77.59 23.54
C SER F 155 -18.80 76.84 24.70
N GLY F 156 -18.85 75.51 24.66
CA GLY F 156 -18.32 74.68 25.70
C GLY F 156 -19.37 74.06 26.61
N ASN F 157 -20.64 74.46 26.48
CA ASN F 157 -21.72 73.93 27.29
C ASN F 157 -22.85 73.36 26.43
N SER F 158 -22.55 72.99 25.19
CA SER F 158 -23.54 72.49 24.25
C SER F 158 -23.21 71.06 23.86
N GLN F 159 -24.15 70.42 23.17
CA GLN F 159 -23.94 69.09 22.61
C GLN F 159 -24.95 68.88 21.50
N GLU F 160 -24.45 68.53 20.32
CA GLU F 160 -25.27 68.38 19.12
C GLU F 160 -25.41 66.91 18.75
N SER F 161 -26.54 66.59 18.12
CA SER F 161 -26.86 65.22 17.74
C SER F 161 -27.70 65.26 16.48
N VAL F 162 -27.27 64.56 15.44
CA VAL F 162 -27.92 64.58 14.13
C VAL F 162 -28.43 63.18 13.82
N THR F 163 -29.68 63.09 13.38
CA THR F 163 -30.24 61.81 12.98
C THR F 163 -29.63 61.36 11.66
N GLU F 164 -29.79 60.07 11.36
CA GLU F 164 -29.44 59.58 10.05
C GLU F 164 -30.48 60.04 9.03
N GLN F 165 -30.07 60.07 7.77
CA GLN F 165 -30.95 60.54 6.71
C GLN F 165 -32.25 59.75 6.71
N ASP F 166 -33.37 60.46 6.64
CA ASP F 166 -34.67 59.85 6.81
C ASP F 166 -35.01 58.95 5.63
N SER F 167 -35.40 57.70 5.93
N SER F 167 -35.42 57.71 5.92
CA SER F 167 -35.73 56.74 4.89
CA SER F 167 -35.72 56.74 4.87
C SER F 167 -36.95 57.12 4.07
C SER F 167 -36.93 57.15 4.05
N LYS F 168 -37.75 58.09 4.53
CA LYS F 168 -38.94 58.52 3.82
C LYS F 168 -38.70 59.74 2.94
N ASP F 169 -38.19 60.84 3.51
CA ASP F 169 -38.01 62.08 2.76
C ASP F 169 -36.56 62.54 2.69
N SER F 170 -35.61 61.70 3.10
CA SER F 170 -34.17 61.94 2.93
C SER F 170 -33.69 63.22 3.62
N THR F 171 -34.41 63.69 4.64
CA THR F 171 -34.00 64.88 5.37
C THR F 171 -33.28 64.49 6.65
N TYR F 172 -32.80 65.50 7.37
CA TYR F 172 -32.12 65.32 8.64
C TYR F 172 -32.84 66.10 9.72
N SER F 173 -32.65 65.66 10.96
CA SER F 173 -33.12 66.38 12.14
C SER F 173 -31.99 66.45 13.16
N LEU F 174 -32.03 67.49 13.99
CA LEU F 174 -30.92 67.79 14.89
C LEU F 174 -31.43 68.12 16.27
N SER F 175 -30.68 67.68 17.29
CA SER F 175 -30.95 68.00 18.68
C SER F 175 -29.72 68.67 19.27
N SER F 176 -29.89 69.90 19.77
CA SER F 176 -28.83 70.62 20.46
C SER F 176 -29.27 70.93 21.86
N THR F 177 -28.43 70.59 22.84
CA THR F 177 -28.77 70.72 24.25
C THR F 177 -27.73 71.60 24.94
N LEU F 178 -28.18 72.72 25.49
CA LEU F 178 -27.32 73.62 26.26
C LEU F 178 -27.56 73.33 27.75
N THR F 179 -26.54 72.81 28.43
CA THR F 179 -26.65 72.40 29.82
C THR F 179 -25.89 73.36 30.70
N LEU F 180 -26.55 73.88 31.73
CA LEU F 180 -25.94 74.73 32.74
C LEU F 180 -26.39 74.26 34.12
N SER F 181 -25.66 74.71 35.13
CA SER F 181 -26.11 74.51 36.50
C SER F 181 -27.36 75.35 36.74
N LYS F 182 -28.19 74.91 37.70
CA LYS F 182 -29.36 75.70 38.06
C LYS F 182 -28.95 77.06 38.60
N ALA F 183 -27.77 77.15 39.21
CA ALA F 183 -27.25 78.44 39.65
C ALA F 183 -26.94 79.34 38.46
N ASP F 184 -26.18 78.82 37.48
CA ASP F 184 -25.83 79.60 36.29
C ASP F 184 -27.05 79.88 35.43
N TYR F 185 -27.96 78.92 35.31
CA TYR F 185 -29.21 79.19 34.62
C TYR F 185 -29.91 80.38 35.23
N GLU F 186 -29.89 80.48 36.56
CA GLU F 186 -30.74 81.50 37.17
C GLU F 186 -30.07 82.86 37.23
N LYS F 187 -28.91 83.06 36.61
CA LYS F 187 -28.25 84.35 36.53
C LYS F 187 -28.62 85.15 35.27
N HIS F 188 -29.43 84.58 34.38
CA HIS F 188 -29.63 85.15 33.05
C HIS F 188 -31.10 85.13 32.68
N LYS F 189 -31.43 85.83 31.59
CA LYS F 189 -32.81 86.09 31.21
C LYS F 189 -33.17 85.46 29.87
N VAL F 190 -32.55 85.90 28.78
CA VAL F 190 -32.93 85.46 27.44
C VAL F 190 -32.10 84.25 27.05
N TYR F 191 -32.78 83.17 26.66
CA TYR F 191 -32.13 81.96 26.17
C TYR F 191 -32.62 81.70 24.76
N ALA F 192 -31.68 81.53 23.83
CA ALA F 192 -32.04 81.42 22.43
C ALA F 192 -31.05 80.50 21.72
N CYS F 193 -31.55 79.80 20.71
CA CYS F 193 -30.72 79.05 19.78
C CYS F 193 -30.86 79.68 18.40
N GLU F 194 -29.72 80.04 17.79
CA GLU F 194 -29.69 80.61 16.46
C GLU F 194 -29.38 79.50 15.46
N VAL F 195 -30.27 79.31 14.49
CA VAL F 195 -30.16 78.24 13.52
C VAL F 195 -29.82 78.85 12.17
N THR F 196 -28.65 78.48 11.62
CA THR F 196 -28.24 78.88 10.28
C THR F 196 -28.25 77.65 9.39
N HIS F 197 -28.86 77.77 8.22
CA HIS F 197 -29.00 76.65 7.31
C HIS F 197 -29.25 77.19 5.91
N GLN F 198 -28.85 76.41 4.91
CA GLN F 198 -28.96 76.85 3.52
C GLN F 198 -30.41 77.17 3.14
N GLY F 199 -31.37 76.43 3.68
CA GLY F 199 -32.77 76.69 3.41
C GLY F 199 -33.34 77.92 4.09
N LEU F 200 -32.51 78.69 4.79
CA LEU F 200 -32.95 79.88 5.52
C LEU F 200 -32.33 81.11 4.88
N SER F 201 -33.16 82.11 4.59
CA SER F 201 -32.66 83.36 4.04
C SER F 201 -31.68 84.02 5.01
N SER F 202 -32.08 84.16 6.26
CA SER F 202 -31.27 84.66 7.35
C SER F 202 -31.46 83.74 8.54
N PRO F 203 -30.52 83.74 9.50
CA PRO F 203 -30.63 82.81 10.63
C PRO F 203 -31.94 82.95 11.38
N VAL F 204 -32.40 81.83 11.92
CA VAL F 204 -33.65 81.73 12.66
C VAL F 204 -33.32 81.58 14.14
N THR F 205 -34.06 82.30 14.99
CA THR F 205 -33.84 82.28 16.43
C THR F 205 -35.14 81.95 17.14
N LYS F 206 -35.17 80.84 17.85
CA LYS F 206 -36.21 80.53 18.81
C LYS F 206 -35.70 80.92 20.20
N SER F 207 -36.45 81.76 20.89
CA SER F 207 -36.00 82.31 22.16
C SER F 207 -37.09 82.15 23.21
N PHE F 208 -36.67 82.29 24.46
CA PHE F 208 -37.59 82.25 25.62
C PHE F 208 -36.94 83.01 26.77
N ASN F 209 -37.77 83.68 27.57
CA ASN F 209 -37.29 84.42 28.77
C ASN F 209 -37.51 83.48 29.95
N ARG F 210 -36.50 83.29 30.79
CA ARG F 210 -36.60 82.36 31.94
C ARG F 210 -37.86 82.64 32.77
N GLY F 211 -38.61 81.58 33.05
CA GLY F 211 -39.82 81.64 33.90
C GLY F 211 -41.04 82.22 33.22
N GLU F 212 -40.98 82.53 31.93
CA GLU F 212 -42.16 83.14 31.27
C GLU F 212 -43.04 82.07 30.60
N CYS F 213 -42.79 80.79 30.90
CA CYS F 213 -43.63 79.70 30.36
C CYS F 213 -43.40 78.44 31.19
N LEU G 2 19.59 -28.95 -39.23
CA LEU G 2 19.27 -28.58 -37.86
C LEU G 2 20.55 -28.23 -37.09
N GLN G 3 20.66 -26.97 -36.68
CA GLN G 3 21.82 -26.48 -35.96
C GLN G 3 21.40 -25.78 -34.69
N LEU G 4 22.19 -25.96 -33.63
CA LEU G 4 21.96 -25.34 -32.33
C LEU G 4 23.20 -24.56 -31.93
N GLN G 5 23.01 -23.41 -31.31
CA GLN G 5 24.13 -22.53 -30.97
C GLN G 5 23.88 -21.84 -29.64
N GLU G 6 24.77 -22.04 -28.68
CA GLU G 6 24.67 -21.39 -27.38
C GLU G 6 25.27 -19.99 -27.44
N SER G 7 24.63 -19.05 -26.76
CA SER G 7 25.07 -17.66 -26.69
C SER G 7 25.17 -17.27 -25.21
N GLY G 8 26.22 -16.52 -24.87
CA GLY G 8 26.44 -16.08 -23.51
C GLY G 8 27.65 -15.18 -23.33
N PRO G 9 28.00 -14.92 -22.07
CA PRO G 9 29.06 -13.94 -21.79
C PRO G 9 30.49 -14.50 -21.72
N GLY G 10 30.63 -15.79 -21.39
CA GLY G 10 31.90 -16.42 -21.09
C GLY G 10 32.35 -16.18 -19.65
N LEU G 11 32.05 -15.01 -19.11
CA LEU G 11 32.44 -14.63 -17.76
C LEU G 11 31.22 -14.14 -17.00
N VAL G 12 31.09 -14.58 -15.75
CA VAL G 12 30.04 -14.11 -14.85
C VAL G 12 30.63 -14.01 -13.45
N LYS G 13 30.33 -12.92 -12.76
CA LYS G 13 30.88 -12.70 -11.44
C LYS G 13 30.24 -13.66 -10.43
N PRO G 14 31.00 -14.11 -9.44
CA PRO G 14 30.42 -14.98 -8.41
C PRO G 14 29.22 -14.32 -7.74
N SER G 15 28.27 -15.16 -7.33
CA SER G 15 27.00 -14.79 -6.71
C SER G 15 26.03 -14.11 -7.68
N GLU G 16 26.43 -13.84 -8.92
CA GLU G 16 25.55 -13.25 -9.91
C GLU G 16 24.81 -14.34 -10.66
N THR G 17 24.07 -13.98 -11.71
CA THR G 17 23.19 -14.90 -12.42
C THR G 17 23.70 -15.14 -13.83
N LEU G 18 24.13 -16.38 -14.09
CA LEU G 18 24.52 -16.81 -15.42
C LEU G 18 23.29 -16.88 -16.31
N SER G 19 23.41 -16.37 -17.54
CA SER G 19 22.32 -16.40 -18.51
C SER G 19 22.87 -16.81 -19.87
N LEU G 20 22.29 -17.87 -20.44
CA LEU G 20 22.70 -18.39 -21.73
C LEU G 20 21.48 -18.52 -22.62
N THR G 21 21.71 -18.57 -23.93
CA THR G 21 20.61 -18.66 -24.88
C THR G 21 21.02 -19.53 -26.07
N CYS G 22 20.16 -20.47 -26.43
CA CYS G 22 20.36 -21.34 -27.58
C CYS G 22 19.51 -20.87 -28.75
N SER G 23 20.13 -20.70 -29.91
CA SER G 23 19.44 -20.28 -31.13
C SER G 23 19.36 -21.48 -32.08
N VAL G 24 18.14 -21.92 -32.37
CA VAL G 24 17.90 -23.12 -33.16
C VAL G 24 17.52 -22.73 -34.57
N SER G 25 18.11 -23.42 -35.55
CA SER G 25 17.80 -23.24 -36.96
C SER G 25 17.50 -24.59 -37.58
N GLY G 26 16.52 -24.64 -38.47
CA GLY G 26 16.12 -25.84 -39.16
C GLY G 26 14.92 -26.54 -38.57
N GLU G 27 14.55 -26.23 -37.33
CA GLU G 27 13.41 -26.83 -36.67
C GLU G 27 12.76 -25.79 -35.78
N SER G 28 11.45 -25.95 -35.55
CA SER G 28 10.70 -25.07 -34.67
C SER G 28 10.62 -25.71 -33.28
N ILE G 29 11.04 -24.95 -32.27
CA ILE G 29 10.95 -25.38 -30.87
C ILE G 29 9.50 -25.36 -30.43
N SER G 30 8.61 -24.93 -31.32
CA SER G 30 7.17 -25.00 -31.11
C SER G 30 6.56 -26.30 -31.57
N ASN G 31 7.32 -27.12 -32.31
CA ASN G 31 6.84 -28.43 -32.73
C ASN G 31 6.67 -29.33 -31.52
N SER G 32 5.49 -29.93 -31.39
CA SER G 32 5.18 -30.83 -30.29
C SER G 32 6.01 -32.12 -30.31
N ALA G 33 6.82 -32.33 -31.34
CA ALA G 33 7.54 -33.59 -31.48
C ALA G 33 8.83 -33.64 -30.68
N TYR G 34 9.37 -32.49 -30.25
CA TYR G 34 10.68 -32.47 -29.63
C TYR G 34 10.68 -31.58 -28.40
N TYR G 35 11.57 -31.91 -27.47
CA TYR G 35 11.86 -31.11 -26.29
C TYR G 35 13.23 -30.48 -26.46
N TRP G 36 13.56 -29.57 -25.55
CA TRP G 36 14.79 -28.79 -25.67
C TRP G 36 15.38 -28.59 -24.28
N ALA G 37 16.66 -28.96 -24.13
CA ALA G 37 17.26 -29.10 -22.82
C ALA G 37 18.61 -28.38 -22.77
N TRP G 38 19.12 -28.26 -21.54
CA TRP G 38 20.42 -27.66 -21.26
C TRP G 38 21.26 -28.67 -20.50
N ILE G 39 22.47 -28.94 -21.01
CA ILE G 39 23.43 -29.82 -20.36
C ILE G 39 24.73 -29.04 -20.20
N ARG G 40 25.37 -29.20 -19.04
CA ARG G 40 26.63 -28.54 -18.76
C ARG G 40 27.68 -29.58 -18.40
N GLN G 41 28.94 -29.15 -18.43
CA GLN G 41 30.05 -30.03 -18.13
C GLN G 41 31.21 -29.23 -17.54
N PRO G 42 31.46 -29.36 -16.24
CA PRO G 42 32.64 -28.72 -15.67
C PRO G 42 33.90 -29.25 -16.35
N PRO G 43 34.96 -28.44 -16.37
CA PRO G 43 36.18 -28.87 -17.08
C PRO G 43 36.75 -30.16 -16.49
N GLY G 44 36.85 -31.18 -17.32
CA GLY G 44 37.37 -32.46 -16.88
C GLY G 44 36.47 -33.24 -15.96
N LYS G 45 35.18 -32.92 -15.92
CA LYS G 45 34.20 -33.63 -15.11
C LYS G 45 33.09 -34.16 -16.00
N ALA G 46 32.12 -34.83 -15.38
CA ALA G 46 31.08 -35.52 -16.12
C ALA G 46 30.02 -34.56 -16.63
N LEU G 47 29.31 -34.98 -17.66
CA LEU G 47 28.14 -34.25 -18.13
C LEU G 47 27.07 -34.22 -17.06
N GLU G 48 26.34 -33.11 -16.99
CA GLU G 48 25.23 -32.98 -16.06
C GLU G 48 24.08 -32.28 -16.78
N TRP G 49 22.98 -33.00 -16.95
CA TRP G 49 21.78 -32.40 -17.51
C TRP G 49 21.20 -31.40 -16.52
N ILE G 50 20.79 -30.24 -17.03
CA ILE G 50 20.31 -29.16 -16.17
C ILE G 50 18.79 -29.14 -16.16
N ALA G 51 18.19 -28.84 -17.30
CA ALA G 51 16.74 -28.70 -17.36
C ALA G 51 16.28 -28.90 -18.80
N THR G 52 15.00 -29.27 -18.93
CA THR G 52 14.36 -29.48 -20.22
C THR G 52 13.05 -28.71 -20.25
N VAL G 53 12.74 -28.11 -21.39
CA VAL G 53 11.54 -27.29 -21.54
C VAL G 53 10.79 -27.73 -22.79
N TYR G 54 9.46 -27.75 -22.68
CA TYR G 54 8.55 -28.07 -23.78
C TYR G 54 7.92 -26.78 -24.30
N TYR G 55 7.39 -26.86 -25.53
CA TYR G 55 6.75 -25.68 -26.11
C TYR G 55 5.54 -25.25 -25.30
N THR G 56 4.86 -26.20 -24.65
CA THR G 56 3.74 -25.89 -23.78
C THR G 56 4.15 -25.25 -22.47
N GLY G 57 5.44 -25.11 -22.21
CA GLY G 57 5.90 -24.67 -20.90
C GLY G 57 6.15 -25.80 -19.92
N ARG G 58 5.89 -27.05 -20.32
CA ARG G 58 6.26 -28.18 -19.49
C ARG G 58 7.76 -28.16 -19.21
N THR G 59 8.14 -28.49 -17.98
CA THR G 59 9.51 -28.28 -17.53
C THR G 59 9.99 -29.48 -16.71
N TYR G 60 11.20 -29.91 -17.00
CA TYR G 60 11.91 -30.91 -16.20
C TYR G 60 13.15 -30.25 -15.60
N HIS G 61 13.42 -30.55 -14.33
CA HIS G 61 14.50 -29.90 -13.59
C HIS G 61 15.40 -30.95 -12.96
N ASN G 62 16.71 -30.73 -13.07
CA ASN G 62 17.67 -31.46 -12.27
C ASN G 62 17.46 -31.12 -10.81
N PRO G 63 17.17 -32.08 -9.95
CA PRO G 63 16.87 -31.75 -8.54
C PRO G 63 18.01 -31.03 -7.83
N SER G 64 19.26 -31.30 -8.22
CA SER G 64 20.38 -30.62 -7.58
C SER G 64 20.39 -29.13 -7.89
N LEU G 65 19.85 -28.73 -9.04
CA LEU G 65 19.90 -27.35 -9.49
C LEU G 65 18.52 -26.71 -9.60
N LYS G 66 17.46 -27.41 -9.20
CA LYS G 66 16.10 -26.94 -9.50
C LYS G 66 15.82 -25.58 -8.87
N SER G 67 16.36 -25.31 -7.69
CA SER G 67 16.10 -24.04 -7.02
C SER G 67 16.87 -22.88 -7.63
N ARG G 68 17.90 -23.14 -8.43
CA ARG G 68 18.69 -22.10 -9.05
C ARG G 68 18.48 -22.00 -10.56
N VAL G 69 17.66 -22.86 -11.15
CA VAL G 69 17.51 -22.95 -12.60
C VAL G 69 16.21 -22.27 -13.00
N ALA G 70 16.24 -21.56 -14.12
CA ALA G 70 15.06 -20.94 -14.72
C ALA G 70 15.16 -21.12 -16.23
N ILE G 71 14.70 -22.27 -16.71
CA ILE G 71 14.71 -22.57 -18.14
C ILE G 71 13.46 -21.98 -18.77
N SER G 72 13.61 -21.37 -19.94
CA SER G 72 12.50 -20.71 -20.61
C SER G 72 12.62 -20.95 -22.11
N MET G 73 11.54 -20.61 -22.82
CA MET G 73 11.47 -20.76 -24.27
C MET G 73 10.88 -19.49 -24.87
N ASP G 74 11.53 -18.98 -25.90
CA ASP G 74 11.07 -17.81 -26.65
C ASP G 74 10.70 -18.31 -28.05
N THR G 75 9.46 -18.80 -28.19
CA THR G 75 9.03 -19.37 -29.45
C THR G 75 9.05 -18.36 -30.58
N SER G 76 8.97 -17.06 -30.27
CA SER G 76 9.05 -16.03 -31.31
C SER G 76 10.38 -16.09 -32.04
N LYS G 77 11.48 -15.82 -31.32
CA LYS G 77 12.81 -15.86 -31.90
C LYS G 77 13.35 -17.28 -32.07
N ASN G 78 12.53 -18.29 -31.80
CA ASN G 78 12.92 -19.70 -31.92
C ASN G 78 14.12 -20.03 -31.03
N GLN G 79 14.13 -19.46 -29.83
CA GLN G 79 15.20 -19.68 -28.86
C GLN G 79 14.63 -20.23 -27.56
N PHE G 80 15.47 -20.96 -26.84
CA PHE G 80 15.23 -21.29 -25.45
C PHE G 80 16.50 -20.98 -24.66
N SER G 81 16.31 -20.52 -23.42
CA SER G 81 17.41 -19.95 -22.66
C SER G 81 17.40 -20.51 -21.24
N LEU G 82 18.52 -20.29 -20.54
CA LEU G 82 18.72 -20.80 -19.20
C LEU G 82 19.22 -19.68 -18.30
N LYS G 83 18.80 -19.69 -17.04
CA LYS G 83 19.27 -18.73 -16.04
C LYS G 83 19.66 -19.50 -14.79
N LEU G 84 20.93 -19.43 -14.42
CA LEU G 84 21.46 -20.04 -13.21
C LEU G 84 21.87 -18.91 -12.27
N ARG G 85 21.15 -18.77 -11.16
CA ARG G 85 21.40 -17.69 -10.22
C ARG G 85 22.35 -18.14 -9.12
N SER G 86 23.06 -17.17 -8.54
CA SER G 86 24.03 -17.40 -7.47
C SER G 86 25.09 -18.41 -7.90
N VAL G 87 25.79 -18.07 -8.98
CA VAL G 87 26.81 -18.97 -9.52
C VAL G 87 28.04 -18.94 -8.62
N THR G 88 28.69 -20.10 -8.50
CA THR G 88 29.93 -20.22 -7.75
C THR G 88 31.01 -20.83 -8.62
N ALA G 89 32.16 -21.14 -8.03
CA ALA G 89 33.23 -21.77 -8.81
C ALA G 89 32.80 -23.12 -9.36
N ALA G 90 31.84 -23.77 -8.70
CA ALA G 90 31.34 -25.06 -9.18
C ALA G 90 30.45 -24.92 -10.41
N ASP G 91 30.07 -23.70 -10.80
CA ASP G 91 29.25 -23.48 -11.97
C ASP G 91 30.08 -23.16 -13.21
N THR G 92 31.40 -22.99 -13.07
CA THR G 92 32.28 -22.89 -14.22
C THR G 92 32.22 -24.18 -15.03
N ALA G 93 31.75 -24.09 -16.26
CA ALA G 93 31.52 -25.28 -17.08
C ALA G 93 31.26 -24.87 -18.51
N VAL G 94 31.33 -25.84 -19.40
CA VAL G 94 30.87 -25.70 -20.77
C VAL G 94 29.39 -26.09 -20.80
N TYR G 95 28.57 -25.25 -21.43
CA TYR G 95 27.13 -25.45 -21.42
C TYR G 95 26.66 -25.76 -22.83
N TYR G 96 26.00 -26.90 -22.99
CA TYR G 96 25.45 -27.34 -24.27
C TYR G 96 23.94 -27.20 -24.24
N CYS G 97 23.37 -26.78 -25.37
CA CYS G 97 21.93 -26.85 -25.60
C CYS G 97 21.66 -27.99 -26.58
N ALA G 98 20.64 -28.78 -26.30
CA ALA G 98 20.39 -29.99 -27.07
C ALA G 98 18.90 -30.17 -27.31
N ARG G 99 18.59 -30.96 -28.34
CA ARG G 99 17.24 -31.40 -28.62
C ARG G 99 17.05 -32.82 -28.11
N THR G 100 15.89 -33.09 -27.52
CA THR G 100 15.58 -34.40 -26.98
C THR G 100 14.14 -34.76 -27.32
N GLY G 101 13.71 -35.92 -26.82
CA GLY G 101 12.40 -36.45 -27.18
C GLY G 101 12.38 -36.89 -28.63
N ILE G 102 13.37 -37.69 -29.03
CA ILE G 102 13.57 -38.00 -30.43
C ILE G 102 12.57 -39.04 -30.91
N VAL G 103 12.39 -40.12 -30.16
CA VAL G 103 11.41 -41.15 -30.50
C VAL G 103 10.32 -41.29 -29.46
N VAL G 104 10.52 -40.82 -28.23
CA VAL G 104 9.55 -40.91 -27.15
C VAL G 104 8.82 -39.58 -27.04
N THR G 105 7.56 -39.64 -26.60
CA THR G 105 6.77 -38.43 -26.40
C THR G 105 7.23 -37.59 -25.21
N THR G 106 8.31 -37.98 -24.55
CA THR G 106 8.95 -37.22 -23.47
C THR G 106 10.45 -37.29 -23.68
N PRO G 107 11.27 -36.54 -22.96
CA PRO G 107 12.72 -36.58 -23.21
C PRO G 107 13.30 -37.99 -23.08
N ASP G 108 14.20 -38.32 -24.00
CA ASP G 108 14.87 -39.61 -24.00
C ASP G 108 16.38 -39.45 -24.09
N TRP G 109 16.88 -38.98 -25.24
CA TRP G 109 18.31 -38.73 -25.41
C TRP G 109 18.49 -37.44 -26.20
N PHE G 110 19.74 -37.01 -26.31
CA PHE G 110 20.07 -35.70 -26.85
C PHE G 110 20.72 -35.85 -28.23
N ASP G 111 20.05 -35.33 -29.26
CA ASP G 111 20.53 -35.35 -30.63
C ASP G 111 19.77 -34.32 -31.46
N PRO G 112 20.44 -33.29 -32.00
CA PRO G 112 21.88 -33.07 -31.85
C PRO G 112 22.21 -32.13 -30.70
N TRP G 113 23.46 -31.67 -30.65
CA TRP G 113 23.92 -30.76 -29.61
C TRP G 113 24.40 -29.45 -30.23
N GLY G 114 24.46 -28.43 -29.40
CA GLY G 114 25.20 -27.24 -29.74
C GLY G 114 26.68 -27.46 -29.56
N PRO G 115 27.48 -26.50 -30.05
CA PRO G 115 28.94 -26.65 -29.93
C PRO G 115 29.44 -26.60 -28.50
N GLY G 116 28.64 -26.04 -27.58
CA GLY G 116 29.10 -25.82 -26.23
C GLY G 116 29.55 -24.38 -26.04
N ALA G 117 29.29 -23.83 -24.86
CA ALA G 117 29.69 -22.45 -24.55
C ALA G 117 30.30 -22.45 -23.15
N LEU G 118 31.59 -22.12 -23.07
CA LEU G 118 32.27 -22.06 -21.79
C LEU G 118 31.85 -20.79 -21.05
N VAL G 119 31.44 -20.95 -19.80
CA VAL G 119 31.16 -19.84 -18.90
C VAL G 119 32.04 -20.00 -17.68
N THR G 120 32.89 -19.02 -17.43
CA THR G 120 33.78 -19.02 -16.27
C THR G 120 33.18 -18.14 -15.19
N VAL G 121 33.13 -18.66 -13.97
CA VAL G 121 32.66 -17.91 -12.81
C VAL G 121 33.90 -17.38 -12.11
N SER G 122 34.21 -16.11 -12.33
CA SER G 122 35.42 -15.51 -11.80
C SER G 122 35.18 -14.04 -11.50
N ALA G 123 35.91 -13.52 -10.53
CA ALA G 123 35.89 -12.09 -10.26
C ALA G 123 36.73 -11.30 -11.25
N ALA G 124 37.62 -11.96 -11.98
CA ALA G 124 38.55 -11.29 -12.87
C ALA G 124 37.85 -10.86 -14.16
N SER G 125 38.54 -10.02 -14.92
CA SER G 125 38.11 -9.51 -16.20
C SER G 125 38.92 -10.14 -17.33
N PRO G 126 38.40 -10.14 -18.56
CA PRO G 126 39.15 -10.73 -19.67
C PRO G 126 40.46 -9.98 -19.92
N THR G 127 41.51 -10.75 -20.22
CA THR G 127 42.83 -10.22 -20.55
C THR G 127 43.25 -10.79 -21.89
N SER G 128 43.53 -9.91 -22.84
CA SER G 128 43.97 -10.36 -24.16
C SER G 128 45.42 -10.84 -24.09
N PRO G 129 45.80 -11.76 -24.96
CA PRO G 129 47.15 -12.33 -24.89
C PRO G 129 48.19 -11.54 -25.67
N LYS G 130 49.41 -11.54 -25.14
CA LYS G 130 50.56 -11.02 -25.86
C LYS G 130 51.15 -12.14 -26.71
N VAL G 131 51.29 -11.88 -28.00
CA VAL G 131 51.71 -12.89 -28.97
C VAL G 131 53.08 -12.53 -29.52
N PHE G 132 54.02 -13.47 -29.42
CA PHE G 132 55.38 -13.27 -29.89
C PHE G 132 55.78 -14.38 -30.85
N PRO G 133 56.56 -14.07 -31.88
CA PRO G 133 57.08 -15.12 -32.75
C PRO G 133 58.26 -15.84 -32.10
N LEU G 134 58.35 -17.13 -32.36
CA LEU G 134 59.43 -17.96 -31.84
C LEU G 134 60.20 -18.59 -32.99
N SER G 135 61.50 -18.71 -32.82
CA SER G 135 62.37 -19.27 -33.83
C SER G 135 63.36 -20.23 -33.19
N LEU G 136 63.72 -21.28 -33.93
CA LEU G 136 64.65 -22.26 -33.42
C LEU G 136 66.05 -21.65 -33.28
N CYS G 137 66.80 -22.16 -32.30
CA CYS G 137 68.17 -21.71 -32.08
C CYS G 137 69.17 -22.74 -32.60
N GLN G 140 67.46 -26.90 -37.27
CA GLN G 140 66.33 -27.18 -38.16
C GLN G 140 66.38 -28.63 -38.64
N PRO G 141 65.32 -29.38 -38.37
CA PRO G 141 65.26 -30.77 -38.85
C PRO G 141 65.34 -30.81 -40.37
N ASP G 142 66.11 -31.78 -40.88
CA ASP G 142 66.44 -31.83 -42.29
C ASP G 142 65.18 -31.87 -43.15
N GLY G 143 65.12 -30.96 -44.13
CA GLY G 143 64.02 -30.87 -45.05
C GLY G 143 62.92 -29.92 -44.63
N ASN G 144 62.66 -29.79 -43.34
CA ASN G 144 61.58 -28.97 -42.82
C ASN G 144 62.12 -27.76 -42.04
N VAL G 145 61.20 -26.87 -41.68
CA VAL G 145 61.50 -25.71 -40.86
C VAL G 145 60.48 -25.68 -39.73
N VAL G 146 60.96 -25.58 -38.49
CA VAL G 146 60.11 -25.54 -37.32
C VAL G 146 60.11 -24.11 -36.79
N ILE G 147 58.96 -23.46 -36.86
CA ILE G 147 58.75 -22.15 -36.25
C ILE G 147 57.57 -22.28 -35.28
N ALA G 148 57.45 -21.28 -34.42
CA ALA G 148 56.38 -21.27 -33.43
C ALA G 148 56.04 -19.83 -33.08
N CYS G 149 54.91 -19.65 -32.39
CA CYS G 149 54.56 -18.35 -31.85
C CYS G 149 53.89 -18.55 -30.50
N LEU G 150 54.25 -17.70 -29.55
CA LEU G 150 53.84 -17.82 -28.16
C LEU G 150 52.61 -16.95 -27.89
N VAL G 151 51.68 -17.49 -27.11
CA VAL G 151 50.43 -16.82 -26.74
C VAL G 151 50.42 -16.73 -25.22
N GLN G 152 50.86 -15.61 -24.68
CA GLN G 152 51.12 -15.47 -23.25
C GLN G 152 50.05 -14.62 -22.58
N GLY G 153 49.69 -15.00 -21.35
CA GLY G 153 48.91 -14.15 -20.46
C GLY G 153 47.53 -13.77 -20.94
N PHE G 154 46.63 -14.74 -21.06
CA PHE G 154 45.25 -14.48 -21.45
C PHE G 154 44.30 -15.10 -20.44
N PHE G 155 43.07 -14.59 -20.44
CA PHE G 155 42.02 -15.09 -19.56
C PHE G 155 40.66 -14.68 -20.12
N PRO G 156 39.68 -15.60 -20.17
CA PRO G 156 39.77 -17.01 -19.78
C PRO G 156 40.53 -17.85 -20.81
N GLN G 157 40.79 -19.14 -20.50
CA GLN G 157 41.57 -19.98 -21.38
C GLN G 157 40.87 -20.30 -22.69
N GLU G 158 39.55 -20.20 -22.74
CA GLU G 158 38.79 -20.53 -23.92
C GLU G 158 37.71 -19.49 -24.15
N PRO G 159 37.33 -19.23 -25.40
CA PRO G 159 37.87 -19.86 -26.62
C PRO G 159 39.17 -19.21 -27.13
N LEU G 160 40.14 -20.05 -27.45
CA LEU G 160 41.40 -19.60 -28.03
C LEU G 160 41.74 -20.51 -29.20
N SER G 161 41.92 -19.92 -30.37
CA SER G 161 42.29 -20.66 -31.58
C SER G 161 43.44 -19.96 -32.27
N VAL G 162 44.35 -20.75 -32.85
CA VAL G 162 45.53 -20.21 -33.51
C VAL G 162 45.61 -20.80 -34.91
N THR G 163 45.64 -19.93 -35.92
CA THR G 163 45.79 -20.30 -37.32
C THR G 163 47.17 -19.87 -37.80
N TRP G 164 47.63 -20.51 -38.87
CA TRP G 164 48.90 -20.15 -39.50
C TRP G 164 48.67 -19.82 -40.97
N SER G 165 49.57 -18.97 -41.50
CA SER G 165 49.43 -18.50 -42.87
C SER G 165 49.59 -19.59 -43.92
N GLU G 166 50.23 -20.71 -43.56
CA GLU G 166 50.48 -21.80 -44.48
C GLU G 166 49.76 -23.06 -44.01
N SER G 167 49.18 -23.79 -44.96
CA SER G 167 48.54 -25.07 -44.71
C SER G 167 48.80 -25.97 -45.90
N GLY G 168 48.27 -27.19 -45.85
CA GLY G 168 48.39 -28.14 -46.94
C GLY G 168 49.37 -29.25 -46.64
N GLN G 169 49.92 -29.82 -47.71
CA GLN G 169 50.84 -30.94 -47.59
C GLN G 169 52.18 -30.48 -47.03
N GLY G 170 52.77 -31.32 -46.16
CA GLY G 170 53.99 -30.99 -45.48
C GLY G 170 53.85 -30.00 -44.34
N VAL G 171 52.73 -29.29 -44.26
CA VAL G 171 52.50 -28.29 -43.22
C VAL G 171 51.72 -28.95 -42.09
N THR G 172 52.27 -28.88 -40.87
CA THR G 172 51.67 -29.48 -39.70
C THR G 172 51.62 -28.45 -38.59
N ALA G 173 50.41 -28.02 -38.22
CA ALA G 173 50.23 -27.11 -37.12
C ALA G 173 49.94 -27.89 -35.85
N ARG G 174 50.69 -27.59 -34.79
CA ARG G 174 50.52 -28.22 -33.49
C ARG G 174 50.11 -27.16 -32.48
N ASN G 175 48.89 -27.28 -31.95
CA ASN G 175 48.40 -26.40 -30.92
C ASN G 175 48.33 -27.15 -29.59
N PHE G 176 48.63 -26.43 -28.51
CA PHE G 176 48.72 -27.04 -27.20
C PHE G 176 47.71 -26.41 -26.26
N PRO G 177 47.11 -27.17 -25.35
CA PRO G 177 46.12 -26.62 -24.43
C PRO G 177 46.72 -25.51 -23.58
N PRO G 178 45.94 -24.48 -23.26
CA PRO G 178 46.46 -23.42 -22.39
C PRO G 178 46.69 -23.94 -20.97
N SER G 179 47.71 -23.39 -20.32
CA SER G 179 48.09 -23.78 -18.98
C SER G 179 48.22 -22.55 -18.10
N GLN G 180 47.87 -22.72 -16.82
CA GLN G 180 47.92 -21.62 -15.88
C GLN G 180 49.36 -21.19 -15.63
N ASP G 181 49.62 -19.89 -15.72
CA ASP G 181 50.93 -19.37 -15.37
C ASP G 181 51.22 -19.64 -13.90
N ALA G 182 52.47 -19.96 -13.60
CA ALA G 182 52.89 -20.18 -12.22
C ALA G 182 52.55 -18.96 -11.37
N SER G 183 53.18 -17.83 -11.67
CA SER G 183 52.87 -16.58 -11.01
C SER G 183 51.72 -15.89 -11.76
N GLY G 184 50.69 -15.52 -11.01
CA GLY G 184 49.50 -14.90 -11.59
C GLY G 184 48.36 -15.89 -11.75
N ASP G 185 47.25 -15.36 -12.23
CA ASP G 185 46.05 -16.16 -12.51
C ASP G 185 45.70 -16.06 -13.99
N LEU G 186 46.72 -16.09 -14.85
CA LEU G 186 46.56 -15.99 -16.28
C LEU G 186 46.94 -17.32 -16.94
N TYR G 187 46.77 -17.37 -18.25
CA TYR G 187 46.97 -18.60 -19.02
C TYR G 187 48.00 -18.33 -20.11
N THR G 188 48.70 -19.40 -20.52
CA THR G 188 49.73 -19.29 -21.53
C THR G 188 49.77 -20.58 -22.34
N THR G 189 49.92 -20.42 -23.66
CA THR G 189 50.10 -21.57 -24.54
C THR G 189 50.94 -21.14 -25.74
N SER G 190 51.39 -22.13 -26.51
CA SER G 190 52.19 -21.90 -27.70
C SER G 190 51.62 -22.73 -28.84
N SER G 191 51.96 -22.31 -30.06
N SER G 191 51.96 -22.31 -30.06
CA SER G 191 51.51 -22.98 -31.28
CA SER G 191 51.51 -22.98 -31.28
C SER G 191 52.72 -23.23 -32.17
C SER G 191 52.72 -23.23 -32.17
N GLN G 192 52.84 -24.44 -32.68
CA GLN G 192 53.98 -24.85 -33.49
C GLN G 192 53.57 -25.11 -34.93
N LEU G 193 54.44 -24.74 -35.87
CA LEU G 193 54.22 -25.00 -37.28
C LEU G 193 55.47 -25.65 -37.87
N THR G 194 55.27 -26.79 -38.53
CA THR G 194 56.32 -27.48 -39.27
C THR G 194 55.94 -27.48 -40.74
N LEU G 195 56.87 -27.06 -41.59
CA LEU G 195 56.60 -26.93 -43.01
C LEU G 195 57.89 -27.21 -43.77
N PRO G 196 57.80 -27.64 -45.04
CA PRO G 196 59.01 -27.91 -45.81
C PRO G 196 59.89 -26.67 -45.92
N ALA G 197 61.20 -26.91 -46.03
CA ALA G 197 62.14 -25.81 -46.15
C ALA G 197 61.91 -25.02 -47.43
N THR G 198 61.40 -25.68 -48.48
CA THR G 198 61.13 -25.00 -49.74
C THR G 198 59.92 -24.08 -49.69
N GLN G 199 59.19 -24.06 -48.57
CA GLN G 199 58.05 -23.16 -48.41
C GLN G 199 58.27 -22.15 -47.29
N CYS G 200 59.50 -22.05 -46.76
CA CYS G 200 59.86 -21.10 -45.72
C CYS G 200 61.35 -20.78 -45.91
N LEU G 201 61.66 -20.04 -46.96
CA LEU G 201 63.02 -19.62 -47.24
C LEU G 201 63.26 -18.21 -46.70
N ALA G 202 64.54 -17.86 -46.57
CA ALA G 202 64.92 -16.61 -45.93
C ALA G 202 64.26 -15.42 -46.62
N GLY G 203 63.82 -14.46 -45.80
CA GLY G 203 63.08 -13.32 -46.31
C GLY G 203 61.59 -13.50 -46.19
N LYS G 204 61.10 -14.64 -46.66
CA LYS G 204 59.69 -14.97 -46.49
C LYS G 204 59.38 -15.17 -45.01
N SER G 205 58.10 -15.03 -44.67
CA SER G 205 57.66 -15.18 -43.30
C SER G 205 56.25 -15.73 -43.28
N VAL G 206 55.85 -16.23 -42.11
CA VAL G 206 54.54 -16.84 -41.91
C VAL G 206 53.84 -16.12 -40.78
N THR G 207 52.53 -15.93 -40.93
CA THR G 207 51.71 -15.27 -39.92
C THR G 207 50.99 -16.30 -39.09
N CYS G 208 50.97 -16.10 -37.76
CA CYS G 208 50.14 -16.88 -36.86
C CYS G 208 49.03 -15.97 -36.34
N HIS G 209 47.79 -16.39 -36.55
CA HIS G 209 46.62 -15.61 -36.17
C HIS G 209 46.04 -16.17 -34.87
N VAL G 210 45.85 -15.29 -33.88
CA VAL G 210 45.38 -15.69 -32.56
C VAL G 210 44.06 -14.97 -32.28
N LYS G 211 43.02 -15.73 -32.03
CA LYS G 211 41.70 -15.21 -31.68
C LYS G 211 41.34 -15.69 -30.28
N HIS G 212 41.01 -14.75 -29.40
CA HIS G 212 40.74 -15.08 -28.00
C HIS G 212 39.49 -14.35 -27.52
N TYR G 213 38.61 -15.08 -26.86
CA TYR G 213 37.40 -14.54 -26.22
C TYR G 213 36.56 -13.84 -27.29
N THR G 214 36.02 -12.66 -27.00
CA THR G 214 35.28 -11.88 -27.98
C THR G 214 36.13 -10.80 -28.63
N ASN G 215 37.40 -10.69 -28.23
CA ASN G 215 38.31 -9.69 -28.77
C ASN G 215 38.70 -10.05 -30.20
N PRO G 216 39.17 -9.08 -30.99
CA PRO G 216 39.46 -9.37 -32.40
C PRO G 216 40.74 -10.19 -32.55
N SER G 217 40.92 -10.71 -33.75
CA SER G 217 42.06 -11.59 -34.00
C SER G 217 43.37 -10.79 -34.01
N GLN G 218 44.38 -11.34 -33.35
CA GLN G 218 45.73 -10.82 -33.42
C GLN G 218 46.51 -11.56 -34.50
N ASP G 219 47.40 -10.85 -35.18
CA ASP G 219 48.19 -11.41 -36.25
C ASP G 219 49.65 -11.03 -36.06
N VAL G 220 50.52 -12.03 -35.92
CA VAL G 220 51.94 -11.83 -35.72
C VAL G 220 52.69 -12.65 -36.76
N THR G 221 53.66 -12.02 -37.42
CA THR G 221 54.46 -12.69 -38.44
C THR G 221 55.67 -13.36 -37.79
N VAL G 222 55.98 -14.57 -38.25
CA VAL G 222 57.09 -15.35 -37.75
C VAL G 222 58.07 -15.56 -38.90
N PRO G 223 59.34 -15.19 -38.76
CA PRO G 223 60.27 -15.27 -39.88
C PRO G 223 60.82 -16.68 -40.07
N CYS G 224 61.05 -17.03 -41.34
CA CYS G 224 61.80 -18.22 -41.66
C CYS G 224 63.25 -18.03 -41.27
N PRO G 225 64.01 -19.12 -41.09
CA PRO G 225 65.44 -19.01 -40.74
C PRO G 225 66.24 -18.19 -41.74
N ASP H 1 15.30 -40.74 -7.80
CA ASP H 1 16.56 -40.39 -8.46
C ASP H 1 17.39 -41.64 -8.71
N ILE H 2 18.04 -41.68 -9.87
CA ILE H 2 18.77 -42.86 -10.33
C ILE H 2 20.20 -42.48 -10.63
N GLN H 3 21.14 -43.11 -9.95
CA GLN H 3 22.56 -42.87 -10.15
C GLN H 3 23.15 -43.91 -11.08
N MET H 4 23.97 -43.47 -12.03
CA MET H 4 24.68 -44.35 -12.94
C MET H 4 26.13 -44.45 -12.49
N THR H 5 26.56 -45.67 -12.16
CA THR H 5 27.94 -45.93 -11.74
C THR H 5 28.70 -46.51 -12.93
N GLN H 6 29.55 -45.69 -13.53
CA GLN H 6 30.28 -46.05 -14.74
C GLN H 6 31.67 -46.56 -14.37
N SER H 7 32.02 -47.72 -14.92
CA SER H 7 33.34 -48.31 -14.72
C SER H 7 33.80 -48.91 -16.05
N PRO H 8 35.10 -48.82 -16.36
CA PRO H 8 36.12 -48.16 -15.55
C PRO H 8 36.13 -46.65 -15.73
N SER H 9 36.96 -45.94 -14.95
CA SER H 9 37.11 -44.51 -15.16
C SER H 9 38.02 -44.20 -16.33
N SER H 10 39.03 -45.03 -16.55
CA SER H 10 39.92 -44.89 -17.69
C SER H 10 40.33 -46.27 -18.16
N LEU H 11 40.52 -46.42 -19.46
CA LEU H 11 40.98 -47.67 -20.04
C LEU H 11 41.89 -47.36 -21.22
N SER H 12 42.82 -48.27 -21.48
CA SER H 12 43.71 -48.17 -22.62
C SER H 12 43.84 -49.54 -23.27
N ALA H 13 43.85 -49.56 -24.60
CA ALA H 13 43.95 -50.81 -25.34
C ALA H 13 44.65 -50.55 -26.67
N SER H 14 45.15 -51.64 -27.26
CA SER H 14 45.83 -51.57 -28.53
C SER H 14 44.82 -51.53 -29.67
N VAL H 15 45.30 -51.21 -30.87
CA VAL H 15 44.43 -51.10 -32.02
C VAL H 15 43.83 -52.46 -32.33
N GLY H 16 42.53 -52.48 -32.61
CA GLY H 16 41.80 -53.71 -32.85
C GLY H 16 41.38 -54.46 -31.60
N ASP H 17 41.79 -54.01 -30.41
CA ASP H 17 41.41 -54.68 -29.18
C ASP H 17 39.93 -54.45 -28.87
N ARG H 18 39.43 -55.21 -27.91
CA ARG H 18 38.05 -55.14 -27.46
C ARG H 18 38.02 -54.47 -26.09
N VAL H 19 37.26 -53.38 -25.98
CA VAL H 19 37.10 -52.68 -24.72
C VAL H 19 35.64 -52.70 -24.32
N THR H 20 35.39 -52.75 -23.01
CA THR H 20 34.04 -52.85 -22.47
C THR H 20 33.88 -51.87 -21.33
N ILE H 21 32.85 -51.03 -21.41
CA ILE H 21 32.47 -50.12 -20.35
C ILE H 21 31.14 -50.58 -19.77
N THR H 22 31.04 -50.60 -18.45
CA THR H 22 29.84 -51.05 -17.76
C THR H 22 29.26 -49.90 -16.93
N CYS H 23 27.96 -49.69 -17.07
CA CYS H 23 27.23 -48.73 -16.25
C CYS H 23 26.18 -49.49 -15.46
N GLN H 24 26.14 -49.28 -14.15
CA GLN H 24 25.14 -49.89 -13.29
C GLN H 24 24.18 -48.80 -12.80
N ALA H 25 22.89 -48.98 -13.11
CA ALA H 25 21.87 -48.05 -12.66
C ALA H 25 21.41 -48.42 -11.26
N SER H 26 21.24 -47.41 -10.41
CA SER H 26 20.84 -47.68 -9.02
C SER H 26 19.43 -48.24 -8.94
N GLN H 27 18.60 -47.97 -9.94
CA GLN H 27 17.26 -48.53 -10.02
C GLN H 27 17.03 -49.08 -11.42
N ASP H 28 16.01 -49.93 -11.54
CA ASP H 28 15.66 -50.50 -12.84
C ASP H 28 15.23 -49.38 -13.79
N ILE H 29 15.85 -49.35 -14.97
CA ILE H 29 15.55 -48.32 -15.95
C ILE H 29 15.24 -48.97 -17.30
N ARG H 30 14.93 -50.27 -17.27
CA ARG H 30 14.56 -51.04 -18.47
C ARG H 30 15.69 -50.90 -19.48
N ASN H 31 15.40 -50.50 -20.72
CA ASN H 31 16.43 -50.25 -21.72
C ASN H 31 16.67 -48.76 -21.93
N TYR H 32 16.13 -47.91 -21.07
CA TYR H 32 16.23 -46.45 -21.22
C TYR H 32 17.64 -45.96 -20.88
N LEU H 33 18.61 -46.45 -21.65
CA LEU H 33 20.02 -46.19 -21.38
C LEU H 33 20.73 -45.93 -22.70
N ASN H 34 21.45 -44.81 -22.77
CA ASN H 34 22.08 -44.38 -24.00
C ASN H 34 23.57 -44.14 -23.75
N TRP H 35 24.35 -44.17 -24.83
CA TRP H 35 25.80 -44.02 -24.75
C TRP H 35 26.25 -42.90 -25.67
N TYR H 36 27.14 -42.06 -25.15
CA TYR H 36 27.66 -40.91 -25.88
C TYR H 36 29.17 -41.00 -26.01
N GLN H 37 29.68 -40.61 -27.16
CA GLN H 37 31.11 -40.47 -27.40
C GLN H 37 31.43 -38.98 -27.48
N GLN H 38 32.33 -38.52 -26.60
CA GLN H 38 32.73 -37.12 -26.56
C GLN H 38 34.23 -37.04 -26.84
N ARG H 39 34.59 -36.53 -28.00
CA ARG H 39 35.97 -36.17 -28.28
C ARG H 39 36.26 -34.79 -27.69
N PRO H 40 37.52 -34.53 -27.32
CA PRO H 40 37.84 -33.30 -26.57
C PRO H 40 37.49 -32.04 -27.35
N GLY H 41 36.93 -31.06 -26.63
CA GLY H 41 36.47 -29.83 -27.23
C GLY H 41 35.20 -29.94 -28.04
N LYS H 42 34.81 -31.15 -28.44
CA LYS H 42 33.60 -31.36 -29.22
C LYS H 42 32.41 -31.66 -28.29
N ALA H 43 31.22 -31.46 -28.82
CA ALA H 43 30.01 -31.86 -28.09
C ALA H 43 29.87 -33.38 -28.14
N PRO H 44 29.34 -33.98 -27.06
CA PRO H 44 29.15 -35.44 -27.07
C PRO H 44 28.23 -35.89 -28.19
N LYS H 45 28.45 -37.11 -28.64
CA LYS H 45 27.80 -37.66 -29.83
C LYS H 45 27.13 -38.97 -29.47
N LEU H 46 25.82 -39.06 -29.72
CA LEU H 46 25.08 -40.28 -29.41
C LEU H 46 25.55 -41.42 -30.32
N LEU H 47 26.03 -42.49 -29.70
CA LEU H 47 26.44 -43.69 -30.43
C LEU H 47 25.43 -44.82 -30.31
N ILE H 48 24.87 -45.03 -29.12
CA ILE H 48 23.92 -46.11 -28.87
C ILE H 48 22.77 -45.52 -28.07
N PHE H 49 21.55 -45.80 -28.51
CA PHE H 49 20.34 -45.41 -27.81
C PHE H 49 19.56 -46.66 -27.43
N ASP H 50 18.86 -46.57 -26.30
CA ASP H 50 18.06 -47.68 -25.78
C ASP H 50 18.90 -48.94 -25.61
N ALA H 51 20.03 -48.77 -24.93
CA ALA H 51 20.89 -49.84 -24.43
C ALA H 51 21.68 -50.56 -25.51
N SER H 52 21.04 -51.00 -26.61
CA SER H 52 21.67 -51.96 -27.50
C SER H 52 21.71 -51.55 -28.97
N ASN H 53 21.35 -50.33 -29.34
CA ASN H 53 20.97 -50.04 -30.71
C ASN H 53 21.76 -48.87 -31.26
N LEU H 54 22.40 -49.11 -32.39
CA LEU H 54 23.41 -48.24 -32.97
C LEU H 54 22.73 -47.09 -33.69
N GLU H 55 23.08 -45.86 -33.31
CA GLU H 55 22.60 -44.70 -34.04
C GLU H 55 23.05 -44.80 -35.50
N THR H 56 22.25 -44.23 -36.39
CA THR H 56 22.52 -44.31 -37.82
C THR H 56 23.90 -43.73 -38.15
N GLY H 57 24.66 -44.47 -38.95
CA GLY H 57 25.98 -44.05 -39.36
C GLY H 57 27.11 -44.45 -38.43
N VAL H 58 26.81 -45.02 -37.27
CA VAL H 58 27.82 -45.37 -36.29
C VAL H 58 28.50 -46.67 -36.72
N PRO H 59 29.83 -46.76 -36.62
CA PRO H 59 30.51 -48.00 -37.04
C PRO H 59 30.05 -49.20 -36.22
N SER H 60 30.01 -50.36 -36.87
CA SER H 60 29.47 -51.57 -36.26
C SER H 60 30.31 -52.07 -35.09
N ARG H 61 31.56 -51.58 -34.95
CA ARG H 61 32.38 -51.99 -33.84
C ARG H 61 31.82 -51.52 -32.49
N PHE H 62 30.96 -50.51 -32.51
CA PHE H 62 30.27 -50.09 -31.29
C PHE H 62 29.02 -50.94 -31.09
N SER H 63 28.72 -51.23 -29.83
CA SER H 63 27.57 -52.05 -29.49
C SER H 63 27.26 -51.87 -28.02
N GLY H 64 26.00 -52.15 -27.67
CA GLY H 64 25.57 -52.09 -26.29
C GLY H 64 24.66 -53.25 -25.97
N SER H 65 24.52 -53.51 -24.67
CA SER H 65 23.63 -54.57 -24.21
C SER H 65 23.27 -54.29 -22.76
N GLY H 66 22.11 -54.78 -22.36
CA GLY H 66 21.66 -54.64 -20.99
C GLY H 66 20.21 -54.21 -20.89
N SER H 67 19.59 -54.57 -19.77
CA SER H 67 18.21 -54.18 -19.49
C SER H 67 17.99 -54.35 -17.99
N GLY H 68 17.55 -53.28 -17.33
CA GLY H 68 17.38 -53.32 -15.90
C GLY H 68 18.34 -52.41 -15.17
N THR H 69 19.46 -52.97 -14.70
CA THR H 69 20.41 -52.19 -13.92
C THR H 69 21.83 -52.29 -14.48
N HIS H 70 22.19 -53.43 -15.05
CA HIS H 70 23.54 -53.64 -15.57
C HIS H 70 23.55 -53.42 -17.07
N PHE H 71 24.43 -52.53 -17.54
CA PHE H 71 24.50 -52.17 -18.94
C PHE H 71 25.95 -52.22 -19.41
N THR H 72 26.13 -52.45 -20.71
CA THR H 72 27.43 -52.70 -21.29
C THR H 72 27.59 -51.87 -22.57
N PHE H 73 28.75 -51.24 -22.72
CA PHE H 73 29.15 -50.56 -23.94
C PHE H 73 30.48 -51.16 -24.39
N THR H 74 30.54 -51.62 -25.64
CA THR H 74 31.69 -52.36 -26.12
C THR H 74 32.13 -51.84 -27.48
N ILE H 75 33.43 -51.57 -27.61
CA ILE H 75 34.08 -51.36 -28.89
C ILE H 75 34.84 -52.64 -29.21
N SER H 76 34.38 -53.37 -30.23
CA SER H 76 34.94 -54.68 -30.52
C SER H 76 36.29 -54.62 -31.23
N SER H 77 36.59 -53.52 -31.92
CA SER H 77 37.85 -53.37 -32.66
C SER H 77 38.30 -51.91 -32.49
N LEU H 78 38.99 -51.64 -31.38
CA LEU H 78 39.33 -50.28 -31.02
C LEU H 78 40.19 -49.62 -32.11
N GLN H 79 39.73 -48.47 -32.60
CA GLN H 79 40.43 -47.68 -33.58
C GLN H 79 40.94 -46.38 -32.94
N PRO H 80 41.99 -45.79 -33.50
CA PRO H 80 42.54 -44.56 -32.89
C PRO H 80 41.54 -43.40 -32.87
N GLU H 81 40.57 -43.39 -33.77
CA GLU H 81 39.56 -42.34 -33.76
C GLU H 81 38.54 -42.53 -32.64
N ASP H 82 38.57 -43.67 -31.94
CA ASP H 82 37.71 -43.87 -30.78
C ASP H 82 38.30 -43.29 -29.51
N ILE H 83 39.46 -42.63 -29.60
CA ILE H 83 40.03 -41.90 -28.46
C ILE H 83 39.03 -40.81 -28.07
N ALA H 84 38.34 -41.01 -26.95
CA ALA H 84 37.31 -40.09 -26.51
C ALA H 84 36.96 -40.43 -25.07
N THR H 85 36.02 -39.67 -24.53
CA THR H 85 35.38 -39.96 -23.26
C THR H 85 33.96 -40.43 -23.54
N TYR H 86 33.56 -41.55 -22.93
CA TYR H 86 32.27 -42.15 -23.20
C TYR H 86 31.40 -42.07 -21.95
N TYR H 87 30.15 -41.66 -22.14
CA TYR H 87 29.21 -41.47 -21.05
C TYR H 87 27.96 -42.30 -21.31
N CYS H 88 27.47 -42.97 -20.28
CA CYS H 88 26.13 -43.53 -20.32
C CYS H 88 25.14 -42.51 -19.77
N GLN H 89 23.90 -42.60 -20.22
CA GLN H 89 22.87 -41.65 -19.81
C GLN H 89 21.54 -42.37 -19.74
N GLN H 90 20.89 -42.32 -18.59
CA GLN H 90 19.59 -42.95 -18.38
C GLN H 90 18.47 -41.92 -18.49
N TYR H 91 17.27 -42.40 -18.79
CA TYR H 91 16.09 -41.54 -18.75
C TYR H 91 14.88 -42.31 -18.23
N GLY H 92 15.12 -43.23 -17.30
CA GLY H 92 14.01 -43.84 -16.58
C GLY H 92 13.34 -42.87 -15.62
N GLU H 93 14.13 -42.00 -14.99
CA GLU H 93 13.62 -40.92 -14.16
C GLU H 93 14.50 -39.70 -14.41
N LEU H 94 13.98 -38.71 -15.12
CA LEU H 94 14.73 -37.50 -15.48
C LEU H 94 15.98 -37.94 -16.25
N ILE H 95 17.08 -37.19 -16.13
CA ILE H 95 18.30 -37.46 -16.88
C ILE H 95 19.49 -37.41 -15.92
N THR H 96 20.25 -38.50 -15.86
CA THR H 96 21.54 -38.52 -15.20
C THR H 96 22.56 -39.19 -16.10
N PHE H 97 23.83 -38.92 -15.84
CA PHE H 97 24.94 -39.46 -16.60
C PHE H 97 25.81 -40.34 -15.72
N GLY H 98 26.58 -41.21 -16.36
CA GLY H 98 27.64 -41.90 -15.67
C GLY H 98 28.83 -40.99 -15.45
N GLY H 99 29.78 -41.47 -14.64
CA GLY H 99 30.96 -40.68 -14.34
C GLY H 99 31.81 -40.41 -15.56
N GLY H 100 31.72 -41.26 -16.57
CA GLY H 100 32.50 -41.11 -17.77
C GLY H 100 33.71 -42.03 -17.78
N THR H 101 34.08 -42.48 -18.97
CA THR H 101 35.24 -43.35 -19.15
C THR H 101 36.12 -42.76 -20.23
N ASN H 102 37.37 -42.47 -19.87
CA ASN H 102 38.37 -42.01 -20.82
C ASN H 102 38.99 -43.20 -21.52
N VAL H 103 38.95 -43.20 -22.86
CA VAL H 103 39.48 -44.30 -23.65
C VAL H 103 40.75 -43.81 -24.32
N GLN H 104 41.88 -44.38 -23.92
CA GLN H 104 43.17 -44.08 -24.53
C GLN H 104 43.65 -45.28 -25.32
N MET H 105 44.64 -45.04 -26.19
CA MET H 105 45.17 -46.07 -27.06
C MET H 105 46.59 -46.43 -26.65
N LYS H 106 46.88 -47.72 -26.64
CA LYS H 106 48.24 -48.21 -26.48
C LYS H 106 48.88 -48.37 -27.86
N ARG H 107 50.14 -47.95 -27.97
CA ARG H 107 50.85 -48.03 -29.23
C ARG H 107 52.33 -48.26 -28.97
N THR H 108 53.09 -48.29 -30.05
CA THR H 108 54.54 -48.43 -29.98
C THR H 108 55.14 -47.27 -29.21
N VAL H 109 56.22 -47.55 -28.46
CA VAL H 109 56.94 -46.48 -27.78
C VAL H 109 57.46 -45.50 -28.83
N ALA H 110 57.28 -44.21 -28.55
CA ALA H 110 57.62 -43.16 -29.50
C ALA H 110 58.43 -42.09 -28.78
N ALA H 111 59.64 -41.84 -29.27
CA ALA H 111 60.51 -40.86 -28.63
C ALA H 111 60.03 -39.45 -28.96
N PRO H 112 60.06 -38.53 -27.99
CA PRO H 112 59.67 -37.15 -28.27
C PRO H 112 60.74 -36.40 -29.04
N SER H 113 60.30 -35.66 -30.06
CA SER H 113 61.16 -34.71 -30.76
C SER H 113 61.11 -33.39 -30.00
N VAL H 114 62.26 -32.96 -29.50
CA VAL H 114 62.34 -31.80 -28.62
C VAL H 114 62.86 -30.60 -29.41
N PHE H 115 62.20 -29.46 -29.22
CA PHE H 115 62.62 -28.19 -29.79
C PHE H 115 62.59 -27.14 -28.70
N ILE H 116 63.71 -26.46 -28.50
CA ILE H 116 63.81 -25.37 -27.53
C ILE H 116 63.77 -24.05 -28.30
N PHE H 117 63.06 -23.07 -27.74
CA PHE H 117 62.90 -21.77 -28.38
C PHE H 117 63.36 -20.70 -27.40
N PRO H 118 64.37 -19.90 -27.74
CA PRO H 118 64.77 -18.80 -26.88
C PRO H 118 63.69 -17.73 -26.85
N PRO H 119 63.64 -16.91 -25.80
CA PRO H 119 62.63 -15.85 -25.76
C PRO H 119 62.79 -14.90 -26.93
N SER H 120 61.66 -14.46 -27.47
CA SER H 120 61.69 -13.56 -28.63
C SER H 120 62.34 -12.24 -28.26
N ASP H 121 62.85 -11.55 -29.29
CA ASP H 121 63.30 -10.18 -29.09
C ASP H 121 62.14 -9.28 -28.70
N GLU H 122 60.94 -9.56 -29.23
CA GLU H 122 59.77 -8.75 -28.91
C GLU H 122 59.35 -8.95 -27.46
N GLN H 123 59.37 -10.18 -26.97
CA GLN H 123 59.00 -10.42 -25.57
C GLN H 123 60.02 -9.80 -24.62
N LEU H 124 61.30 -9.84 -25.00
CA LEU H 124 62.30 -9.16 -24.19
C LEU H 124 62.02 -7.66 -24.13
N LYS H 125 61.67 -7.04 -25.26
CA LYS H 125 61.29 -5.64 -25.22
C LYS H 125 60.15 -5.39 -24.25
N SER H 126 59.31 -6.40 -24.00
CA SER H 126 58.14 -6.27 -23.13
C SER H 126 58.46 -6.49 -21.66
N GLY H 127 59.70 -6.83 -21.31
CA GLY H 127 60.09 -6.97 -19.92
C GLY H 127 59.94 -8.35 -19.33
N THR H 128 59.72 -9.37 -20.15
CA THR H 128 59.59 -10.74 -19.66
C THR H 128 60.32 -11.68 -20.61
N ALA H 129 60.71 -12.83 -20.07
CA ALA H 129 61.43 -13.83 -20.85
C ALA H 129 60.77 -15.19 -20.63
N SER H 130 60.43 -15.86 -21.72
CA SER H 130 59.82 -17.19 -21.67
C SER H 130 60.56 -18.11 -22.63
N VAL H 131 61.18 -19.14 -22.08
CA VAL H 131 61.82 -20.18 -22.88
C VAL H 131 60.82 -21.31 -23.09
N VAL H 132 60.60 -21.67 -24.35
CA VAL H 132 59.59 -22.65 -24.71
C VAL H 132 60.29 -23.93 -25.19
N CYS H 133 59.99 -25.04 -24.51
CA CYS H 133 60.51 -26.35 -24.85
C CYS H 133 59.34 -27.21 -25.31
N LEU H 134 59.37 -27.63 -26.57
CA LEU H 134 58.26 -28.34 -27.19
C LEU H 134 58.63 -29.80 -27.43
N LEU H 135 57.77 -30.70 -26.97
CA LEU H 135 57.90 -32.14 -27.19
C LEU H 135 56.82 -32.58 -28.17
N ASN H 136 57.21 -33.34 -29.19
CA ASN H 136 56.33 -33.67 -30.30
C ASN H 136 56.20 -35.17 -30.48
N ASN H 137 54.95 -35.65 -30.48
CA ASN H 137 54.58 -36.98 -30.98
C ASN H 137 55.37 -38.09 -30.27
N PHE H 138 55.10 -38.22 -28.97
CA PHE H 138 55.71 -39.26 -28.17
C PHE H 138 54.64 -40.15 -27.55
N TYR H 139 55.07 -41.34 -27.13
CA TYR H 139 54.24 -42.26 -26.37
C TYR H 139 55.16 -43.11 -25.51
N PRO H 140 54.83 -43.38 -24.25
CA PRO H 140 53.58 -42.99 -23.58
C PRO H 140 53.50 -41.53 -23.13
N ARG H 141 52.42 -41.21 -22.41
CA ARG H 141 52.17 -39.82 -22.02
C ARG H 141 53.17 -39.32 -20.99
N GLU H 142 53.74 -40.23 -20.19
CA GLU H 142 54.64 -39.84 -19.10
C GLU H 142 55.91 -39.23 -19.68
N ALA H 143 56.11 -37.95 -19.44
CA ALA H 143 57.33 -37.25 -19.85
C ALA H 143 57.63 -36.15 -18.84
N LYS H 144 58.90 -36.02 -18.49
CA LYS H 144 59.35 -35.03 -17.51
C LYS H 144 60.23 -34.00 -18.18
N VAL H 145 59.90 -32.73 -17.99
CA VAL H 145 60.67 -31.61 -18.50
C VAL H 145 61.24 -30.86 -17.30
N GLN H 146 62.56 -30.96 -17.12
CA GLN H 146 63.26 -30.22 -16.08
C GLN H 146 64.05 -29.09 -16.72
N TRP H 147 63.96 -27.90 -16.13
CA TRP H 147 64.63 -26.72 -16.63
C TRP H 147 65.94 -26.50 -15.89
N LYS H 148 66.97 -26.12 -16.64
CA LYS H 148 68.30 -25.87 -16.08
C LYS H 148 68.71 -24.45 -16.42
N VAL H 149 68.97 -23.64 -15.41
CA VAL H 149 69.46 -22.28 -15.56
C VAL H 149 70.91 -22.28 -15.12
N ASP H 150 71.82 -22.32 -16.08
CA ASP H 150 73.27 -22.41 -15.83
C ASP H 150 73.58 -23.58 -14.91
N ASN H 151 73.10 -24.76 -15.30
CA ASN H 151 73.26 -26.01 -14.56
C ASN H 151 72.60 -25.97 -13.19
N ALA H 152 71.59 -25.12 -12.99
CA ALA H 152 70.84 -25.06 -11.75
C ALA H 152 69.38 -25.42 -12.03
N LEU H 153 68.88 -26.42 -11.30
CA LEU H 153 67.52 -26.88 -11.50
C LEU H 153 66.51 -25.78 -11.17
N GLN H 154 65.34 -25.88 -11.79
CA GLN H 154 64.28 -24.89 -11.61
C GLN H 154 63.07 -25.53 -10.97
N SER H 155 62.31 -24.71 -10.23
CA SER H 155 61.08 -25.17 -9.60
C SER H 155 60.23 -23.95 -9.27
N GLY H 156 58.98 -23.96 -9.74
CA GLY H 156 58.04 -22.90 -9.45
C GLY H 156 57.93 -21.83 -10.51
N ASN H 157 58.71 -21.90 -11.59
CA ASN H 157 58.66 -20.89 -12.64
C ASN H 157 58.37 -21.48 -14.02
N SER H 158 57.88 -22.71 -14.08
CA SER H 158 57.56 -23.36 -15.35
C SER H 158 56.08 -23.71 -15.39
N GLN H 159 55.63 -24.13 -16.57
CA GLN H 159 54.24 -24.54 -16.77
C GLN H 159 54.19 -25.52 -17.93
N GLU H 160 53.48 -26.63 -17.72
CA GLU H 160 53.36 -27.69 -18.72
C GLU H 160 51.95 -27.76 -19.28
N SER H 161 51.84 -28.35 -20.46
CA SER H 161 50.56 -28.54 -21.11
C SER H 161 50.69 -29.70 -22.09
N VAL H 162 49.84 -30.71 -21.94
CA VAL H 162 49.87 -31.90 -22.78
C VAL H 162 48.66 -31.89 -23.70
N THR H 163 48.88 -32.20 -24.97
CA THR H 163 47.79 -32.33 -25.91
C THR H 163 46.98 -33.58 -25.60
N GLU H 164 45.84 -33.70 -26.27
CA GLU H 164 45.09 -34.95 -26.24
C GLU H 164 45.72 -35.93 -27.22
N GLN H 165 45.51 -37.22 -26.96
CA GLN H 165 46.10 -38.25 -27.79
C GLN H 165 45.60 -38.12 -29.23
N ASP H 166 46.53 -37.92 -30.16
CA ASP H 166 46.18 -37.73 -31.56
C ASP H 166 45.43 -38.93 -32.09
N SER H 167 44.32 -38.68 -32.79
CA SER H 167 43.58 -39.75 -33.43
C SER H 167 44.32 -40.31 -34.64
N LYS H 168 45.38 -39.64 -35.10
CA LYS H 168 46.10 -40.06 -36.29
C LYS H 168 47.19 -41.09 -35.96
N ASP H 169 48.07 -40.77 -35.00
CA ASP H 169 49.16 -41.67 -34.65
C ASP H 169 49.19 -42.04 -33.17
N SER H 170 48.16 -41.67 -32.41
CA SER H 170 48.01 -42.05 -31.01
C SER H 170 49.18 -41.59 -30.15
N THR H 171 49.79 -40.46 -30.52
CA THR H 171 50.90 -39.89 -29.76
C THR H 171 50.45 -38.66 -28.99
N TYR H 172 51.32 -38.21 -28.10
CA TYR H 172 51.11 -36.99 -27.33
C TYR H 172 52.16 -35.95 -27.70
N SER H 173 51.81 -34.70 -27.49
CA SER H 173 52.75 -33.59 -27.62
C SER H 173 52.63 -32.70 -26.39
N LEU H 174 53.75 -32.14 -25.95
CA LEU H 174 53.80 -31.39 -24.71
C LEU H 174 54.41 -30.02 -24.96
N SER H 175 53.98 -29.04 -24.17
N SER H 175 53.98 -29.04 -24.18
CA SER H 175 54.50 -27.68 -24.24
CA SER H 175 54.51 -27.68 -24.23
C SER H 175 54.84 -27.23 -22.82
C SER H 175 54.85 -27.25 -22.82
N SER H 176 56.12 -26.96 -22.58
CA SER H 176 56.61 -26.49 -21.28
C SER H 176 57.25 -25.13 -21.46
N THR H 177 56.71 -24.12 -20.79
CA THR H 177 57.19 -22.75 -20.88
C THR H 177 57.83 -22.34 -19.56
N LEU H 178 59.07 -21.88 -19.62
CA LEU H 178 59.79 -21.36 -18.45
C LEU H 178 59.71 -19.84 -18.48
N THR H 179 58.90 -19.27 -17.59
CA THR H 179 58.71 -17.83 -17.51
C THR H 179 59.61 -17.25 -16.42
N LEU H 180 60.49 -16.33 -16.82
CA LEU H 180 61.28 -15.55 -15.89
C LEU H 180 61.10 -14.08 -16.21
N SER H 181 61.58 -13.22 -15.33
CA SER H 181 61.66 -11.80 -15.64
C SER H 181 62.77 -11.57 -16.66
N LYS H 182 62.74 -10.39 -17.28
CA LYS H 182 63.87 -10.02 -18.13
C LYS H 182 65.12 -9.76 -17.31
N ALA H 183 64.95 -9.35 -16.05
CA ALA H 183 66.10 -9.14 -15.18
C ALA H 183 66.78 -10.46 -14.84
N ASP H 184 66.00 -11.44 -14.38
CA ASP H 184 66.56 -12.75 -14.08
C ASP H 184 67.15 -13.40 -15.32
N TYR H 185 66.48 -13.25 -16.46
CA TYR H 185 66.96 -13.86 -17.69
C TYR H 185 68.30 -13.28 -18.12
N GLU H 186 68.56 -12.03 -17.78
CA GLU H 186 69.81 -11.37 -18.16
C GLU H 186 70.94 -11.60 -17.17
N LYS H 187 70.73 -12.46 -16.17
CA LYS H 187 71.78 -12.79 -15.20
C LYS H 187 72.35 -14.19 -15.42
N HIS H 188 72.04 -14.83 -16.56
CA HIS H 188 72.46 -16.20 -16.79
C HIS H 188 72.76 -16.40 -18.27
N LYS H 189 73.48 -17.48 -18.58
CA LYS H 189 73.98 -17.73 -19.92
C LYS H 189 73.35 -18.98 -20.55
N VAL H 190 73.48 -20.13 -19.92
CA VAL H 190 73.04 -21.40 -20.50
C VAL H 190 71.63 -21.72 -20.00
N TYR H 191 70.70 -21.89 -20.93
CA TYR H 191 69.32 -22.28 -20.63
C TYR H 191 69.03 -23.59 -21.33
N ALA H 192 68.50 -24.56 -20.58
CA ALA H 192 68.29 -25.90 -21.11
C ALA H 192 67.04 -26.52 -20.49
N CYS H 193 66.33 -27.31 -21.29
CA CYS H 193 65.28 -28.18 -20.81
C CYS H 193 65.75 -29.63 -20.98
N GLU H 194 65.71 -30.39 -19.90
CA GLU H 194 66.04 -31.81 -19.95
C GLU H 194 64.74 -32.61 -20.06
N VAL H 195 64.71 -33.54 -21.00
CA VAL H 195 63.51 -34.33 -21.30
C VAL H 195 63.82 -35.78 -20.98
N THR H 196 63.16 -36.32 -19.96
CA THR H 196 63.25 -37.72 -19.63
C THR H 196 61.98 -38.42 -20.11
N HIS H 197 62.15 -39.46 -20.92
CA HIS H 197 61.01 -40.19 -21.48
C HIS H 197 61.41 -41.65 -21.62
N GLN H 198 60.40 -42.53 -21.55
CA GLN H 198 60.65 -43.96 -21.67
C GLN H 198 61.34 -44.30 -22.99
N GLY H 199 60.99 -43.58 -24.06
CA GLY H 199 61.58 -43.80 -25.35
C GLY H 199 62.95 -43.20 -25.57
N LEU H 200 63.54 -42.59 -24.55
CA LEU H 200 64.84 -41.96 -24.63
C LEU H 200 65.81 -42.75 -23.75
N SER H 201 66.92 -43.22 -24.35
CA SER H 201 67.89 -44.00 -23.61
C SER H 201 68.44 -43.21 -22.42
N SER H 202 68.91 -42.00 -22.67
CA SER H 202 69.33 -41.07 -21.64
C SER H 202 68.53 -39.78 -21.74
N PRO H 203 68.27 -39.10 -20.62
CA PRO H 203 67.56 -37.82 -20.68
C PRO H 203 68.19 -36.85 -21.67
N VAL H 204 67.41 -36.42 -22.67
CA VAL H 204 67.91 -35.56 -23.73
C VAL H 204 67.85 -34.11 -23.26
N THR H 205 68.95 -33.39 -23.44
CA THR H 205 69.06 -31.99 -23.04
C THR H 205 69.13 -31.13 -24.29
N LYS H 206 68.18 -30.20 -24.41
CA LYS H 206 68.18 -29.19 -25.47
C LYS H 206 68.50 -27.85 -24.82
N SER H 207 69.58 -27.21 -25.25
CA SER H 207 70.10 -26.02 -24.60
C SER H 207 70.40 -24.94 -25.62
N PHE H 208 70.69 -23.75 -25.08
CA PHE H 208 71.14 -22.61 -25.89
C PHE H 208 71.86 -21.64 -24.97
N ASN H 209 72.72 -20.81 -25.57
CA ASN H 209 73.41 -19.75 -24.85
C ASN H 209 72.73 -18.42 -25.19
N ARG H 210 72.34 -17.69 -24.16
CA ARG H 210 71.71 -16.38 -24.32
C ARG H 210 72.56 -15.46 -25.18
N GLY H 211 72.09 -15.13 -26.39
CA GLY H 211 72.82 -14.23 -27.25
C GLY H 211 73.32 -14.87 -28.52
N GLU H 212 73.80 -16.11 -28.42
CA GLU H 212 74.34 -16.85 -29.57
C GLU H 212 73.25 -17.51 -30.41
N CYS H 213 72.14 -16.82 -30.63
CA CYS H 213 71.01 -17.40 -31.36
C CYS H 213 70.77 -16.64 -32.67
N LYS I 1 9.38 -53.37 -13.22
CA LYS I 1 8.98 -52.29 -12.31
C LYS I 1 8.69 -50.96 -13.03
N PRO I 2 9.62 -50.44 -13.83
CA PRO I 2 9.39 -49.13 -14.45
C PRO I 2 8.28 -49.19 -15.49
N LYS I 3 7.72 -48.01 -15.77
CA LYS I 3 6.66 -47.90 -16.76
C LYS I 3 7.26 -47.65 -18.15
N HIS I 4 6.48 -48.01 -19.17
CA HIS I 4 6.93 -47.88 -20.55
C HIS I 4 6.52 -46.51 -21.10
N LYS I 5 7.52 -45.73 -21.50
CA LYS I 5 7.26 -44.43 -22.10
C LYS I 5 6.60 -44.61 -23.46
N LYS I 6 5.69 -43.70 -23.80
CA LYS I 6 4.99 -43.77 -25.07
C LYS I 6 5.87 -43.29 -26.21
N LEU I 7 5.72 -43.92 -27.38
CA LEU I 7 6.48 -43.57 -28.56
C LEU I 7 5.64 -42.66 -29.47
N LYS I 8 6.34 -41.83 -30.24
CA LYS I 8 5.69 -40.95 -31.20
C LYS I 8 5.36 -41.70 -32.49
N LYS J 1 -6.43 29.29 -11.23
CA LYS J 1 -5.79 28.94 -9.97
C LYS J 1 -6.77 28.54 -8.85
N PRO J 2 -7.81 29.33 -8.59
CA PRO J 2 -8.73 28.98 -7.48
C PRO J 2 -9.56 27.76 -7.80
N LYS J 3 -9.72 26.90 -6.80
CA LYS J 3 -10.54 25.70 -6.94
C LYS J 3 -12.01 26.04 -6.76
N HIS J 4 -12.86 25.07 -7.10
CA HIS J 4 -14.31 25.21 -6.96
C HIS J 4 -14.73 24.69 -5.59
N LYS J 5 -15.39 25.56 -4.81
CA LYS J 5 -15.90 25.12 -3.52
C LYS J 5 -17.08 24.17 -3.71
N LYS J 6 -17.30 23.33 -2.70
CA LYS J 6 -18.31 22.30 -2.78
C LYS J 6 -19.66 22.82 -2.30
N LEU J 7 -20.71 22.44 -3.00
CA LEU J 7 -22.07 22.84 -2.68
C LEU J 7 -22.80 21.70 -1.97
N LYS J 8 -23.76 22.06 -1.13
CA LYS J 8 -24.48 21.09 -0.33
C LYS J 8 -25.52 20.33 -1.16
#